data_8TGU
#
_entry.id   8TGU
#
_cell.length_a   1.00
_cell.length_b   1.00
_cell.length_c   1.00
_cell.angle_alpha   90.00
_cell.angle_beta   90.00
_cell.angle_gamma   90.00
#
_symmetry.space_group_name_H-M   'P 1'
#
loop_
_entity.id
_entity.type
_entity.pdbx_description
1 polymer 'HIV-1 Envelope glycoprotein BG505 SOSIP'
2 branched 2-acetamido-2-deoxy-beta-D-glucopyranose-(1-4)-2-acetamido-2-deoxy-beta-D-glucopyranose
3 branched beta-D-mannopyranose-(1-4)-2-acetamido-2-deoxy-beta-D-glucopyranose-(1-4)-2-acetamido-2-deoxy-beta-D-glucopyranose
4 branched beta-D-mannopyranose-(1-4)-2-acetamido-2-deoxy-beta-D-glucopyranose
5 non-polymer 2-acetamido-2-deoxy-beta-D-glucopyranose
#
_entity_poly.entity_id   1
_entity_poly.type   'polypeptide(L)'
_entity_poly.pdbx_seq_one_letter_code
;LWVTVYYGVPVWKDAETTLFCASDAKAYETEKHNVWATHACVPTDPNPQEIHLENVTEEFNMWKNNMVEQMHTDIISLWD
QSLKPCVKLTPLCVTLQCTNVTNNITDDMRGELKNCSFNMTTELRDKKQKVYSLFYRLDVVQINENQGNRSNNSNKEYRL
INCNTSACTQACPKVSFEPIPIHYCAPAGFAILKCKDKKFNGTGPCPSVSTVQCTHGIKPVVSTQLLLNGSLAEEEVMIR
SENITNNAKNILVQFNTPVQINCTRPNNNTRKSIRIGPGQAFYATGDIIGDIRQAHCNVSKATWNETLGKVVKQLRKHFG
NNTIIRFANSSGGDLEVTTHSFNCGGEFFYCNTSGLFNSTWISNTSVQGSNSTGSNDSITLPCRIKQIINMWQRIGQCMY
APPIQGVIRCVSNITGLILTRDGGSTNSTTETFRPGGGDMRDNWRSELYKYKVVKIEPLGVAPTRCKRRVVGRRRRRRAV
GIGAVFLGFLGAAGSTMGAASMTLTVQARNLLSGIVQQQSNLLRAPEAQQHLLKLTVWGIKQLQARVLAVERYLRDQQLL
GIWGCSGKLICCTNVPWNSSWSNRNLSEIWDNMTWLQWDKEISNYTQIIYGLLEESQNQQEKNEQDLLALD
;
_entity_poly.pdbx_strand_id   A,B,C
#
# COMPACT_ATOMS: atom_id res chain seq x y z
N LEU A 1 33.89 -33.18 -24.79
CA LEU A 1 32.97 -32.02 -24.74
C LEU A 1 32.77 -31.57 -23.30
N TRP A 2 32.72 -30.25 -23.09
CA TRP A 2 32.59 -29.66 -21.78
C TRP A 2 31.42 -28.69 -21.76
N VAL A 3 30.74 -28.60 -20.62
CA VAL A 3 29.62 -27.70 -20.46
C VAL A 3 30.10 -26.26 -20.59
N THR A 4 29.28 -25.40 -21.20
CA THR A 4 29.51 -23.98 -21.26
C THR A 4 28.21 -23.25 -20.98
N VAL A 5 28.30 -22.16 -20.21
CA VAL A 5 27.14 -21.41 -19.76
C VAL A 5 26.99 -20.18 -20.64
N TYR A 6 25.81 -20.02 -21.24
CA TYR A 6 25.45 -18.85 -22.02
C TYR A 6 24.42 -18.03 -21.27
N TYR A 7 24.60 -16.70 -21.25
CA TYR A 7 23.69 -15.78 -20.60
C TYR A 7 23.03 -14.91 -21.65
N GLY A 8 21.70 -15.04 -21.78
CA GLY A 8 20.93 -14.22 -22.68
C GLY A 8 20.53 -14.92 -23.96
N VAL A 9 20.14 -16.19 -23.86
CA VAL A 9 19.65 -16.94 -25.02
C VAL A 9 18.19 -16.58 -25.26
N PRO A 10 17.60 -16.90 -26.41
CA PRO A 10 16.20 -16.52 -26.67
C PRO A 10 15.17 -17.40 -25.98
N VAL A 11 15.52 -18.23 -25.01
CA VAL A 11 14.58 -19.17 -24.42
C VAL A 11 13.53 -18.42 -23.62
N TRP A 12 12.28 -18.88 -23.72
CA TRP A 12 11.20 -18.43 -22.85
C TRP A 12 10.32 -19.61 -22.51
N LYS A 13 9.35 -19.38 -21.64
CA LYS A 13 8.33 -20.38 -21.33
C LYS A 13 7.13 -19.70 -20.72
N ASP A 14 5.99 -20.37 -20.79
CA ASP A 14 4.72 -19.78 -20.37
C ASP A 14 4.74 -19.47 -18.87
N ALA A 15 4.08 -18.38 -18.51
CA ALA A 15 4.03 -17.94 -17.12
C ALA A 15 2.87 -16.99 -16.93
N GLU A 16 2.55 -16.74 -15.66
CA GLU A 16 1.54 -15.77 -15.26
C GLU A 16 2.17 -14.78 -14.29
N THR A 17 1.90 -13.50 -14.47
CA THR A 17 2.49 -12.44 -13.66
C THR A 17 1.47 -11.35 -13.46
N THR A 18 1.93 -10.20 -12.96
CA THR A 18 1.09 -9.03 -12.72
C THR A 18 1.44 -7.96 -13.76
N LEU A 19 0.42 -7.43 -14.42
CA LEU A 19 0.57 -6.42 -15.46
C LEU A 19 0.09 -5.08 -14.93
N PHE A 20 0.61 -4.01 -15.54
CA PHE A 20 0.24 -2.64 -15.18
C PHE A 20 -0.29 -1.91 -16.41
N CYS A 21 -0.95 -0.79 -16.14
CA CYS A 21 -1.63 -0.01 -17.17
C CYS A 21 -0.68 0.93 -17.89
N ALA A 22 -1.16 1.47 -19.00
CA ALA A 22 -0.46 2.49 -19.77
C ALA A 22 -1.45 3.07 -20.77
N SER A 23 -1.53 4.40 -20.81
CA SER A 23 -2.54 5.09 -21.59
C SER A 23 -1.90 6.16 -22.46
N ASP A 24 -2.66 6.61 -23.45
CA ASP A 24 -2.17 7.62 -24.37
C ASP A 24 -1.95 8.95 -23.66
N ALA A 25 -1.04 9.75 -24.22
CA ALA A 25 -0.75 11.05 -23.63
C ALA A 25 -1.93 12.01 -23.76
N LYS A 26 -2.71 11.89 -24.84
CA LYS A 26 -3.84 12.78 -25.04
C LYS A 26 -4.87 12.61 -23.93
N ALA A 27 -5.22 11.36 -23.61
CA ALA A 27 -6.12 11.11 -22.49
C ALA A 27 -5.44 11.47 -21.17
N TYR A 28 -4.13 11.27 -21.06
CA TYR A 28 -3.41 11.61 -19.85
C TYR A 28 -3.46 13.11 -19.58
N GLU A 29 -3.32 13.92 -20.63
CA GLU A 29 -3.26 15.37 -20.51
C GLU A 29 -4.62 16.05 -20.63
N THR A 30 -5.72 15.28 -20.68
CA THR A 30 -7.04 15.87 -20.73
C THR A 30 -7.32 16.64 -19.45
N GLU A 31 -7.51 17.96 -19.59
CA GLU A 31 -7.69 18.81 -18.41
C GLU A 31 -9.03 18.59 -17.73
N LYS A 32 -10.01 18.03 -18.42
CA LYS A 32 -11.34 17.86 -17.84
C LYS A 32 -11.30 16.81 -16.74
N HIS A 33 -12.46 16.56 -16.13
CA HIS A 33 -12.54 15.73 -14.93
C HIS A 33 -12.11 14.30 -15.24
N ASN A 34 -11.60 13.64 -14.21
CA ASN A 34 -10.93 12.35 -14.38
C ASN A 34 -11.90 11.28 -14.85
N VAL A 35 -11.37 10.37 -15.66
CA VAL A 35 -12.14 9.24 -16.15
C VAL A 35 -12.17 8.16 -15.07
N TRP A 36 -13.17 7.26 -15.15
CA TRP A 36 -13.42 6.29 -14.09
C TRP A 36 -12.20 5.41 -13.80
N ALA A 37 -11.34 5.19 -14.79
CA ALA A 37 -10.28 4.18 -14.70
C ALA A 37 -8.88 4.79 -14.70
N THR A 38 -8.52 5.56 -15.72
CA THR A 38 -7.13 5.97 -15.94
C THR A 38 -6.88 7.30 -15.24
N HIS A 39 -6.20 7.24 -14.09
CA HIS A 39 -5.70 8.41 -13.40
C HIS A 39 -4.18 8.38 -13.25
N ALA A 40 -3.63 7.27 -12.77
CA ALA A 40 -2.21 7.12 -12.51
C ALA A 40 -1.50 6.26 -13.55
N CYS A 41 -2.15 5.96 -14.67
CA CYS A 41 -1.52 5.14 -15.70
C CYS A 41 -0.31 5.86 -16.28
N VAL A 42 0.80 5.14 -16.40
CA VAL A 42 2.02 5.75 -16.95
C VAL A 42 1.79 6.09 -18.42
N PRO A 43 2.43 7.13 -18.97
CA PRO A 43 2.21 7.43 -20.38
C PRO A 43 2.91 6.41 -21.28
N THR A 44 2.26 6.12 -22.40
CA THR A 44 2.75 5.09 -23.31
C THR A 44 3.88 5.63 -24.18
N ASP A 45 4.75 4.73 -24.60
CA ASP A 45 5.79 5.06 -25.56
C ASP A 45 5.12 5.46 -26.88
N PRO A 46 5.48 6.61 -27.49
CA PRO A 46 4.81 6.99 -28.74
C PRO A 46 4.98 5.98 -29.88
N ASN A 47 6.06 5.20 -29.88
CA ASN A 47 6.36 4.26 -30.98
C ASN A 47 6.67 2.88 -30.41
N PRO A 48 5.66 2.10 -30.07
CA PRO A 48 5.91 0.70 -29.70
C PRO A 48 6.47 -0.09 -30.88
N GLN A 49 7.30 -1.07 -30.56
CA GLN A 49 8.04 -1.84 -31.56
C GLN A 49 7.45 -3.23 -31.69
N GLU A 50 7.45 -3.74 -32.92
CA GLU A 50 7.00 -5.10 -33.24
C GLU A 50 8.19 -5.87 -33.79
N ILE A 51 8.49 -7.01 -33.18
CA ILE A 51 9.77 -7.69 -33.30
C ILE A 51 9.48 -9.12 -33.76
N HIS A 52 8.66 -9.24 -34.82
CA HIS A 52 8.22 -10.50 -35.41
C HIS A 52 9.29 -11.58 -35.39
N LEU A 53 8.98 -12.70 -34.73
CA LEU A 53 9.98 -13.67 -34.30
C LEU A 53 10.43 -14.63 -35.39
N GLU A 54 9.83 -14.55 -36.58
CA GLU A 54 10.40 -15.00 -37.84
C GLU A 54 10.06 -16.45 -38.16
N ASN A 55 10.57 -17.40 -37.37
CA ASN A 55 10.34 -18.83 -37.60
C ASN A 55 9.71 -19.52 -36.39
N VAL A 56 9.12 -18.77 -35.46
CA VAL A 56 8.60 -19.33 -34.22
C VAL A 56 7.13 -19.69 -34.43
N THR A 57 6.71 -20.82 -33.86
CA THR A 57 5.32 -21.21 -33.78
C THR A 57 4.99 -21.58 -32.33
N GLU A 58 4.02 -20.86 -31.76
CA GLU A 58 3.69 -20.97 -30.35
C GLU A 58 2.24 -21.40 -30.19
N GLU A 59 1.96 -22.13 -29.10
CA GLU A 59 0.64 -22.67 -28.83
C GLU A 59 -0.16 -21.65 -28.03
N PHE A 60 -1.23 -21.15 -28.63
CA PHE A 60 -2.11 -20.17 -28.00
C PHE A 60 -3.38 -20.86 -27.49
N ASN A 61 -3.99 -20.23 -26.49
CA ASN A 61 -5.25 -20.72 -25.92
C ASN A 61 -6.05 -19.52 -25.44
N MET A 62 -7.16 -19.23 -26.12
CA MET A 62 -7.98 -18.08 -25.77
C MET A 62 -8.67 -18.26 -24.44
N TRP A 63 -9.25 -19.45 -24.19
CA TRP A 63 -10.18 -19.61 -23.09
C TRP A 63 -9.48 -19.66 -21.74
N LYS A 64 -8.33 -20.34 -21.66
CA LYS A 64 -7.62 -20.52 -20.40
C LYS A 64 -6.57 -19.43 -20.16
N ASN A 65 -6.73 -18.27 -20.81
CA ASN A 65 -5.83 -17.16 -20.60
C ASN A 65 -6.03 -16.57 -19.20
N ASN A 66 -4.96 -16.03 -18.63
CA ASN A 66 -5.00 -15.39 -17.32
C ASN A 66 -5.14 -13.87 -17.40
N MET A 67 -4.86 -13.28 -18.56
CA MET A 67 -5.01 -11.83 -18.70
C MET A 67 -6.46 -11.40 -18.50
N VAL A 68 -7.41 -12.25 -18.91
CA VAL A 68 -8.82 -11.90 -18.82
C VAL A 68 -9.24 -11.76 -17.37
N GLU A 69 -8.86 -12.72 -16.53
CA GLU A 69 -9.24 -12.66 -15.11
C GLU A 69 -8.61 -11.44 -14.44
N GLN A 70 -7.36 -11.14 -14.76
CA GLN A 70 -6.72 -9.97 -14.19
C GLN A 70 -7.43 -8.69 -14.61
N MET A 71 -7.82 -8.60 -15.89
CA MET A 71 -8.58 -7.44 -16.34
C MET A 71 -9.91 -7.32 -15.60
N HIS A 72 -10.61 -8.44 -15.42
CA HIS A 72 -11.90 -8.38 -14.75
C HIS A 72 -11.75 -7.91 -13.31
N THR A 73 -10.76 -8.45 -12.60
CA THR A 73 -10.53 -8.02 -11.22
C THR A 73 -10.13 -6.55 -11.16
N ASP A 74 -9.27 -6.11 -12.08
CA ASP A 74 -8.85 -4.71 -12.09
C ASP A 74 -10.04 -3.78 -12.34
N ILE A 75 -10.91 -4.15 -13.28
CA ILE A 75 -12.06 -3.30 -13.59
C ILE A 75 -13.01 -3.22 -12.40
N ILE A 76 -13.28 -4.35 -11.74
CA ILE A 76 -14.16 -4.32 -10.58
C ILE A 76 -13.56 -3.48 -9.47
N SER A 77 -12.25 -3.64 -9.23
CA SER A 77 -11.59 -2.85 -8.19
C SER A 77 -11.63 -1.37 -8.51
N LEU A 78 -11.44 -1.00 -9.78
CA LEU A 78 -11.50 0.40 -10.16
C LEU A 78 -12.89 0.97 -9.96
N TRP A 79 -13.93 0.20 -10.28
CA TRP A 79 -15.29 0.67 -10.05
C TRP A 79 -15.55 0.91 -8.56
N ASP A 80 -15.17 -0.07 -7.73
CA ASP A 80 -15.38 0.05 -6.30
C ASP A 80 -14.62 1.24 -5.73
N GLN A 81 -13.39 1.46 -6.19
CA GLN A 81 -12.64 2.64 -5.78
C GLN A 81 -13.32 3.92 -6.25
N SER A 82 -13.89 3.91 -7.45
CA SER A 82 -14.50 5.12 -8.00
C SER A 82 -15.71 5.55 -7.19
N LEU A 83 -16.52 4.59 -6.72
CA LEU A 83 -17.75 4.97 -6.02
C LEU A 83 -17.55 5.28 -4.55
N LYS A 84 -16.38 5.00 -3.97
CA LYS A 84 -16.21 5.21 -2.53
C LYS A 84 -16.29 6.66 -2.08
N PRO A 85 -15.60 7.63 -2.70
CA PRO A 85 -15.38 8.92 -2.03
C PRO A 85 -16.46 9.99 -2.21
N CYS A 86 -17.66 9.64 -2.68
CA CYS A 86 -18.74 10.63 -2.84
C CYS A 86 -20.03 10.06 -2.26
N VAL A 87 -21.15 10.71 -2.59
CA VAL A 87 -22.32 10.75 -1.71
C VAL A 87 -22.90 9.36 -1.50
N LYS A 88 -23.26 9.08 -0.25
CA LYS A 88 -24.06 7.92 0.12
C LYS A 88 -25.49 8.37 0.34
N LEU A 89 -26.43 7.58 -0.16
CA LEU A 89 -27.84 7.97 -0.29
C LEU A 89 -28.74 7.08 0.55
N THR A 90 -28.31 6.72 1.76
CA THR A 90 -29.17 5.97 2.65
C THR A 90 -30.46 6.68 3.02
N PRO A 91 -30.50 7.99 3.35
CA PRO A 91 -31.76 8.57 3.83
C PRO A 91 -32.81 8.81 2.75
N LEU A 92 -32.62 8.32 1.52
CA LEU A 92 -33.63 8.48 0.49
C LEU A 92 -34.76 7.47 0.61
N CYS A 93 -34.58 6.36 1.32
CA CYS A 93 -35.70 5.46 1.56
C CYS A 93 -36.77 6.19 2.34
N VAL A 94 -37.87 6.50 1.67
CA VAL A 94 -39.05 7.06 2.30
C VAL A 94 -40.24 6.48 1.55
N THR A 95 -41.37 6.36 2.23
CA THR A 95 -42.59 5.92 1.56
C THR A 95 -42.99 7.00 0.56
N LEU A 96 -42.74 6.73 -0.71
CA LEU A 96 -43.04 7.71 -1.76
C LEU A 96 -44.51 7.64 -2.14
N GLN A 97 -45.09 8.81 -2.42
CA GLN A 97 -46.46 8.93 -2.92
C GLN A 97 -46.38 9.42 -4.36
N CYS A 98 -46.70 8.53 -5.30
CA CYS A 98 -46.44 8.76 -6.72
C CYS A 98 -47.73 8.76 -7.52
N THR A 99 -47.65 9.41 -8.69
CA THR A 99 -48.79 9.53 -9.60
C THR A 99 -48.25 9.56 -11.03
N ASN A 100 -49.09 9.16 -11.97
CA ASN A 100 -48.66 9.09 -13.36
C ASN A 100 -48.35 10.48 -13.92
N VAL A 101 -47.50 10.51 -14.94
CA VAL A 101 -47.22 11.74 -15.66
C VAL A 101 -48.37 12.05 -16.60
N THR A 102 -48.53 13.33 -16.95
CA THR A 102 -49.67 13.78 -17.73
C THR A 102 -49.46 13.64 -19.24
N ASN A 103 -48.22 13.46 -19.70
CA ASN A 103 -47.92 13.37 -21.13
C ASN A 103 -48.32 14.66 -21.82
N ASN A 104 -48.37 14.65 -23.16
CA ASN A 104 -48.84 15.79 -23.94
C ASN A 104 -50.10 15.48 -24.72
N ILE A 105 -50.08 14.50 -25.61
CA ILE A 105 -51.25 14.15 -26.41
C ILE A 105 -50.99 12.81 -27.09
N THR A 106 -52.05 12.05 -27.37
CA THR A 106 -51.94 10.74 -28.03
C THR A 106 -51.07 9.80 -27.19
N ASP A 107 -51.60 9.47 -26.02
CA ASP A 107 -50.82 8.81 -24.99
C ASP A 107 -50.27 7.46 -25.48
N ASP A 108 -48.96 7.28 -25.30
CA ASP A 108 -48.25 6.08 -25.75
C ASP A 108 -47.26 5.50 -24.74
N MET A 109 -46.84 6.24 -23.72
CA MET A 109 -45.85 5.79 -22.74
C MET A 109 -46.35 6.19 -21.34
N ARG A 110 -47.57 5.78 -21.02
CA ARG A 110 -48.17 6.23 -19.76
C ARG A 110 -47.49 5.59 -18.56
N GLY A 111 -47.30 4.28 -18.59
CA GLY A 111 -46.95 3.53 -17.40
C GLY A 111 -45.49 3.53 -16.99
N GLU A 112 -44.63 4.31 -17.65
CA GLU A 112 -43.20 4.24 -17.41
C GLU A 112 -42.72 5.23 -16.36
N LEU A 113 -43.12 6.49 -16.47
CA LEU A 113 -42.65 7.53 -15.57
C LEU A 113 -43.68 7.78 -14.46
N LYS A 114 -43.18 7.96 -13.25
CA LYS A 114 -43.99 8.24 -12.07
C LYS A 114 -43.51 9.53 -11.42
N ASN A 115 -44.46 10.33 -10.93
CA ASN A 115 -44.18 11.62 -10.30
C ASN A 115 -44.23 11.42 -8.79
N CYS A 116 -43.11 11.05 -8.20
CA CYS A 116 -43.04 10.69 -6.79
C CYS A 116 -42.69 11.89 -5.93
N SER A 117 -43.32 11.96 -4.76
CA SER A 117 -43.09 13.01 -3.78
C SER A 117 -42.85 12.38 -2.42
N PHE A 118 -41.95 12.98 -1.64
CA PHE A 118 -41.55 12.39 -0.36
C PHE A 118 -40.96 13.48 0.52
N ASN A 119 -40.97 13.22 1.82
CA ASN A 119 -40.32 14.08 2.80
C ASN A 119 -38.86 13.69 2.94
N MET A 120 -37.96 14.65 2.80
CA MET A 120 -36.53 14.40 2.81
C MET A 120 -35.85 15.35 3.79
N THR A 121 -34.81 14.86 4.46
CA THR A 121 -34.11 15.64 5.46
C THR A 121 -33.30 16.77 4.83
N THR A 122 -33.14 17.86 5.58
CA THR A 122 -32.34 19.02 5.21
C THR A 122 -31.09 19.06 6.09
N GLU A 123 -30.31 20.15 5.97
CA GLU A 123 -29.07 20.22 6.74
C GLU A 123 -29.37 20.20 8.23
N LEU A 124 -30.27 21.08 8.65
CA LEU A 124 -30.60 21.22 10.05
C LEU A 124 -31.40 20.00 10.49
N ARG A 125 -30.90 19.31 11.51
CA ARG A 125 -31.54 18.06 11.93
C ARG A 125 -32.95 18.27 12.45
N ASP A 126 -33.31 19.50 12.84
CA ASP A 126 -34.64 19.75 13.36
C ASP A 126 -35.69 19.72 12.26
N LYS A 127 -35.41 20.34 11.12
CA LYS A 127 -36.42 20.60 10.11
C LYS A 127 -36.48 19.47 9.08
N LYS A 128 -37.56 19.47 8.30
CA LYS A 128 -37.79 18.52 7.22
C LYS A 128 -38.20 19.28 5.97
N GLN A 129 -38.01 18.62 4.83
CA GLN A 129 -38.16 19.24 3.52
C GLN A 129 -39.14 18.44 2.67
N LYS A 130 -40.01 19.14 1.95
CA LYS A 130 -40.94 18.54 1.00
C LYS A 130 -40.38 18.73 -0.40
N VAL A 131 -40.16 17.61 -1.10
CA VAL A 131 -39.57 17.62 -2.44
C VAL A 131 -40.35 16.65 -3.31
N TYR A 132 -39.98 16.62 -4.60
CA TYR A 132 -40.55 15.66 -5.53
C TYR A 132 -39.55 15.38 -6.64
N SER A 133 -39.70 14.23 -7.27
CA SER A 133 -38.81 13.82 -8.35
C SER A 133 -39.53 12.80 -9.20
N LEU A 134 -39.03 12.60 -10.42
CA LEU A 134 -39.60 11.66 -11.37
C LEU A 134 -38.74 10.40 -11.40
N PHE A 135 -39.37 9.26 -11.14
CA PHE A 135 -38.71 7.97 -11.14
C PHE A 135 -39.33 7.07 -12.20
N TYR A 136 -38.48 6.34 -12.93
CA TYR A 136 -38.97 5.37 -13.89
C TYR A 136 -39.65 4.21 -13.16
N ARG A 137 -40.56 3.54 -13.86
CA ARG A 137 -41.34 2.47 -13.26
C ARG A 137 -40.44 1.34 -12.75
N LEU A 138 -39.29 1.12 -13.38
CA LEU A 138 -38.39 0.05 -12.96
C LEU A 138 -37.66 0.35 -11.66
N ASP A 139 -37.74 1.59 -11.15
CA ASP A 139 -37.04 1.99 -9.95
C ASP A 139 -37.93 2.09 -8.71
N VAL A 140 -39.18 1.62 -8.80
CA VAL A 140 -40.12 1.72 -7.68
C VAL A 140 -40.98 0.46 -7.63
N VAL A 141 -41.37 0.08 -6.41
CA VAL A 141 -42.19 -1.09 -6.17
C VAL A 141 -43.30 -0.72 -5.21
N GLN A 142 -44.52 -1.16 -5.50
CA GLN A 142 -45.67 -0.82 -4.67
C GLN A 142 -45.62 -1.56 -3.34
N ILE A 143 -46.22 -0.95 -2.33
CA ILE A 143 -46.31 -1.50 -0.97
C ILE A 143 -47.77 -1.49 -0.55
N ASN A 144 -48.24 -2.60 0.01
CA ASN A 144 -49.61 -2.73 0.48
C ASN A 144 -49.64 -3.36 1.86
N SER A 154 -54.30 9.63 -0.99
CA SER A 154 -55.30 8.63 -1.44
C SER A 154 -54.70 7.73 -2.53
N ASN A 155 -53.95 8.34 -3.44
CA ASN A 155 -53.30 7.57 -4.51
C ASN A 155 -52.24 6.65 -3.92
N LYS A 156 -51.79 5.70 -4.75
CA LYS A 156 -50.92 4.64 -4.28
C LYS A 156 -49.57 5.21 -3.82
N GLU A 157 -48.80 4.36 -3.16
CA GLU A 157 -47.50 4.73 -2.61
C GLU A 157 -46.48 3.65 -2.92
N TYR A 158 -45.22 4.06 -3.05
CA TYR A 158 -44.14 3.16 -3.45
C TYR A 158 -42.90 3.44 -2.63
N ARG A 159 -41.95 2.51 -2.68
CA ARG A 159 -40.60 2.68 -2.17
C ARG A 159 -39.63 2.53 -3.33
N LEU A 160 -38.33 2.62 -3.03
CA LEU A 160 -37.32 2.37 -4.03
C LEU A 160 -37.13 0.86 -4.23
N ILE A 161 -36.51 0.51 -5.36
CA ILE A 161 -36.36 -0.90 -5.73
C ILE A 161 -35.48 -1.64 -4.73
N ASN A 162 -34.42 -0.99 -4.24
CA ASN A 162 -33.36 -1.67 -3.51
C ASN A 162 -33.43 -1.48 -1.99
N CYS A 163 -34.49 -0.90 -1.46
CA CYS A 163 -34.53 -0.62 -0.03
C CYS A 163 -35.01 -1.82 0.80
N ASN A 164 -34.85 -3.04 0.32
CA ASN A 164 -34.92 -4.23 1.16
C ASN A 164 -33.77 -5.20 0.87
N THR A 165 -32.78 -4.80 0.06
CA THR A 165 -31.65 -5.64 -0.29
C THR A 165 -30.30 -4.95 -0.10
N SER A 166 -30.21 -3.66 -0.40
CA SER A 166 -28.92 -2.99 -0.43
C SER A 166 -29.10 -1.50 -0.21
N ALA A 167 -28.00 -0.83 0.09
CA ALA A 167 -27.97 0.61 0.34
C ALA A 167 -27.43 1.34 -0.89
N CYS A 168 -28.10 2.40 -1.30
CA CYS A 168 -27.72 3.12 -2.49
C CYS A 168 -26.42 3.90 -2.27
N THR A 169 -25.82 4.32 -3.39
CA THR A 169 -24.61 5.15 -3.37
C THR A 169 -24.56 5.86 -4.71
N GLN A 170 -24.74 7.18 -4.70
CA GLN A 170 -24.81 7.91 -5.96
C GLN A 170 -23.48 7.85 -6.70
N ALA A 171 -23.57 7.65 -8.01
CA ALA A 171 -22.40 7.84 -8.85
C ALA A 171 -21.95 9.29 -8.73
N CYS A 172 -20.63 9.47 -8.67
CA CYS A 172 -20.10 10.82 -8.51
C CYS A 172 -20.51 11.67 -9.71
N PRO A 173 -20.93 12.93 -9.50
CA PRO A 173 -21.53 13.68 -10.61
C PRO A 173 -20.54 14.17 -11.64
N LYS A 174 -19.25 14.31 -11.28
CA LYS A 174 -18.26 14.82 -12.21
C LYS A 174 -17.59 13.72 -13.01
N VAL A 175 -17.24 12.59 -12.39
CA VAL A 175 -16.57 11.52 -13.11
C VAL A 175 -17.53 10.93 -14.13
N SER A 176 -16.99 10.55 -15.29
CA SER A 176 -17.78 10.01 -16.38
C SER A 176 -17.25 8.63 -16.75
N PHE A 177 -18.16 7.67 -16.87
CA PHE A 177 -17.81 6.32 -17.31
C PHE A 177 -17.75 6.31 -18.83
N GLU A 178 -16.68 6.93 -19.34
CA GLU A 178 -16.41 7.02 -20.77
C GLU A 178 -15.31 6.01 -21.10
N PRO A 179 -15.58 4.95 -21.86
CA PRO A 179 -14.49 4.04 -22.23
C PRO A 179 -13.42 4.74 -23.06
N ILE A 180 -12.17 4.43 -22.75
CA ILE A 180 -11.02 4.94 -23.52
C ILE A 180 -9.95 3.86 -23.58
N PRO A 181 -9.05 3.94 -24.57
CA PRO A 181 -8.06 2.87 -24.74
C PRO A 181 -7.17 2.70 -23.53
N ILE A 182 -6.85 1.44 -23.20
CA ILE A 182 -5.93 1.08 -22.13
C ILE A 182 -4.98 0.04 -22.67
N HIS A 183 -3.70 0.17 -22.32
CA HIS A 183 -2.66 -0.77 -22.70
C HIS A 183 -2.15 -1.48 -21.44
N TYR A 184 -2.15 -2.80 -21.47
CA TYR A 184 -1.65 -3.62 -20.37
C TYR A 184 -0.24 -4.06 -20.69
N CYS A 185 0.75 -3.53 -19.96
CA CYS A 185 2.15 -3.75 -20.25
C CYS A 185 2.83 -4.49 -19.10
N ALA A 186 3.53 -5.57 -19.45
CA ALA A 186 4.21 -6.43 -18.49
C ALA A 186 5.54 -5.82 -18.09
N PRO A 187 6.08 -6.17 -16.92
CA PRO A 187 7.31 -5.52 -16.46
C PRO A 187 8.53 -5.98 -17.22
N ALA A 188 9.71 -5.47 -16.85
CA ALA A 188 10.95 -5.92 -17.47
C ALA A 188 11.18 -7.39 -17.16
N GLY A 189 11.79 -8.09 -18.10
CA GLY A 189 12.01 -9.52 -17.96
C GLY A 189 10.85 -10.39 -18.39
N PHE A 190 9.83 -9.81 -19.01
CA PHE A 190 8.69 -10.55 -19.55
C PHE A 190 8.40 -10.04 -20.95
N ALA A 191 7.63 -10.83 -21.70
CA ALA A 191 7.23 -10.47 -23.05
C ALA A 191 5.80 -10.90 -23.28
N ILE A 192 5.10 -10.15 -24.14
CA ILE A 192 3.72 -10.43 -24.51
C ILE A 192 3.73 -10.79 -25.99
N LEU A 193 3.66 -12.09 -26.28
CA LEU A 193 3.62 -12.52 -27.68
C LEU A 193 2.29 -12.12 -28.30
N LYS A 194 2.23 -12.19 -29.63
CA LYS A 194 1.06 -11.73 -30.37
C LYS A 194 0.90 -12.61 -31.61
N CYS A 195 -0.22 -13.33 -31.68
CA CYS A 195 -0.53 -14.11 -32.86
C CYS A 195 -1.02 -13.18 -33.97
N LYS A 196 -0.68 -13.51 -35.21
CA LYS A 196 -1.09 -12.72 -36.37
C LYS A 196 -1.63 -13.59 -37.50
N ASP A 197 -1.99 -14.84 -37.22
CA ASP A 197 -2.59 -15.67 -38.25
C ASP A 197 -3.96 -15.12 -38.60
N LYS A 198 -4.21 -14.92 -39.89
CA LYS A 198 -5.44 -14.26 -40.33
C LYS A 198 -6.67 -15.08 -39.98
N LYS A 199 -6.54 -16.41 -39.91
CA LYS A 199 -7.65 -17.32 -39.67
C LYS A 199 -7.49 -18.03 -38.33
N PHE A 200 -6.95 -17.33 -37.34
CA PHE A 200 -6.80 -17.90 -36.00
C PHE A 200 -8.17 -18.09 -35.37
N ASN A 201 -8.55 -19.34 -35.13
CA ASN A 201 -9.89 -19.66 -34.65
C ASN A 201 -10.00 -19.63 -33.13
N GLY A 202 -8.89 -19.53 -32.39
CA GLY A 202 -8.92 -19.37 -30.95
C GLY A 202 -7.92 -20.22 -30.20
N THR A 203 -7.63 -21.43 -30.71
CA THR A 203 -6.73 -22.36 -30.06
C THR A 203 -5.81 -22.97 -31.12
N GLY A 204 -4.88 -23.80 -30.67
CA GLY A 204 -3.94 -24.45 -31.55
C GLY A 204 -2.74 -23.57 -31.86
N PRO A 205 -1.77 -24.13 -32.57
CA PRO A 205 -0.55 -23.35 -32.87
C PRO A 205 -0.83 -22.21 -33.82
N CYS A 206 -0.20 -21.07 -33.56
CA CYS A 206 -0.28 -19.90 -34.44
C CYS A 206 1.03 -19.80 -35.21
N PRO A 207 1.08 -20.11 -36.52
CA PRO A 207 2.37 -20.17 -37.20
C PRO A 207 3.04 -18.81 -37.41
N SER A 208 2.35 -17.71 -37.16
CA SER A 208 2.91 -16.36 -37.29
C SER A 208 2.81 -15.68 -35.92
N VAL A 209 3.91 -15.64 -35.20
CA VAL A 209 3.97 -15.10 -33.84
C VAL A 209 4.86 -13.86 -33.87
N SER A 210 4.41 -12.82 -33.16
CA SER A 210 5.19 -11.60 -32.99
C SER A 210 5.10 -11.16 -31.54
N THR A 211 6.11 -10.42 -31.11
CA THR A 211 6.16 -9.86 -29.77
C THR A 211 6.14 -8.35 -29.84
N VAL A 212 5.32 -7.75 -28.99
CA VAL A 212 5.28 -6.30 -28.80
C VAL A 212 5.61 -6.04 -27.34
N GLN A 213 6.01 -4.80 -27.05
CA GLN A 213 6.25 -4.44 -25.65
C GLN A 213 4.96 -4.57 -24.86
N CYS A 214 3.85 -4.09 -25.40
CA CYS A 214 2.55 -4.33 -24.78
C CYS A 214 1.43 -4.07 -25.77
N THR A 215 0.22 -4.37 -25.33
CA THR A 215 -0.92 -4.59 -26.20
C THR A 215 -1.34 -3.29 -26.90
N HIS A 216 -2.30 -3.43 -27.81
CA HIS A 216 -2.92 -2.28 -28.44
C HIS A 216 -3.96 -1.68 -27.50
N GLY A 217 -4.57 -0.58 -27.94
CA GLY A 217 -5.56 0.10 -27.14
C GLY A 217 -6.86 -0.69 -26.99
N ILE A 218 -7.14 -1.14 -25.79
CA ILE A 218 -8.35 -1.90 -25.48
C ILE A 218 -9.35 -0.96 -24.84
N LYS A 219 -10.54 -0.83 -25.43
CA LYS A 219 -11.59 0.03 -24.88
C LYS A 219 -12.43 -0.78 -23.90
N PRO A 220 -12.41 -0.49 -22.59
CA PRO A 220 -13.15 -1.37 -21.66
C PRO A 220 -14.64 -1.06 -21.63
N VAL A 221 -15.31 -1.31 -22.74
CA VAL A 221 -16.75 -1.07 -22.84
C VAL A 221 -17.49 -2.21 -22.16
N VAL A 222 -18.54 -1.87 -21.42
CA VAL A 222 -19.37 -2.83 -20.70
C VAL A 222 -20.72 -2.91 -21.39
N SER A 223 -21.02 -4.08 -21.95
CA SER A 223 -22.29 -4.31 -22.62
C SER A 223 -22.53 -5.81 -22.65
N THR A 224 -23.78 -6.18 -22.95
CA THR A 224 -24.18 -7.58 -23.05
C THR A 224 -25.04 -7.76 -24.27
N GLN A 225 -24.97 -8.95 -24.86
CA GLN A 225 -25.74 -9.43 -25.99
C GLN A 225 -25.25 -8.86 -27.33
N LEU A 226 -24.34 -7.89 -27.34
CA LEU A 226 -23.81 -7.31 -28.56
C LEU A 226 -22.53 -6.58 -28.21
N LEU A 227 -21.42 -6.97 -28.83
CA LEU A 227 -20.14 -6.31 -28.59
C LEU A 227 -20.09 -5.02 -29.40
N LEU A 228 -19.78 -3.91 -28.74
CA LEU A 228 -19.75 -2.60 -29.35
C LEU A 228 -18.33 -2.03 -29.28
N ASN A 229 -17.98 -1.23 -30.29
CA ASN A 229 -16.70 -0.51 -30.32
C ASN A 229 -15.51 -1.46 -30.21
N GLY A 230 -15.61 -2.63 -30.85
CA GLY A 230 -14.58 -3.64 -30.78
C GLY A 230 -13.61 -3.57 -31.95
N SER A 231 -12.76 -4.59 -32.03
CA SER A 231 -11.78 -4.74 -33.10
C SER A 231 -12.26 -5.80 -34.08
N LEU A 232 -12.23 -5.48 -35.36
CA LEU A 232 -12.80 -6.33 -36.38
C LEU A 232 -11.77 -7.29 -36.94
N ALA A 233 -12.24 -8.42 -37.46
CA ALA A 233 -11.37 -9.43 -38.03
C ALA A 233 -10.94 -8.99 -39.44
N GLU A 234 -10.20 -9.85 -40.13
CA GLU A 234 -9.69 -9.58 -41.47
C GLU A 234 -10.03 -10.75 -42.37
N GLU A 235 -10.62 -10.45 -43.53
CA GLU A 235 -10.90 -11.36 -44.63
C GLU A 235 -12.03 -12.35 -44.37
N GLU A 236 -12.52 -12.47 -43.12
CA GLU A 236 -13.51 -13.49 -42.79
C GLU A 236 -14.27 -13.05 -41.56
N VAL A 237 -15.48 -13.60 -41.41
CA VAL A 237 -16.30 -13.37 -40.21
C VAL A 237 -16.01 -14.54 -39.27
N MET A 238 -14.93 -14.40 -38.52
CA MET A 238 -14.46 -15.52 -37.70
C MET A 238 -15.44 -15.80 -36.57
N ILE A 239 -15.60 -17.10 -36.26
CA ILE A 239 -16.52 -17.58 -35.24
C ILE A 239 -15.74 -18.50 -34.30
N ARG A 240 -15.89 -18.29 -33.00
CA ARG A 240 -15.08 -18.97 -31.99
C ARG A 240 -15.97 -19.54 -30.89
N SER A 241 -15.54 -20.67 -30.34
CA SER A 241 -16.21 -21.27 -29.20
C SER A 241 -15.26 -22.23 -28.53
N GLU A 242 -15.51 -22.52 -27.26
CA GLU A 242 -14.70 -23.51 -26.56
C GLU A 242 -14.99 -24.91 -27.03
N ASN A 243 -16.24 -25.19 -27.39
CA ASN A 243 -16.64 -26.52 -27.85
C ASN A 243 -17.92 -26.38 -28.65
N ILE A 244 -17.84 -26.63 -29.95
CA ILE A 244 -19.03 -26.47 -30.78
C ILE A 244 -20.07 -27.53 -30.48
N THR A 245 -19.65 -28.75 -30.14
CA THR A 245 -20.62 -29.81 -29.88
C THR A 245 -21.40 -29.54 -28.60
N ASN A 246 -20.73 -29.04 -27.56
CA ASN A 246 -21.39 -28.75 -26.30
C ASN A 246 -22.26 -27.50 -26.46
N ASN A 247 -23.50 -27.58 -25.99
CA ASN A 247 -24.47 -26.50 -26.13
C ASN A 247 -24.50 -25.56 -24.93
N ALA A 248 -23.67 -25.79 -23.91
CA ALA A 248 -23.59 -24.92 -22.74
C ALA A 248 -22.49 -23.87 -22.86
N LYS A 249 -21.80 -23.79 -23.99
CA LYS A 249 -20.68 -22.88 -24.19
C LYS A 249 -21.08 -21.80 -25.19
N ASN A 250 -20.77 -20.55 -24.85
CA ASN A 250 -21.10 -19.44 -25.73
C ASN A 250 -20.30 -19.54 -27.03
N ILE A 251 -20.86 -18.96 -28.08
CA ILE A 251 -20.26 -18.98 -29.43
C ILE A 251 -20.02 -17.53 -29.82
N LEU A 252 -18.83 -17.02 -29.55
CA LEU A 252 -18.51 -15.65 -29.92
C LEU A 252 -18.39 -15.53 -31.43
N VAL A 253 -18.65 -14.32 -31.92
CA VAL A 253 -18.58 -14.00 -33.35
C VAL A 253 -17.83 -12.68 -33.47
N GLN A 254 -17.31 -12.43 -34.67
CA GLN A 254 -16.56 -11.21 -34.94
C GLN A 254 -16.79 -10.82 -36.40
N PHE A 255 -17.47 -9.69 -36.61
CA PHE A 255 -17.87 -9.29 -37.96
C PHE A 255 -16.66 -8.83 -38.77
N ASN A 256 -16.83 -8.88 -40.09
CA ASN A 256 -15.81 -8.39 -41.01
C ASN A 256 -15.86 -6.87 -41.11
N THR A 257 -17.03 -6.31 -41.41
CA THR A 257 -17.29 -4.88 -41.45
C THR A 257 -18.30 -4.50 -40.37
N PRO A 258 -18.22 -3.30 -39.79
CA PRO A 258 -19.10 -2.98 -38.67
C PRO A 258 -20.52 -2.69 -39.14
N VAL A 259 -21.44 -2.71 -38.18
CA VAL A 259 -22.83 -2.35 -38.40
C VAL A 259 -23.12 -1.13 -37.53
N GLN A 260 -23.56 -0.05 -38.16
CA GLN A 260 -23.80 1.20 -37.46
C GLN A 260 -25.09 1.11 -36.66
N ILE A 261 -25.02 1.41 -35.37
CA ILE A 261 -26.19 1.43 -34.49
C ILE A 261 -26.27 2.83 -33.87
N ASN A 262 -27.43 3.45 -33.99
CA ASN A 262 -27.71 4.75 -33.40
C ASN A 262 -28.70 4.59 -32.26
N CYS A 263 -28.55 5.42 -31.24
CA CYS A 263 -29.41 5.38 -30.07
C CYS A 263 -29.72 6.80 -29.63
N THR A 264 -30.92 7.00 -29.10
CA THR A 264 -31.39 8.34 -28.75
C THR A 264 -32.26 8.26 -27.51
N ARG A 265 -32.38 9.41 -26.84
CA ARG A 265 -33.24 9.55 -25.66
C ARG A 265 -33.99 10.87 -25.83
N PRO A 266 -35.09 10.87 -26.61
CA PRO A 266 -35.68 12.16 -27.01
C PRO A 266 -36.20 13.02 -25.87
N ASN A 267 -36.41 12.46 -24.68
CA ASN A 267 -36.84 13.28 -23.55
C ASN A 267 -35.78 14.31 -23.20
N ASN A 268 -36.23 15.52 -22.91
CA ASN A 268 -35.36 16.64 -22.53
C ASN A 268 -35.45 16.79 -21.01
N ASN A 269 -34.61 16.05 -20.29
CA ASN A 269 -34.66 16.04 -18.84
C ASN A 269 -34.18 17.37 -18.26
N THR A 270 -34.42 17.53 -16.97
CA THR A 270 -33.94 18.68 -16.19
C THR A 270 -33.37 18.17 -14.89
N ARG A 271 -32.18 18.65 -14.54
CA ARG A 271 -31.49 18.22 -13.33
C ARG A 271 -31.89 19.16 -12.19
N LYS A 272 -32.64 18.64 -11.23
CA LYS A 272 -33.06 19.38 -10.05
C LYS A 272 -32.19 18.94 -8.87
N SER A 273 -31.57 19.91 -8.19
CA SER A 273 -30.64 19.63 -7.11
C SER A 273 -31.37 19.76 -5.78
N ILE A 274 -31.41 18.68 -5.02
CA ILE A 274 -31.96 18.67 -3.67
C ILE A 274 -30.79 18.61 -2.70
N ARG A 275 -30.76 19.54 -1.75
CA ARG A 275 -29.69 19.61 -0.76
C ARG A 275 -30.13 18.92 0.51
N ILE A 276 -29.46 17.81 0.84
CA ILE A 276 -29.78 16.98 1.99
C ILE A 276 -28.58 16.96 2.93
N GLY A 277 -27.88 18.08 3.01
CA GLY A 277 -26.57 18.14 3.62
C GLY A 277 -26.57 17.90 5.12
N PRO A 278 -25.53 18.38 5.83
CA PRO A 278 -24.43 19.27 5.40
C PRO A 278 -23.48 18.65 4.38
N GLY A 279 -23.28 19.35 3.27
CA GLY A 279 -22.33 18.94 2.24
C GLY A 279 -22.90 18.11 1.11
N GLN A 280 -23.77 17.16 1.44
CA GLN A 280 -24.27 16.20 0.46
C GLN A 280 -25.37 16.83 -0.39
N ALA A 281 -25.69 16.15 -1.50
CA ALA A 281 -26.73 16.61 -2.41
C ALA A 281 -27.29 15.40 -3.16
N PHE A 282 -28.47 15.59 -3.75
CA PHE A 282 -29.19 14.53 -4.43
C PHE A 282 -29.83 15.11 -5.69
N TYR A 283 -29.37 14.66 -6.86
CA TYR A 283 -29.83 15.21 -8.13
C TYR A 283 -31.07 14.45 -8.58
N ALA A 284 -32.13 15.18 -8.86
CA ALA A 284 -33.44 14.62 -9.19
C ALA A 284 -33.87 15.03 -10.59
N THR A 285 -34.62 14.16 -11.24
CA THR A 285 -35.20 14.44 -12.55
C THR A 285 -36.36 15.39 -12.35
N GLY A 286 -36.05 16.69 -12.37
CA GLY A 286 -37.01 17.72 -12.01
C GLY A 286 -38.29 17.70 -12.81
N ASP A 287 -38.20 17.96 -14.11
CA ASP A 287 -39.37 17.96 -14.98
C ASP A 287 -38.92 17.91 -16.42
N ILE A 288 -39.74 17.30 -17.26
CA ILE A 288 -39.43 17.09 -18.68
C ILE A 288 -40.11 18.19 -19.47
N ILE A 289 -39.36 18.79 -20.40
CA ILE A 289 -39.80 19.95 -21.17
C ILE A 289 -40.24 19.48 -22.55
N GLY A 290 -41.41 19.93 -23.00
CA GLY A 290 -41.87 19.60 -24.33
C GLY A 290 -42.42 18.18 -24.41
N ASP A 291 -42.34 17.63 -25.62
CA ASP A 291 -42.86 16.30 -25.88
C ASP A 291 -42.04 15.24 -25.17
N ILE A 292 -42.68 14.09 -24.94
CA ILE A 292 -42.09 12.98 -24.20
C ILE A 292 -42.29 11.70 -25.00
N ARG A 293 -41.23 10.93 -25.17
CA ARG A 293 -41.26 9.72 -25.99
C ARG A 293 -40.25 8.73 -25.43
N GLN A 294 -40.40 7.47 -25.85
CA GLN A 294 -39.52 6.41 -25.38
C GLN A 294 -38.17 6.46 -26.10
N ALA A 295 -37.13 6.06 -25.39
CA ALA A 295 -35.83 5.89 -26.01
C ALA A 295 -35.86 4.72 -26.98
N HIS A 296 -35.14 4.86 -28.10
CA HIS A 296 -35.11 3.83 -29.12
C HIS A 296 -33.75 3.83 -29.78
N CYS A 297 -33.42 2.69 -30.39
CA CYS A 297 -32.16 2.51 -31.11
C CYS A 297 -32.45 1.99 -32.51
N ASN A 298 -31.59 2.35 -33.45
CA ASN A 298 -31.77 2.05 -34.87
C ASN A 298 -30.56 1.30 -35.41
N VAL A 299 -30.84 0.30 -36.25
CA VAL A 299 -29.81 -0.43 -36.98
C VAL A 299 -30.29 -0.58 -38.42
N SER A 300 -29.39 -0.36 -39.38
CA SER A 300 -29.79 -0.42 -40.77
C SER A 300 -30.25 -1.82 -41.13
N LYS A 301 -31.34 -1.90 -41.90
CA LYS A 301 -31.93 -3.19 -42.22
C LYS A 301 -31.06 -3.97 -43.20
N ALA A 302 -30.62 -3.32 -44.27
CA ALA A 302 -29.83 -4.03 -45.29
C ALA A 302 -28.51 -4.51 -44.72
N THR A 303 -27.82 -3.66 -43.95
CA THR A 303 -26.53 -4.05 -43.39
C THR A 303 -26.68 -5.23 -42.43
N TRP A 304 -27.69 -5.19 -41.56
CA TRP A 304 -27.85 -6.28 -40.60
C TRP A 304 -28.27 -7.57 -41.31
N ASN A 305 -29.14 -7.47 -42.30
CA ASN A 305 -29.54 -8.65 -43.06
C ASN A 305 -28.33 -9.28 -43.76
N GLU A 306 -27.48 -8.45 -44.37
CA GLU A 306 -26.28 -8.97 -45.01
C GLU A 306 -25.32 -9.59 -43.99
N THR A 307 -25.17 -8.96 -42.83
CA THR A 307 -24.23 -9.50 -41.84
C THR A 307 -24.71 -10.83 -41.29
N LEU A 308 -26.01 -10.98 -41.05
CA LEU A 308 -26.53 -12.28 -40.64
C LEU A 308 -26.33 -13.31 -41.74
N GLY A 309 -26.59 -12.92 -43.00
CA GLY A 309 -26.36 -13.83 -44.10
C GLY A 309 -24.90 -14.23 -44.26
N LYS A 310 -23.98 -13.41 -43.79
CA LYS A 310 -22.57 -13.76 -43.82
C LYS A 310 -22.18 -14.66 -42.65
N VAL A 311 -22.75 -14.41 -41.47
CA VAL A 311 -22.39 -15.21 -40.29
C VAL A 311 -22.95 -16.63 -40.43
N VAL A 312 -24.14 -16.77 -40.99
CA VAL A 312 -24.72 -18.10 -41.13
C VAL A 312 -23.87 -18.98 -42.02
N LYS A 313 -23.15 -18.39 -42.98
CA LYS A 313 -22.29 -19.20 -43.85
C LYS A 313 -21.18 -19.87 -43.06
N GLN A 314 -20.61 -19.17 -42.08
CA GLN A 314 -19.59 -19.78 -41.24
C GLN A 314 -20.21 -20.75 -40.24
N LEU A 315 -21.43 -20.51 -39.79
CA LEU A 315 -22.09 -21.53 -38.97
C LEU A 315 -22.32 -22.81 -39.75
N ARG A 316 -22.58 -22.71 -41.06
CA ARG A 316 -22.78 -23.90 -41.87
C ARG A 316 -21.55 -24.79 -41.90
N LYS A 317 -20.35 -24.20 -41.83
CA LYS A 317 -19.13 -25.00 -41.82
C LYS A 317 -19.06 -25.90 -40.58
N HIS A 318 -19.25 -25.30 -39.40
CA HIS A 318 -19.19 -26.09 -38.18
C HIS A 318 -20.33 -27.10 -38.11
N PHE A 319 -21.54 -26.69 -38.47
CA PHE A 319 -22.72 -27.53 -38.31
C PHE A 319 -23.17 -28.21 -39.60
N GLY A 320 -22.34 -28.17 -40.64
CA GLY A 320 -22.57 -28.98 -41.81
C GLY A 320 -23.42 -28.33 -42.88
N ASN A 321 -23.15 -28.66 -44.14
CA ASN A 321 -23.97 -28.16 -45.24
C ASN A 321 -25.38 -28.74 -45.14
N ASN A 322 -26.33 -27.99 -45.70
CA ASN A 322 -27.75 -28.35 -45.89
C ASN A 322 -28.53 -28.21 -44.57
N THR A 323 -27.87 -27.96 -43.44
CA THR A 323 -28.59 -27.80 -42.18
C THR A 323 -29.22 -26.41 -42.14
N ILE A 324 -30.44 -26.35 -41.61
CA ILE A 324 -31.18 -25.08 -41.53
C ILE A 324 -30.79 -24.39 -40.23
N ILE A 325 -30.28 -23.16 -40.35
CA ILE A 325 -29.90 -22.36 -39.20
C ILE A 325 -30.99 -21.32 -38.98
N ARG A 326 -31.53 -21.28 -37.76
CA ARG A 326 -32.63 -20.42 -37.39
C ARG A 326 -32.24 -19.59 -36.18
N PHE A 327 -32.66 -18.33 -36.17
CA PHE A 327 -32.39 -17.41 -35.08
C PHE A 327 -33.65 -17.17 -34.26
N ALA A 328 -33.45 -16.83 -32.99
CA ALA A 328 -34.56 -16.53 -32.10
C ALA A 328 -34.05 -15.59 -31.01
N ASN A 329 -34.96 -14.81 -30.45
CA ASN A 329 -34.59 -13.85 -29.42
C ASN A 329 -34.26 -14.58 -28.11
N SER A 330 -33.94 -13.80 -27.09
CA SER A 330 -33.32 -14.33 -25.88
C SER A 330 -34.22 -15.33 -25.17
N SER A 331 -33.59 -16.28 -24.48
CA SER A 331 -34.32 -17.37 -23.84
C SER A 331 -35.21 -16.91 -22.69
N GLY A 332 -34.92 -15.75 -22.11
CA GLY A 332 -35.70 -15.20 -21.02
C GLY A 332 -35.01 -15.34 -19.68
N GLY A 333 -35.33 -14.44 -18.77
CA GLY A 333 -34.73 -14.42 -17.45
C GLY A 333 -34.68 -13.03 -16.86
N ASP A 334 -33.51 -12.62 -16.36
CA ASP A 334 -33.37 -11.29 -15.81
C ASP A 334 -33.30 -10.25 -16.93
N LEU A 335 -33.68 -9.01 -16.58
CA LEU A 335 -33.64 -7.93 -17.58
C LEU A 335 -32.22 -7.61 -18.01
N GLU A 336 -31.22 -7.90 -17.18
CA GLU A 336 -29.84 -7.65 -17.55
C GLU A 336 -29.42 -8.48 -18.75
N VAL A 337 -29.82 -9.76 -18.78
CA VAL A 337 -29.39 -10.68 -19.85
C VAL A 337 -30.44 -10.81 -20.96
N THR A 338 -31.70 -10.49 -20.70
CA THR A 338 -32.73 -10.59 -21.72
C THR A 338 -32.69 -9.45 -22.73
N THR A 339 -32.01 -8.35 -22.42
CA THR A 339 -32.00 -7.17 -23.28
C THR A 339 -30.58 -6.64 -23.40
N HIS A 340 -30.29 -6.03 -24.55
CA HIS A 340 -28.97 -5.50 -24.86
C HIS A 340 -28.73 -4.25 -24.01
N SER A 341 -27.98 -4.39 -22.92
CA SER A 341 -27.76 -3.32 -21.97
C SER A 341 -26.42 -2.66 -22.21
N PHE A 342 -26.38 -1.34 -22.04
CA PHE A 342 -25.16 -0.55 -22.18
C PHE A 342 -25.46 0.83 -21.63
N ASN A 343 -24.46 1.72 -21.71
CA ASN A 343 -24.60 3.10 -21.30
C ASN A 343 -24.12 4.01 -22.43
N CYS A 344 -24.86 5.09 -22.66
CA CYS A 344 -24.60 6.03 -23.75
C CYS A 344 -24.58 7.44 -23.17
N GLY A 345 -23.40 7.87 -22.70
CA GLY A 345 -23.24 9.20 -22.15
C GLY A 345 -23.60 9.36 -20.70
N GLY A 346 -24.16 8.33 -20.07
CA GLY A 346 -24.52 8.39 -18.66
C GLY A 346 -25.81 7.67 -18.33
N GLU A 347 -26.68 7.47 -19.32
CA GLU A 347 -27.95 6.77 -19.12
C GLU A 347 -27.78 5.30 -19.49
N PHE A 348 -28.20 4.42 -18.59
CA PHE A 348 -28.03 2.98 -18.76
C PHE A 348 -29.24 2.44 -19.51
N PHE A 349 -29.08 2.20 -20.80
CA PHE A 349 -30.17 1.71 -21.63
C PHE A 349 -30.40 0.22 -21.39
N TYR A 350 -31.60 -0.24 -21.79
CA TYR A 350 -31.94 -1.66 -21.76
C TYR A 350 -32.89 -1.90 -22.93
N CYS A 351 -32.34 -2.29 -24.07
CA CYS A 351 -33.05 -2.25 -25.34
C CYS A 351 -33.47 -3.65 -25.78
N ASN A 352 -34.74 -3.76 -26.15
CA ASN A 352 -35.26 -4.99 -26.74
C ASN A 352 -34.50 -5.31 -28.02
N THR A 353 -34.12 -6.58 -28.19
CA THR A 353 -33.42 -7.06 -29.37
C THR A 353 -34.17 -8.21 -30.03
N SER A 354 -35.49 -8.23 -29.91
CA SER A 354 -36.29 -9.24 -30.60
C SER A 354 -36.53 -8.90 -32.06
N GLY A 355 -36.19 -7.68 -32.50
CA GLY A 355 -36.30 -7.34 -33.91
C GLY A 355 -35.12 -7.79 -34.74
N LEU A 356 -33.97 -8.03 -34.11
CA LEU A 356 -32.77 -8.44 -34.84
C LEU A 356 -32.67 -9.96 -34.95
N PHE A 357 -32.62 -10.64 -33.80
CA PHE A 357 -32.39 -12.09 -33.78
C PHE A 357 -33.71 -12.83 -34.03
N ASN A 358 -34.15 -12.76 -35.28
CA ASN A 358 -35.39 -13.42 -35.68
C ASN A 358 -35.32 -13.67 -37.19
N SER A 359 -34.97 -14.89 -37.57
CA SER A 359 -34.85 -15.24 -38.99
C SER A 359 -34.79 -16.76 -39.12
N THR A 360 -34.84 -17.20 -40.38
CA THR A 360 -34.63 -18.61 -40.71
C THR A 360 -33.99 -18.67 -42.09
N TRP A 361 -32.98 -19.53 -42.23
CA TRP A 361 -32.16 -19.61 -43.44
C TRP A 361 -32.20 -21.03 -43.99
N ILE A 362 -32.98 -21.22 -45.06
CA ILE A 362 -32.96 -22.50 -45.75
C ILE A 362 -31.61 -22.69 -46.45
N SER A 363 -31.29 -23.94 -46.77
CA SER A 363 -30.00 -24.25 -47.39
C SER A 363 -29.81 -23.50 -48.69
N ASN A 364 -30.85 -23.47 -49.53
CA ASN A 364 -30.81 -22.71 -50.78
C ASN A 364 -32.18 -22.14 -51.11
N ASN A 376 -32.94 -1.20 -47.00
CA ASN A 376 -33.15 0.21 -47.44
C ASN A 376 -33.74 1.03 -46.30
N ASP A 377 -34.66 0.43 -45.56
CA ASP A 377 -35.28 1.06 -44.40
C ASP A 377 -34.43 0.79 -43.17
N SER A 378 -34.97 1.08 -41.98
CA SER A 378 -34.27 0.92 -40.71
C SER A 378 -35.13 0.13 -39.74
N ILE A 379 -34.47 -0.66 -38.91
CA ILE A 379 -35.11 -1.43 -37.85
C ILE A 379 -35.14 -0.57 -36.59
N THR A 380 -36.30 -0.52 -35.93
CA THR A 380 -36.49 0.24 -34.71
C THR A 380 -36.55 -0.71 -33.52
N LEU A 381 -35.73 -0.45 -32.51
CA LEU A 381 -35.69 -1.25 -31.30
C LEU A 381 -36.34 -0.47 -30.16
N PRO A 382 -37.51 -0.88 -29.64
CA PRO A 382 -37.99 -0.26 -28.41
C PRO A 382 -37.00 -0.50 -27.28
N CYS A 383 -36.89 0.49 -26.39
CA CYS A 383 -35.85 0.46 -25.37
C CYS A 383 -36.37 1.12 -24.10
N ARG A 384 -35.80 0.71 -22.96
CA ARG A 384 -36.17 1.20 -21.65
C ARG A 384 -34.93 1.56 -20.87
N ILE A 385 -35.05 2.58 -20.01
CA ILE A 385 -33.94 3.13 -19.26
C ILE A 385 -34.16 2.85 -17.79
N LYS A 386 -33.06 2.61 -17.07
CA LYS A 386 -33.07 2.40 -15.63
C LYS A 386 -31.98 3.25 -14.99
N GLN A 387 -32.22 3.65 -13.75
CA GLN A 387 -31.29 4.48 -12.98
C GLN A 387 -30.58 3.73 -11.87
N ILE A 388 -31.32 2.98 -11.06
CA ILE A 388 -30.73 2.18 -9.99
C ILE A 388 -30.23 0.87 -10.61
N ILE A 389 -28.93 0.64 -10.53
CA ILE A 389 -28.30 -0.53 -11.14
C ILE A 389 -27.32 -1.16 -10.16
N ASN A 390 -27.15 -2.48 -10.29
CA ASN A 390 -26.29 -3.30 -9.45
C ASN A 390 -25.48 -4.26 -10.32
N MET A 391 -24.81 -3.71 -11.33
CA MET A 391 -24.18 -4.51 -12.38
C MET A 391 -23.16 -5.51 -11.82
N TRP A 392 -22.74 -6.42 -12.69
CA TRP A 392 -21.84 -7.53 -12.37
C TRP A 392 -22.44 -8.50 -11.35
N GLN A 393 -23.76 -8.51 -11.21
CA GLN A 393 -24.49 -9.45 -10.35
C GLN A 393 -24.02 -9.39 -8.91
N ARG A 394 -23.55 -8.22 -8.45
CA ARG A 394 -23.01 -8.06 -7.10
C ARG A 394 -24.07 -7.38 -6.25
N ILE A 395 -24.98 -8.19 -5.72
CA ILE A 395 -26.04 -7.68 -4.85
C ILE A 395 -25.39 -7.21 -3.54
N GLY A 396 -25.79 -6.02 -3.10
CA GLY A 396 -25.20 -5.38 -1.93
C GLY A 396 -24.34 -4.16 -2.24
N GLN A 397 -24.16 -3.81 -3.52
CA GLN A 397 -23.30 -2.72 -3.95
C GLN A 397 -24.01 -1.87 -5.00
N CYS A 398 -25.25 -1.50 -4.72
CA CYS A 398 -26.05 -0.80 -5.71
C CYS A 398 -25.54 0.61 -5.94
N MET A 399 -26.08 1.25 -6.97
CA MET A 399 -25.63 2.54 -7.45
C MET A 399 -26.82 3.29 -8.03
N TYR A 400 -26.76 4.60 -7.98
CA TYR A 400 -27.82 5.48 -8.49
C TYR A 400 -27.18 6.48 -9.44
N ALA A 401 -27.32 6.23 -10.74
CA ALA A 401 -26.74 7.13 -11.73
C ALA A 401 -27.58 8.41 -11.82
N PRO A 402 -27.00 9.60 -11.65
CA PRO A 402 -27.83 10.81 -11.63
C PRO A 402 -28.37 11.11 -13.01
N PRO A 403 -29.45 11.90 -13.12
CA PRO A 403 -29.97 12.23 -14.46
C PRO A 403 -28.98 13.07 -15.24
N ILE A 404 -29.02 12.90 -16.57
CA ILE A 404 -28.17 13.65 -17.49
C ILE A 404 -29.07 14.63 -18.23
N GLN A 405 -28.72 15.90 -18.17
CA GLN A 405 -29.56 16.95 -18.74
C GLN A 405 -29.46 16.95 -20.27
N GLY A 406 -30.59 17.26 -20.91
CA GLY A 406 -30.62 17.41 -22.35
C GLY A 406 -30.79 16.09 -23.08
N VAL A 407 -31.03 16.21 -24.39
CA VAL A 407 -31.17 15.03 -25.23
C VAL A 407 -29.83 14.32 -25.31
N ILE A 408 -29.89 12.99 -25.35
CA ILE A 408 -28.71 12.14 -25.38
C ILE A 408 -28.71 11.36 -26.68
N ARG A 409 -27.57 11.34 -27.35
CA ARG A 409 -27.43 10.64 -28.63
C ARG A 409 -26.00 10.16 -28.79
N CYS A 410 -25.84 8.95 -29.33
CA CYS A 410 -24.51 8.42 -29.62
C CYS A 410 -24.63 7.39 -30.72
N VAL A 411 -23.56 7.25 -31.50
CA VAL A 411 -23.50 6.36 -32.64
C VAL A 411 -22.28 5.45 -32.47
N SER A 412 -22.49 4.15 -32.61
CA SER A 412 -21.46 3.15 -32.32
C SER A 412 -21.49 2.06 -33.39
N ASN A 413 -20.43 1.27 -33.40
CA ASN A 413 -20.33 0.09 -34.25
C ASN A 413 -20.71 -1.15 -33.46
N ILE A 414 -21.30 -2.12 -34.15
CA ILE A 414 -21.51 -3.47 -33.63
C ILE A 414 -20.50 -4.37 -34.29
N THR A 415 -19.60 -4.95 -33.49
CA THR A 415 -18.48 -5.74 -33.98
C THR A 415 -18.37 -7.05 -33.22
N GLY A 416 -19.50 -7.73 -33.05
CA GLY A 416 -19.50 -9.03 -32.42
C GLY A 416 -20.85 -9.36 -31.83
N LEU A 417 -21.08 -10.65 -31.64
CA LEU A 417 -22.27 -11.19 -30.99
C LEU A 417 -21.83 -12.24 -29.99
N ILE A 418 -22.74 -12.57 -29.07
CA ILE A 418 -22.53 -13.65 -28.10
C ILE A 418 -23.75 -14.55 -28.20
N LEU A 419 -23.68 -15.57 -29.05
CA LEU A 419 -24.78 -16.48 -29.27
C LEU A 419 -24.66 -17.71 -28.36
N THR A 420 -25.79 -18.40 -28.19
CA THR A 420 -25.81 -19.70 -27.54
C THR A 420 -26.78 -20.59 -28.29
N ARG A 421 -26.50 -21.89 -28.29
CA ARG A 421 -27.24 -22.85 -29.08
C ARG A 421 -28.38 -23.46 -28.27
N ASP A 422 -29.32 -24.07 -28.98
CA ASP A 422 -30.47 -24.75 -28.37
C ASP A 422 -30.22 -26.25 -28.39
N GLY A 423 -30.40 -26.90 -27.24
CA GLY A 423 -30.00 -28.27 -27.05
C GLY A 423 -31.09 -29.31 -27.07
N GLY A 424 -32.30 -28.97 -27.50
CA GLY A 424 -33.37 -29.95 -27.55
C GLY A 424 -33.08 -31.05 -28.55
N SER A 425 -32.68 -32.23 -28.06
CA SER A 425 -32.16 -33.32 -28.90
C SER A 425 -31.04 -32.80 -29.78
N THR A 426 -30.65 -33.55 -30.81
CA THR A 426 -30.04 -32.91 -31.97
C THR A 426 -30.86 -33.21 -33.22
N ASN A 427 -30.85 -34.48 -33.65
CA ASN A 427 -31.55 -34.98 -34.85
C ASN A 427 -31.51 -33.95 -35.97
N SER A 428 -30.33 -33.63 -36.47
CA SER A 428 -30.03 -32.28 -36.94
C SER A 428 -30.84 -31.95 -38.19
N THR A 429 -32.13 -31.69 -37.96
CA THR A 429 -32.96 -31.05 -38.98
C THR A 429 -32.67 -29.56 -39.05
N THR A 430 -32.39 -28.95 -37.90
CA THR A 430 -32.14 -27.50 -37.84
C THR A 430 -31.45 -27.19 -36.53
N GLU A 431 -30.96 -25.96 -36.43
CA GLU A 431 -30.37 -25.41 -35.21
C GLU A 431 -31.05 -24.09 -34.89
N THR A 432 -31.15 -23.79 -33.59
CA THR A 432 -31.77 -22.57 -33.10
C THR A 432 -30.75 -21.82 -32.25
N PHE A 433 -30.33 -20.66 -32.73
CA PHE A 433 -29.31 -19.84 -32.06
C PHE A 433 -30.00 -18.67 -31.37
N ARG A 434 -29.86 -18.60 -30.05
CA ARG A 434 -30.47 -17.58 -29.23
C ARG A 434 -29.40 -16.71 -28.61
N PRO A 435 -29.49 -15.38 -28.65
CA PRO A 435 -28.43 -14.57 -28.06
C PRO A 435 -28.42 -14.70 -26.54
N GLY A 436 -27.24 -14.51 -25.97
CA GLY A 436 -27.05 -14.69 -24.54
C GLY A 436 -26.19 -13.61 -23.93
N GLY A 437 -25.14 -14.00 -23.23
CA GLY A 437 -24.27 -13.07 -22.54
C GLY A 437 -24.77 -12.75 -21.14
N GLY A 438 -23.95 -12.00 -20.43
CA GLY A 438 -24.22 -11.65 -19.05
C GLY A 438 -22.98 -11.79 -18.19
N ASP A 439 -22.16 -12.80 -18.51
CA ASP A 439 -20.84 -12.91 -17.92
C ASP A 439 -19.89 -11.98 -18.67
N MET A 440 -19.32 -11.02 -17.95
CA MET A 440 -18.57 -9.97 -18.62
C MET A 440 -17.20 -10.42 -19.11
N ARG A 441 -16.76 -11.63 -18.76
CA ARG A 441 -15.46 -12.10 -19.22
C ARG A 441 -15.42 -12.24 -20.74
N ASP A 442 -16.56 -12.49 -21.37
CA ASP A 442 -16.57 -12.67 -22.82
C ASP A 442 -16.25 -11.39 -23.56
N ASN A 443 -16.64 -10.24 -22.99
CA ASN A 443 -16.31 -8.97 -23.62
C ASN A 443 -14.81 -8.73 -23.63
N TRP A 444 -14.12 -9.10 -22.55
CA TRP A 444 -12.67 -8.93 -22.51
C TRP A 444 -11.98 -9.99 -23.38
N ARG A 445 -12.50 -11.22 -23.35
CA ARG A 445 -11.86 -12.31 -24.07
C ARG A 445 -11.94 -12.13 -25.58
N SER A 446 -12.86 -11.29 -26.06
CA SER A 446 -12.94 -11.03 -27.49
C SER A 446 -11.79 -10.14 -27.97
N GLU A 447 -11.20 -9.34 -27.06
CA GLU A 447 -10.11 -8.44 -27.40
C GLU A 447 -8.74 -9.01 -27.08
N LEU A 448 -8.61 -9.80 -26.02
CA LEU A 448 -7.35 -10.38 -25.59
C LEU A 448 -7.15 -11.81 -26.08
N TYR A 449 -7.69 -12.13 -27.27
CA TYR A 449 -7.58 -13.48 -27.80
C TYR A 449 -6.30 -13.72 -28.58
N LYS A 450 -5.51 -12.68 -28.83
CA LYS A 450 -4.26 -12.79 -29.59
C LYS A 450 -3.06 -12.37 -28.76
N TYR A 451 -3.04 -12.66 -27.46
CA TYR A 451 -1.90 -12.34 -26.61
C TYR A 451 -1.74 -13.42 -25.54
N LYS A 452 -0.50 -13.56 -25.07
CA LYS A 452 -0.22 -14.32 -23.85
C LYS A 452 1.11 -13.85 -23.30
N VAL A 453 1.27 -13.99 -21.99
CA VAL A 453 2.45 -13.53 -21.27
C VAL A 453 3.41 -14.70 -21.10
N VAL A 454 4.64 -14.53 -21.56
CA VAL A 454 5.69 -15.55 -21.43
C VAL A 454 6.89 -14.91 -20.75
N LYS A 455 7.40 -15.56 -19.70
CA LYS A 455 8.57 -15.07 -18.98
C LYS A 455 9.82 -15.58 -19.68
N ILE A 456 10.76 -14.68 -19.90
CA ILE A 456 12.02 -15.01 -20.54
C ILE A 456 13.02 -15.42 -19.47
N GLU A 457 13.69 -16.55 -19.68
CA GLU A 457 14.79 -17.00 -18.83
C GLU A 457 16.07 -16.98 -19.66
N PRO A 458 17.11 -16.20 -19.29
CA PRO A 458 18.24 -16.03 -20.23
C PRO A 458 19.28 -17.13 -20.16
N LEU A 459 19.42 -17.77 -19.00
CA LEU A 459 20.51 -18.71 -18.80
C LEU A 459 20.31 -19.98 -19.63
N GLY A 460 21.42 -20.60 -20.00
CA GLY A 460 21.38 -21.84 -20.75
C GLY A 460 22.74 -22.49 -20.77
N VAL A 461 22.73 -23.82 -20.98
CA VAL A 461 23.95 -24.62 -20.99
C VAL A 461 23.92 -25.54 -22.20
N ALA A 462 25.06 -25.69 -22.86
CA ALA A 462 25.17 -26.53 -24.04
C ALA A 462 26.62 -27.01 -24.15
N PRO A 463 26.86 -28.10 -24.88
CA PRO A 463 28.22 -28.64 -24.96
C PRO A 463 29.02 -28.09 -26.12
N THR A 464 30.33 -28.10 -25.94
CA THR A 464 31.28 -27.73 -26.99
C THR A 464 32.67 -28.17 -26.53
N ARG A 465 33.68 -27.86 -27.35
CA ARG A 465 35.02 -28.40 -27.18
C ARG A 465 35.95 -27.49 -26.38
N CYS A 466 35.47 -26.38 -25.83
CA CYS A 466 36.31 -25.47 -25.08
C CYS A 466 36.35 -25.85 -23.60
N LYS A 467 37.51 -25.67 -22.99
CA LYS A 467 37.68 -25.83 -21.55
C LYS A 467 38.51 -24.66 -21.03
N ARG A 468 38.21 -24.24 -19.80
CA ARG A 468 38.86 -23.06 -19.25
C ARG A 468 40.31 -23.38 -18.88
N ARG A 469 41.08 -22.32 -18.69
CA ARG A 469 42.50 -22.43 -18.37
C ARG A 469 42.66 -22.59 -16.85
N VAL A 470 43.90 -22.75 -16.40
CA VAL A 470 44.22 -22.89 -14.98
C VAL A 470 45.28 -21.88 -14.59
N GLY A 488 16.57 -7.77 -33.21
CA GLY A 488 15.41 -7.50 -32.31
C GLY A 488 15.55 -8.16 -30.95
N PHE A 489 14.67 -7.78 -30.02
CA PHE A 489 14.72 -8.30 -28.67
C PHE A 489 14.66 -9.82 -28.62
N LEU A 490 13.94 -10.44 -29.55
CA LEU A 490 13.89 -11.90 -29.64
C LEU A 490 13.93 -12.36 -31.09
N GLY A 491 14.51 -11.56 -31.98
CA GLY A 491 14.49 -11.87 -33.40
C GLY A 491 15.21 -13.15 -33.76
N ALA A 492 16.12 -13.63 -32.92
CA ALA A 492 16.86 -14.85 -33.17
C ALA A 492 16.25 -16.08 -32.51
N ALA A 493 14.99 -15.98 -32.05
CA ALA A 493 14.36 -17.12 -31.39
C ALA A 493 14.15 -18.28 -32.35
N GLY A 494 14.01 -17.99 -33.65
CA GLY A 494 13.83 -19.02 -34.65
C GLY A 494 15.12 -19.45 -35.33
N SER A 495 16.19 -18.70 -35.13
CA SER A 495 17.46 -19.01 -35.77
C SER A 495 18.14 -20.18 -35.08
N THR A 496 19.16 -20.72 -35.74
CA THR A 496 19.91 -21.84 -35.18
C THR A 496 20.71 -21.37 -33.97
N MET A 497 21.21 -22.34 -33.20
CA MET A 497 21.98 -22.01 -32.01
C MET A 497 23.28 -21.30 -32.35
N GLY A 498 23.88 -21.63 -33.49
CA GLY A 498 25.12 -20.96 -33.88
C GLY A 498 24.91 -19.47 -34.13
N ALA A 499 23.86 -19.12 -34.88
CA ALA A 499 23.57 -17.73 -35.14
C ALA A 499 22.94 -17.03 -33.94
N ALA A 500 22.23 -17.78 -33.09
CA ALA A 500 21.58 -17.17 -31.93
C ALA A 500 22.59 -16.73 -30.89
N SER A 501 23.73 -17.41 -30.79
CA SER A 501 24.73 -17.06 -29.78
C SER A 501 25.42 -15.75 -30.06
N MET A 502 25.26 -15.17 -31.25
CA MET A 502 25.81 -13.85 -31.55
C MET A 502 24.93 -12.71 -31.06
N THR A 503 23.67 -12.99 -30.68
CA THR A 503 22.72 -11.97 -30.24
C THR A 503 22.42 -12.07 -28.75
N LEU A 504 23.40 -12.53 -27.96
CA LEU A 504 23.19 -12.59 -26.52
C LEU A 504 23.07 -11.20 -25.91
N THR A 505 23.77 -10.22 -26.49
CA THR A 505 23.70 -8.86 -25.96
C THR A 505 22.30 -8.29 -26.05
N VAL A 506 21.62 -8.51 -27.18
CA VAL A 506 20.30 -7.93 -27.40
C VAL A 506 19.30 -8.49 -26.40
N GLN A 507 19.30 -9.82 -26.23
CA GLN A 507 18.40 -10.43 -25.25
C GLN A 507 18.77 -10.02 -23.83
N ALA A 508 20.06 -9.91 -23.53
CA ALA A 508 20.49 -9.62 -22.18
C ALA A 508 20.29 -8.16 -21.79
N ARG A 509 20.16 -7.26 -22.76
CA ARG A 509 20.04 -5.84 -22.44
C ARG A 509 18.73 -5.55 -21.72
N ASN A 510 17.62 -6.02 -22.26
CA ASN A 510 16.29 -5.65 -21.76
C ASN A 510 15.81 -6.69 -20.75
N LEU A 511 16.44 -6.65 -19.58
CA LEU A 511 15.98 -7.38 -18.40
C LEU A 511 15.70 -6.48 -17.20
N LEU A 512 15.95 -5.17 -17.32
CA LEU A 512 15.57 -4.20 -16.30
C LEU A 512 14.77 -3.03 -16.86
N SER A 513 15.08 -2.59 -18.08
CA SER A 513 14.36 -1.49 -18.74
C SER A 513 14.40 -0.22 -17.91
N GLY A 514 15.58 0.13 -17.41
CA GLY A 514 15.75 1.34 -16.62
C GLY A 514 15.58 2.60 -17.44
N THR A 536 -3.74 4.05 -4.88
CA THR A 536 -4.41 3.69 -6.15
C THR A 536 -3.92 2.30 -6.56
N VAL A 537 -4.75 1.56 -7.32
CA VAL A 537 -4.42 0.17 -7.63
C VAL A 537 -3.21 0.11 -8.58
N TRP A 538 -3.15 1.01 -9.56
CA TRP A 538 -2.03 1.02 -10.48
C TRP A 538 -0.71 1.33 -9.77
N GLY A 539 -0.76 2.17 -8.73
CA GLY A 539 0.47 2.54 -8.04
C GLY A 539 1.15 1.36 -7.41
N ILE A 540 0.40 0.48 -6.75
CA ILE A 540 1.00 -0.69 -6.14
C ILE A 540 1.28 -1.78 -7.17
N LYS A 541 0.46 -1.87 -8.23
CA LYS A 541 0.77 -2.81 -9.30
C LYS A 541 2.15 -2.55 -9.90
N GLN A 542 2.41 -1.28 -10.25
CA GLN A 542 3.69 -0.94 -10.86
C GLN A 542 4.85 -1.23 -9.92
N LEU A 543 4.70 -0.88 -8.64
CA LEU A 543 5.79 -1.08 -7.69
C LEU A 543 6.10 -2.56 -7.50
N GLN A 544 5.05 -3.39 -7.34
CA GLN A 544 5.28 -4.81 -7.14
C GLN A 544 5.90 -5.45 -8.38
N ALA A 545 5.44 -5.07 -9.58
CA ALA A 545 6.02 -5.62 -10.79
C ALA A 545 7.50 -5.22 -10.94
N ARG A 546 7.81 -3.96 -10.64
CA ARG A 546 9.19 -3.49 -10.71
C ARG A 546 10.10 -4.28 -9.77
N VAL A 547 9.64 -4.47 -8.53
CA VAL A 547 10.43 -5.22 -7.57
C VAL A 547 10.63 -6.65 -8.05
N LEU A 548 9.58 -7.28 -8.59
CA LEU A 548 9.69 -8.65 -9.08
C LEU A 548 10.74 -8.76 -10.18
N ALA A 549 10.76 -7.80 -11.11
CA ALA A 549 11.76 -7.80 -12.17
C ALA A 549 13.17 -7.70 -11.61
N VAL A 550 13.37 -6.78 -10.65
CA VAL A 550 14.70 -6.63 -10.04
C VAL A 550 15.13 -7.93 -9.36
N GLU A 551 14.19 -8.57 -8.66
CA GLU A 551 14.48 -9.82 -7.97
C GLU A 551 14.92 -10.91 -8.93
N ARG A 552 14.19 -11.08 -10.04
CA ARG A 552 14.53 -12.10 -11.01
C ARG A 552 15.91 -11.85 -11.60
N TYR A 553 16.20 -10.58 -11.93
CA TYR A 553 17.52 -10.26 -12.48
C TYR A 553 18.63 -10.57 -11.48
N LEU A 554 18.42 -10.23 -10.20
CA LEU A 554 19.45 -10.49 -9.20
C LEU A 554 19.65 -11.98 -8.99
N ARG A 555 18.59 -12.77 -9.01
CA ARG A 555 18.74 -14.21 -8.87
C ARG A 555 19.54 -14.78 -10.05
N ASP A 556 19.23 -14.33 -11.27
CA ASP A 556 20.00 -14.79 -12.42
C ASP A 556 21.48 -14.43 -12.27
N GLN A 557 21.76 -13.20 -11.83
CA GLN A 557 23.14 -12.77 -11.66
C GLN A 557 23.85 -13.58 -10.59
N GLN A 558 23.19 -13.83 -9.45
CA GLN A 558 23.82 -14.58 -8.38
C GLN A 558 24.11 -16.02 -8.80
N LEU A 559 23.14 -16.65 -9.47
CA LEU A 559 23.34 -18.03 -9.90
C LEU A 559 24.43 -18.13 -10.94
N LEU A 560 24.57 -17.10 -11.78
CA LEU A 560 25.71 -17.05 -12.69
C LEU A 560 27.01 -16.76 -11.96
N GLY A 561 26.94 -16.07 -10.81
CA GLY A 561 28.15 -15.65 -10.13
C GLY A 561 28.75 -16.68 -9.20
N ILE A 562 27.93 -17.60 -8.67
CA ILE A 562 28.50 -18.67 -7.87
C ILE A 562 29.39 -19.58 -8.72
N TRP A 563 29.08 -19.71 -10.00
CA TRP A 563 30.03 -20.28 -10.95
C TRP A 563 31.13 -19.27 -11.26
N GLY A 564 32.11 -19.71 -12.03
CA GLY A 564 33.21 -18.84 -12.39
C GLY A 564 32.97 -18.05 -13.66
N CYS A 565 31.76 -17.49 -13.80
CA CYS A 565 31.35 -16.80 -15.02
C CYS A 565 30.61 -15.51 -14.69
N SER A 566 31.12 -14.76 -13.70
CA SER A 566 30.36 -13.64 -13.15
C SER A 566 30.18 -12.51 -14.17
N GLY A 567 31.28 -12.08 -14.79
CA GLY A 567 31.27 -10.86 -15.59
C GLY A 567 31.20 -11.09 -17.09
N LYS A 568 30.76 -12.27 -17.51
CA LYS A 568 30.89 -12.72 -18.89
C LYS A 568 29.57 -13.27 -19.41
N LEU A 569 29.32 -13.03 -20.70
CA LEU A 569 28.13 -13.59 -21.34
C LEU A 569 28.33 -15.07 -21.66
N ILE A 570 29.54 -15.45 -22.07
CA ILE A 570 29.89 -16.83 -22.38
C ILE A 570 31.04 -17.21 -21.47
N CYS A 571 31.11 -18.50 -21.12
CA CYS A 571 32.23 -18.97 -20.32
C CYS A 571 32.39 -20.47 -20.54
N CYS A 572 33.64 -20.92 -20.49
CA CYS A 572 33.97 -22.33 -20.56
C CYS A 572 34.13 -22.88 -19.15
N THR A 573 33.74 -24.13 -18.97
CA THR A 573 33.84 -24.81 -17.68
C THR A 573 34.42 -26.20 -17.89
N ASN A 574 35.04 -26.73 -16.84
CA ASN A 574 35.72 -28.01 -16.90
C ASN A 574 34.82 -29.17 -16.44
N VAL A 575 33.50 -29.00 -16.55
CA VAL A 575 32.56 -30.07 -16.23
C VAL A 575 32.46 -31.01 -17.43
N PRO A 576 32.77 -32.30 -17.31
CA PRO A 576 32.61 -33.18 -18.48
C PRO A 576 31.14 -33.36 -18.84
N TRP A 577 30.89 -33.63 -20.12
CA TRP A 577 29.54 -33.83 -20.64
C TRP A 577 29.19 -35.31 -20.51
N ASN A 578 28.39 -35.64 -19.51
CA ASN A 578 27.97 -37.02 -19.31
C ASN A 578 27.14 -37.48 -20.50
N SER A 579 27.46 -38.66 -21.03
CA SER A 579 26.76 -39.18 -22.18
C SER A 579 25.28 -39.45 -21.90
N SER A 580 24.90 -39.61 -20.63
CA SER A 580 23.51 -39.85 -20.27
C SER A 580 22.61 -38.65 -20.48
N TRP A 581 23.18 -37.46 -20.77
CA TRP A 581 22.40 -36.25 -21.01
C TRP A 581 22.07 -36.05 -22.48
N SER A 582 21.90 -37.13 -23.24
CA SER A 582 21.54 -37.07 -24.66
C SER A 582 22.62 -36.36 -25.48
N ASN A 583 23.81 -36.95 -25.46
CA ASN A 583 24.91 -36.45 -26.28
C ASN A 583 24.60 -36.65 -27.76
N ARG A 584 25.08 -35.71 -28.57
CA ARG A 584 24.84 -35.75 -30.01
C ARG A 584 26.01 -35.08 -30.72
N ASN A 585 26.16 -35.39 -32.00
CA ASN A 585 27.23 -34.79 -32.79
C ASN A 585 27.00 -33.29 -32.91
N LEU A 586 28.07 -32.52 -32.78
CA LEU A 586 27.96 -31.07 -32.63
C LEU A 586 27.29 -30.43 -33.85
N SER A 587 27.50 -31.00 -35.03
CA SER A 587 26.86 -30.46 -36.23
C SER A 587 25.35 -30.56 -36.13
N GLU A 588 24.83 -31.55 -35.43
CA GLU A 588 23.39 -31.72 -35.27
C GLU A 588 22.80 -30.85 -34.17
N ILE A 589 23.63 -30.20 -33.34
CA ILE A 589 23.15 -29.32 -32.29
C ILE A 589 23.27 -27.87 -32.75
N TRP A 590 24.48 -27.46 -33.14
CA TRP A 590 24.74 -26.06 -33.43
C TRP A 590 24.29 -25.62 -34.82
N ASP A 591 23.84 -26.55 -35.68
CA ASP A 591 23.38 -26.21 -37.02
C ASP A 591 22.04 -26.84 -37.39
N ASN A 592 21.42 -27.61 -36.50
CA ASN A 592 20.16 -28.30 -36.80
C ASN A 592 19.19 -28.20 -35.62
N MET A 593 19.31 -27.15 -34.81
CA MET A 593 18.44 -26.99 -33.66
C MET A 593 18.40 -25.51 -33.29
N THR A 594 17.40 -25.16 -32.48
CA THR A 594 17.23 -23.82 -31.94
C THR A 594 17.16 -23.91 -30.42
N TRP A 595 17.41 -22.78 -29.76
CA TRP A 595 17.55 -22.78 -28.30
C TRP A 595 16.25 -23.19 -27.61
N LEU A 596 15.10 -22.77 -28.14
CA LEU A 596 13.83 -23.20 -27.58
C LEU A 596 13.67 -24.71 -27.66
N GLN A 597 14.09 -25.30 -28.77
CA GLN A 597 14.00 -26.75 -28.92
C GLN A 597 15.04 -27.47 -28.06
N TRP A 598 16.20 -26.86 -27.86
CA TRP A 598 17.22 -27.49 -27.02
C TRP A 598 16.78 -27.52 -25.56
N ASP A 599 16.31 -26.38 -25.04
CA ASP A 599 15.92 -26.32 -23.64
C ASP A 599 14.76 -27.25 -23.34
N LYS A 600 13.92 -27.53 -24.34
CA LYS A 600 12.83 -28.49 -24.16
C LYS A 600 13.34 -29.92 -23.96
N GLU A 601 14.56 -30.21 -24.40
CA GLU A 601 15.11 -31.56 -24.31
C GLU A 601 15.86 -31.81 -23.00
N ILE A 602 16.65 -30.83 -22.55
CA ILE A 602 17.50 -30.99 -21.37
C ILE A 602 16.82 -30.46 -20.10
N SER A 603 15.50 -30.27 -20.14
CA SER A 603 14.81 -29.67 -19.00
C SER A 603 14.87 -30.54 -17.74
N ASN A 604 15.09 -31.84 -17.89
CA ASN A 604 15.14 -32.73 -16.73
C ASN A 604 16.48 -32.67 -16.01
N TYR A 605 17.57 -32.40 -16.72
CA TYR A 605 18.92 -32.44 -16.17
C TYR A 605 19.44 -31.06 -15.77
N THR A 606 18.60 -30.03 -15.78
CA THR A 606 19.10 -28.69 -15.48
C THR A 606 19.61 -28.59 -14.05
N GLN A 607 18.88 -29.16 -13.10
CA GLN A 607 19.30 -29.08 -11.71
C GLN A 607 20.59 -29.84 -11.44
N ILE A 608 20.75 -31.01 -12.06
CA ILE A 608 21.97 -31.79 -11.87
C ILE A 608 23.17 -31.03 -12.45
N ILE A 609 23.01 -30.45 -13.64
CA ILE A 609 24.11 -29.71 -14.25
C ILE A 609 24.44 -28.47 -13.43
N TYR A 610 23.42 -27.78 -12.91
CA TYR A 610 23.68 -26.62 -12.08
C TYR A 610 24.41 -26.99 -10.80
N GLY A 611 23.99 -28.10 -10.17
CA GLY A 611 24.70 -28.58 -8.99
C GLY A 611 26.14 -28.92 -9.28
N LEU A 612 26.39 -29.60 -10.40
CA LEU A 612 27.76 -29.92 -10.79
C LEU A 612 28.57 -28.66 -11.01
N LEU A 613 28.01 -27.68 -11.72
CA LEU A 613 28.77 -26.46 -12.00
C LEU A 613 29.11 -25.71 -10.73
N GLU A 614 28.16 -25.64 -9.77
CA GLU A 614 28.43 -24.87 -8.56
C GLU A 614 29.34 -25.61 -7.58
N GLU A 615 29.33 -26.94 -7.58
CA GLU A 615 30.13 -27.71 -6.63
C GLU A 615 31.45 -28.19 -7.20
N SER A 616 31.42 -28.97 -8.28
CA SER A 616 32.62 -29.63 -8.79
C SER A 616 33.66 -28.65 -9.30
N GLN A 617 33.26 -27.42 -9.65
CA GLN A 617 34.17 -26.48 -10.32
C GLN A 617 34.57 -25.32 -9.43
N ASN A 618 33.62 -24.50 -8.99
CA ASN A 618 34.02 -23.21 -8.42
C ASN A 618 34.65 -23.38 -7.05
N GLN A 619 34.03 -24.17 -6.17
CA GLN A 619 34.57 -24.33 -4.84
C GLN A 619 35.92 -25.03 -4.88
N GLN A 620 36.00 -26.13 -5.62
CA GLN A 620 37.26 -26.86 -5.74
C GLN A 620 38.33 -26.01 -6.41
N GLU A 621 37.97 -25.29 -7.46
CA GLU A 621 38.94 -24.45 -8.16
C GLU A 621 39.48 -23.36 -7.26
N LYS A 622 38.59 -22.66 -6.54
CA LYS A 622 39.06 -21.58 -5.67
C LYS A 622 39.92 -22.11 -4.53
N ASN A 623 39.52 -23.25 -3.92
CA ASN A 623 40.33 -23.79 -2.83
C ASN A 623 41.69 -24.26 -3.34
N GLU A 624 41.73 -24.91 -4.50
CA GLU A 624 43.01 -25.38 -5.04
C GLU A 624 43.89 -24.21 -5.43
N GLN A 625 43.31 -23.14 -5.99
CA GLN A 625 44.09 -21.95 -6.31
C GLN A 625 44.63 -21.29 -5.05
N ASP A 626 43.82 -21.27 -3.98
CA ASP A 626 44.30 -20.75 -2.71
C ASP A 626 45.47 -21.56 -2.19
N LEU A 627 45.42 -22.88 -2.32
CA LEU A 627 46.55 -23.71 -1.93
C LEU A 627 47.75 -23.53 -2.85
N LEU A 628 47.52 -23.12 -4.10
CA LEU A 628 48.63 -22.90 -5.04
C LEU A 628 49.35 -21.59 -4.75
N ALA A 629 48.62 -20.55 -4.35
CA ALA A 629 49.21 -19.22 -4.18
C ALA A 629 50.15 -19.13 -2.98
N LEU A 630 50.22 -20.15 -2.14
CA LEU A 630 51.11 -20.11 -0.98
C LEU A 630 52.57 -19.99 -1.36
N ASP A 631 52.94 -20.41 -2.58
CA ASP A 631 54.31 -20.33 -3.06
C ASP A 631 54.38 -19.84 -4.50
N LEU B 1 42.18 7.86 -30.31
CA LEU B 1 41.93 6.84 -31.39
C LEU B 1 40.87 5.82 -30.97
N TRP B 2 41.02 5.26 -29.77
CA TRP B 2 40.20 4.16 -29.29
C TRP B 2 39.37 4.61 -28.09
N VAL B 3 38.11 4.18 -28.06
CA VAL B 3 37.19 4.57 -27.00
C VAL B 3 37.70 4.04 -25.66
N THR B 4 37.43 4.79 -24.59
CA THR B 4 37.67 4.32 -23.24
C THR B 4 36.51 4.77 -22.35
N VAL B 5 36.06 3.85 -21.49
CA VAL B 5 34.87 4.04 -20.68
C VAL B 5 35.30 4.40 -19.26
N TYR B 6 34.68 5.43 -18.69
CA TYR B 6 34.96 5.92 -17.35
C TYR B 6 33.70 5.82 -16.52
N TYR B 7 33.81 5.26 -15.31
CA TYR B 7 32.70 5.12 -14.40
C TYR B 7 32.93 6.02 -13.20
N GLY B 8 31.96 6.90 -12.93
CA GLY B 8 32.03 7.81 -11.81
C GLY B 8 32.58 9.19 -12.16
N VAL B 9 32.06 9.78 -13.24
CA VAL B 9 32.49 11.12 -13.64
C VAL B 9 31.64 12.15 -12.90
N PRO B 10 32.14 13.39 -12.65
CA PRO B 10 31.26 14.43 -12.12
C PRO B 10 30.32 15.02 -13.16
N VAL B 11 29.17 14.38 -13.36
CA VAL B 11 28.17 14.83 -14.33
C VAL B 11 26.78 14.76 -13.69
N TRP B 12 25.95 15.75 -13.97
CA TRP B 12 24.58 15.78 -13.45
C TRP B 12 23.65 16.40 -14.49
N LYS B 13 22.37 16.08 -14.38
CA LYS B 13 21.32 16.68 -15.19
C LYS B 13 20.09 16.90 -14.33
N ASP B 14 19.30 17.90 -14.72
CA ASP B 14 18.10 18.25 -13.96
C ASP B 14 17.06 17.12 -14.04
N ALA B 15 16.34 16.93 -12.94
CA ALA B 15 15.29 15.91 -12.88
C ALA B 15 14.46 16.15 -11.64
N GLU B 16 13.37 15.39 -11.54
CA GLU B 16 12.47 15.39 -10.39
C GLU B 16 12.38 13.98 -9.82
N THR B 17 12.29 13.89 -8.49
CA THR B 17 12.28 12.60 -7.82
C THR B 17 11.49 12.71 -6.53
N THR B 18 11.23 11.55 -5.92
CA THR B 18 10.44 11.47 -4.70
C THR B 18 11.36 11.64 -3.50
N LEU B 19 11.27 12.80 -2.85
CA LEU B 19 12.05 13.09 -1.65
C LEU B 19 11.34 12.55 -0.41
N PHE B 20 12.13 12.24 0.61
CA PHE B 20 11.61 11.70 1.87
C PHE B 20 12.07 12.57 3.03
N CYS B 21 11.26 12.57 4.07
CA CYS B 21 11.50 13.41 5.25
C CYS B 21 12.60 12.83 6.14
N ALA B 22 13.37 13.73 6.73
CA ALA B 22 14.30 13.40 7.81
C ALA B 22 14.18 14.48 8.87
N SER B 23 14.27 14.09 10.14
CA SER B 23 14.08 15.02 11.23
C SER B 23 14.85 14.54 12.45
N ASP B 24 14.93 15.40 13.47
CA ASP B 24 15.65 15.11 14.71
C ASP B 24 14.82 14.12 15.51
N ALA B 25 15.17 12.83 15.36
CA ALA B 25 14.42 11.78 16.04
C ALA B 25 14.73 11.71 17.53
N LYS B 26 15.87 12.24 17.97
CA LYS B 26 16.21 12.15 19.38
C LYS B 26 15.30 13.02 20.24
N ALA B 27 14.78 14.12 19.69
CA ALA B 27 13.90 14.98 20.48
C ALA B 27 12.61 14.27 20.86
N TYR B 28 12.01 13.53 19.92
CA TYR B 28 10.74 12.84 20.12
C TYR B 28 10.92 11.33 20.27
N GLU B 29 12.15 10.86 20.55
CA GLU B 29 12.31 9.45 20.91
C GLU B 29 11.54 9.13 22.18
N THR B 30 11.59 10.03 23.17
CA THR B 30 10.64 10.01 24.27
C THR B 30 9.34 10.65 23.79
N GLU B 31 8.25 9.90 23.84
CA GLU B 31 7.03 10.31 23.17
C GLU B 31 6.43 11.57 23.79
N LYS B 32 5.71 12.31 22.96
CA LYS B 32 5.01 13.53 23.37
C LYS B 32 3.66 13.50 22.66
N HIS B 33 2.99 14.65 22.58
CA HIS B 33 1.77 14.76 21.80
C HIS B 33 2.05 14.35 20.36
N ASN B 34 1.13 13.59 19.78
CA ASN B 34 1.31 13.09 18.42
C ASN B 34 1.21 14.26 17.46
N VAL B 35 2.37 14.77 17.02
CA VAL B 35 2.38 15.96 16.19
C VAL B 35 1.71 15.66 14.86
N TRP B 36 1.23 16.73 14.20
CA TRP B 36 0.45 16.56 12.97
C TRP B 36 1.27 15.94 11.86
N ALA B 37 2.54 16.33 11.73
CA ALA B 37 3.35 15.99 10.55
C ALA B 37 4.54 15.10 10.88
N THR B 38 5.44 15.54 11.76
CA THR B 38 6.77 14.94 11.85
C THR B 38 6.71 13.66 12.66
N HIS B 39 6.56 12.53 11.97
CA HIS B 39 6.76 11.23 12.57
C HIS B 39 7.05 10.23 11.46
N ALA B 40 7.78 9.18 11.83
CA ALA B 40 8.23 8.12 10.92
C ALA B 40 9.30 8.56 9.95
N CYS B 41 9.81 9.79 10.07
CA CYS B 41 10.92 10.22 9.25
C CYS B 41 12.19 9.49 9.65
N VAL B 42 13.10 9.33 8.70
CA VAL B 42 14.39 8.68 9.04
C VAL B 42 15.15 9.61 10.00
N PRO B 43 15.92 9.09 10.96
CA PRO B 43 16.73 9.99 11.79
C PRO B 43 17.74 10.75 10.94
N THR B 44 17.94 12.03 11.29
CA THR B 44 18.85 12.87 10.54
C THR B 44 20.29 12.52 10.87
N ASP B 45 21.18 12.87 9.94
CA ASP B 45 22.61 12.68 10.18
C ASP B 45 23.06 13.61 11.29
N PRO B 46 23.72 13.12 12.35
CA PRO B 46 24.26 14.05 13.36
C PRO B 46 25.29 15.02 12.81
N ASN B 47 25.97 14.68 11.71
CA ASN B 47 27.02 15.52 11.11
C ASN B 47 26.74 15.66 9.63
N PRO B 48 25.83 16.55 9.23
CA PRO B 48 25.60 16.79 7.80
C PRO B 48 26.86 17.29 7.11
N GLN B 49 27.01 16.90 5.85
CA GLN B 49 28.18 17.21 5.04
C GLN B 49 27.79 18.15 3.92
N GLU B 50 28.51 19.26 3.80
CA GLU B 50 28.36 20.22 2.70
C GLU B 50 29.70 20.38 2.00
N ILE B 51 29.69 20.18 0.69
CA ILE B 51 30.90 20.17 -0.12
C ILE B 51 30.80 21.28 -1.15
N HIS B 52 31.84 22.10 -1.25
CA HIS B 52 31.87 23.24 -2.17
C HIS B 52 32.45 22.82 -3.50
N LEU B 53 31.85 23.32 -4.59
CA LEU B 53 32.29 23.04 -5.95
C LEU B 53 33.16 24.19 -6.44
N GLU B 54 34.32 23.85 -7.02
CA GLU B 54 35.40 24.81 -7.14
C GLU B 54 35.07 25.92 -8.14
N ASN B 55 34.59 25.55 -9.34
CA ASN B 55 34.50 26.50 -10.46
C ASN B 55 33.15 26.50 -11.16
N VAL B 56 32.19 25.68 -10.75
CA VAL B 56 30.95 25.56 -11.50
C VAL B 56 30.09 26.80 -11.30
N THR B 57 29.21 27.05 -12.28
CA THR B 57 28.25 28.16 -12.24
C THR B 57 26.92 27.60 -12.75
N GLU B 58 26.10 27.12 -11.81
CA GLU B 58 24.84 26.47 -12.13
C GLU B 58 23.72 27.49 -12.29
N GLU B 59 22.72 27.12 -13.10
CA GLU B 59 21.55 27.95 -13.33
C GLU B 59 20.41 27.48 -12.45
N PHE B 60 19.82 28.41 -11.69
CA PHE B 60 18.71 28.13 -10.80
C PHE B 60 17.45 28.81 -11.31
N ASN B 61 16.31 28.39 -10.77
CA ASN B 61 15.02 29.01 -11.09
C ASN B 61 14.08 28.78 -9.93
N MET B 62 13.64 29.86 -9.28
CA MET B 62 12.80 29.74 -8.10
C MET B 62 11.38 29.31 -8.46
N TRP B 63 10.81 29.92 -9.49
CA TRP B 63 9.36 29.89 -9.70
C TRP B 63 8.88 28.66 -10.47
N LYS B 64 9.78 27.77 -10.92
CA LYS B 64 9.40 26.51 -11.55
C LYS B 64 10.06 25.33 -10.85
N ASN B 65 10.35 25.48 -9.57
CA ASN B 65 10.89 24.38 -8.78
C ASN B 65 9.79 23.37 -8.46
N ASN B 66 10.17 22.09 -8.42
CA ASN B 66 9.22 21.03 -8.12
C ASN B 66 9.15 20.67 -6.65
N MET B 67 10.20 20.99 -5.88
CA MET B 67 10.20 20.69 -4.46
C MET B 67 9.08 21.43 -3.74
N VAL B 68 8.70 22.61 -4.22
CA VAL B 68 7.60 23.35 -3.60
C VAL B 68 6.30 22.58 -3.76
N GLU B 69 6.03 22.08 -4.98
CA GLU B 69 4.81 21.33 -5.21
C GLU B 69 4.80 20.04 -4.39
N GLN B 70 5.95 19.35 -4.33
CA GLN B 70 6.02 18.14 -3.50
C GLN B 70 5.74 18.46 -2.03
N MET B 71 6.31 19.55 -1.53
CA MET B 71 6.08 19.95 -0.14
C MET B 71 4.60 20.24 0.10
N HIS B 72 3.97 20.98 -0.82
CA HIS B 72 2.57 21.34 -0.64
C HIS B 72 1.68 20.10 -0.63
N THR B 73 1.93 19.16 -1.56
CA THR B 73 1.13 17.94 -1.59
C THR B 73 1.35 17.12 -0.32
N ASP B 74 2.59 17.05 0.16
CA ASP B 74 2.87 16.31 1.39
C ASP B 74 2.12 16.91 2.57
N ILE B 75 2.14 18.24 2.71
CA ILE B 75 1.45 18.88 3.83
C ILE B 75 -0.05 18.65 3.74
N ILE B 76 -0.63 18.78 2.55
CA ILE B 76 -2.07 18.57 2.38
C ILE B 76 -2.44 17.14 2.79
N SER B 77 -1.68 16.16 2.30
CA SER B 77 -2.01 14.77 2.61
C SER B 77 -1.82 14.47 4.09
N LEU B 78 -0.79 15.05 4.72
CA LEU B 78 -0.59 14.85 6.16
C LEU B 78 -1.77 15.42 6.95
N TRP B 79 -2.25 16.61 6.57
CA TRP B 79 -3.39 17.18 7.28
C TRP B 79 -4.63 16.30 7.12
N ASP B 80 -4.89 15.84 5.89
CA ASP B 80 -6.06 14.99 5.67
C ASP B 80 -5.94 13.69 6.45
N GLN B 81 -4.74 13.12 6.52
CA GLN B 81 -4.53 11.92 7.32
C GLN B 81 -4.76 12.19 8.80
N SER B 82 -4.32 13.34 9.29
CA SER B 82 -4.48 13.66 10.71
C SER B 82 -5.95 13.83 11.08
N LEU B 83 -6.76 14.44 10.21
CA LEU B 83 -8.14 14.73 10.60
C LEU B 83 -9.04 13.50 10.62
N LYS B 84 -8.71 12.46 9.85
CA LYS B 84 -9.65 11.36 9.63
C LYS B 84 -10.03 10.59 10.90
N PRO B 85 -9.11 10.14 11.75
CA PRO B 85 -9.48 9.12 12.76
C PRO B 85 -10.53 9.55 13.76
N CYS B 86 -10.62 10.83 14.12
CA CYS B 86 -11.40 11.26 15.28
C CYS B 86 -12.75 11.84 14.87
N VAL B 87 -13.47 12.41 15.86
CA VAL B 87 -14.92 12.51 15.81
C VAL B 87 -15.42 13.36 14.64
N LYS B 88 -16.58 12.98 14.12
CA LYS B 88 -17.33 13.77 13.15
C LYS B 88 -18.53 14.40 13.85
N LEU B 89 -18.73 15.70 13.64
CA LEU B 89 -19.78 16.48 14.30
C LEU B 89 -21.00 16.67 13.41
N THR B 90 -21.35 15.63 12.65
CA THR B 90 -22.58 15.67 11.85
C THR B 90 -23.83 16.02 12.65
N PRO B 91 -24.11 15.46 13.82
CA PRO B 91 -25.36 15.78 14.52
C PRO B 91 -25.38 17.11 15.26
N LEU B 92 -24.41 18.00 15.01
CA LEU B 92 -24.38 19.29 15.67
C LEU B 92 -25.10 20.39 14.90
N CYS B 93 -25.32 20.20 13.59
CA CYS B 93 -26.03 21.21 12.81
C CYS B 93 -27.49 21.26 13.24
N VAL B 94 -27.80 22.15 14.19
CA VAL B 94 -29.14 22.27 14.75
C VAL B 94 -29.43 23.75 14.92
N THR B 95 -30.72 24.10 14.88
CA THR B 95 -31.14 25.47 15.15
C THR B 95 -30.77 25.85 16.58
N LEU B 96 -30.04 26.95 16.73
CA LEU B 96 -29.51 27.39 18.00
C LEU B 96 -30.36 28.51 18.57
N GLN B 97 -30.25 28.72 19.88
CA GLN B 97 -30.88 29.83 20.58
C GLN B 97 -29.77 30.62 21.29
N CYS B 98 -29.39 31.76 20.74
CA CYS B 98 -28.20 32.49 21.14
C CYS B 98 -28.55 33.89 21.61
N THR B 99 -27.89 34.31 22.69
CA THR B 99 -28.01 35.66 23.21
C THR B 99 -26.63 36.16 23.57
N ASN B 100 -26.47 37.49 23.59
CA ASN B 100 -25.18 38.08 23.92
C ASN B 100 -24.74 37.69 25.32
N VAL B 101 -23.44 37.42 25.46
CA VAL B 101 -22.89 37.14 26.78
C VAL B 101 -22.85 38.43 27.57
N THR B 102 -22.78 38.29 28.91
CA THR B 102 -22.65 39.41 29.83
C THR B 102 -21.29 39.29 30.53
N ASN B 103 -20.33 40.07 30.05
CA ASN B 103 -18.98 40.05 30.60
C ASN B 103 -18.98 40.76 31.95
N ASN B 104 -17.80 40.89 32.56
CA ASN B 104 -17.67 41.52 33.87
C ASN B 104 -17.58 43.05 33.68
N ILE B 105 -18.69 43.61 33.18
CA ILE B 105 -18.91 45.03 32.95
C ILE B 105 -17.71 45.71 32.28
N THR B 106 -17.30 45.17 31.13
CA THR B 106 -16.25 45.76 30.31
C THR B 106 -16.67 45.69 28.85
N ASP B 107 -16.60 46.82 28.16
CA ASP B 107 -17.22 47.02 26.86
C ASP B 107 -16.20 46.91 25.73
N ASP B 108 -16.65 47.21 24.52
CA ASP B 108 -15.91 47.20 23.25
C ASP B 108 -15.74 45.79 22.68
N MET B 109 -16.34 44.76 23.28
CA MET B 109 -16.35 43.41 22.73
C MET B 109 -17.73 42.78 22.93
N ARG B 110 -18.75 43.60 23.18
CA ARG B 110 -20.06 43.08 23.59
C ARG B 110 -20.70 42.23 22.50
N GLY B 111 -20.51 42.58 21.24
CA GLY B 111 -21.23 41.96 20.15
C GLY B 111 -20.58 40.75 19.52
N GLU B 112 -19.47 40.23 20.07
CA GLU B 112 -18.69 39.22 19.39
C GLU B 112 -18.89 37.80 19.93
N LEU B 113 -19.23 37.64 21.21
CA LEU B 113 -19.43 36.34 21.83
C LEU B 113 -20.92 36.07 22.01
N LYS B 114 -21.34 34.87 21.63
CA LYS B 114 -22.71 34.40 21.79
C LYS B 114 -22.75 33.29 22.82
N ASN B 115 -23.97 32.99 23.29
CA ASN B 115 -24.21 31.95 24.28
C ASN B 115 -25.23 30.95 23.76
N CYS B 116 -24.98 30.42 22.56
CA CYS B 116 -25.92 29.52 21.91
C CYS B 116 -26.23 28.30 22.77
N SER B 117 -27.51 27.97 22.87
CA SER B 117 -28.00 26.77 23.54
C SER B 117 -28.92 26.02 22.61
N PHE B 118 -28.85 24.70 22.63
CA PHE B 118 -29.45 23.88 21.58
C PHE B 118 -29.73 22.49 22.13
N ASN B 119 -30.36 21.66 21.30
CA ASN B 119 -30.64 20.27 21.62
C ASN B 119 -29.58 19.39 20.97
N MET B 120 -29.11 18.40 21.72
CA MET B 120 -28.08 17.48 21.26
C MET B 120 -28.45 16.07 21.68
N THR B 121 -28.07 15.09 20.85
CA THR B 121 -28.37 13.71 21.14
C THR B 121 -27.58 13.24 22.36
N THR B 122 -27.88 12.01 22.81
CA THR B 122 -27.23 11.42 23.96
C THR B 122 -26.88 9.96 23.67
N GLU B 123 -26.53 9.21 24.72
CA GLU B 123 -26.16 7.81 24.53
C GLU B 123 -27.31 7.02 23.92
N LEU B 124 -28.49 7.16 24.51
CA LEU B 124 -29.67 6.41 24.09
C LEU B 124 -30.38 7.18 23.00
N ARG B 125 -30.66 6.50 21.88
CA ARG B 125 -31.27 7.17 20.73
C ARG B 125 -32.65 7.72 21.04
N ASP B 126 -33.35 7.16 22.02
CA ASP B 126 -34.72 7.57 22.31
C ASP B 126 -34.83 8.89 23.05
N LYS B 127 -33.73 9.43 23.58
CA LYS B 127 -33.74 10.62 24.43
C LYS B 127 -32.89 11.72 23.82
N LYS B 128 -33.20 12.95 24.22
CA LYS B 128 -32.49 14.14 23.79
C LYS B 128 -31.91 14.85 25.01
N GLN B 129 -30.93 15.71 24.75
CA GLN B 129 -30.18 16.42 25.79
C GLN B 129 -30.23 17.92 25.51
N LYS B 130 -30.18 18.69 26.59
CA LYS B 130 -30.15 20.15 26.52
C LYS B 130 -28.79 20.61 27.03
N VAL B 131 -28.09 21.39 26.20
CA VAL B 131 -26.72 21.82 26.47
C VAL B 131 -26.59 23.28 26.08
N TYR B 132 -25.40 23.83 26.28
CA TYR B 132 -25.10 25.19 25.87
C TYR B 132 -23.61 25.31 25.60
N SER B 133 -23.25 26.30 24.79
CA SER B 133 -21.87 26.54 24.43
C SER B 133 -21.72 27.98 23.96
N LEU B 134 -20.48 28.46 23.95
CA LEU B 134 -20.16 29.81 23.52
C LEU B 134 -19.52 29.75 22.13
N PHE B 135 -20.10 30.50 21.19
CA PHE B 135 -19.60 30.61 19.83
C PHE B 135 -19.29 32.06 19.52
N TYR B 136 -18.27 32.28 18.71
CA TYR B 136 -17.93 33.61 18.24
C TYR B 136 -18.88 34.01 17.12
N ARG B 137 -19.06 35.33 16.94
CA ARG B 137 -19.97 35.81 15.91
C ARG B 137 -19.53 35.36 14.51
N LEU B 138 -18.22 35.23 14.29
CA LEU B 138 -17.73 34.79 12.99
C LEU B 138 -17.91 33.30 12.77
N ASP B 139 -18.26 32.54 13.80
CA ASP B 139 -18.53 31.12 13.68
C ASP B 139 -20.00 30.79 13.46
N VAL B 140 -20.90 31.70 13.85
CA VAL B 140 -22.35 31.44 13.86
C VAL B 140 -23.02 32.48 12.96
N VAL B 141 -23.94 32.01 12.11
CA VAL B 141 -24.65 32.85 11.15
C VAL B 141 -26.14 32.76 11.41
N GLN B 142 -26.83 33.86 11.15
CA GLN B 142 -28.27 33.95 11.41
C GLN B 142 -29.07 33.21 10.35
N ILE B 143 -30.21 32.67 10.78
CA ILE B 143 -31.20 32.05 9.91
C ILE B 143 -32.51 32.79 10.13
N ASN B 144 -33.13 33.25 9.05
CA ASN B 144 -34.33 34.09 9.13
C ASN B 144 -35.41 33.57 8.19
N SER B 154 -38.24 34.79 22.16
CA SER B 154 -38.26 35.79 21.06
C SER B 154 -36.86 36.12 20.55
N ASN B 155 -35.83 35.80 21.33
CA ASN B 155 -34.45 36.01 20.89
C ASN B 155 -34.17 35.20 19.64
N LYS B 156 -33.42 35.80 18.72
CA LYS B 156 -33.26 35.22 17.40
C LYS B 156 -32.46 33.93 17.46
N GLU B 157 -32.66 33.10 16.43
CA GLU B 157 -32.08 31.77 16.35
C GLU B 157 -31.11 31.70 15.17
N TYR B 158 -30.03 30.95 15.34
CA TYR B 158 -28.91 30.93 14.42
C TYR B 158 -28.59 29.49 14.03
N ARG B 159 -27.63 29.33 13.12
CA ARG B 159 -27.05 28.04 12.78
C ARG B 159 -25.54 28.22 12.65
N LEU B 160 -24.83 27.10 12.50
CA LEU B 160 -23.39 27.21 12.25
C LEU B 160 -23.14 27.65 10.80
N ILE B 161 -21.93 28.19 10.59
CA ILE B 161 -21.65 28.88 9.34
C ILE B 161 -21.59 27.90 8.17
N ASN B 162 -21.04 26.69 8.39
CA ASN B 162 -20.76 25.76 7.30
C ASN B 162 -21.81 24.69 7.13
N CYS B 163 -22.95 24.77 7.82
CA CYS B 163 -23.94 23.69 7.72
C CYS B 163 -24.46 23.53 6.30
N ASN B 164 -24.46 24.61 5.51
CA ASN B 164 -24.95 24.57 4.13
C ASN B 164 -23.84 24.40 3.09
N THR B 165 -22.59 24.21 3.51
CA THR B 165 -21.47 23.97 2.58
C THR B 165 -20.77 22.65 2.82
N SER B 166 -20.41 22.33 4.07
CA SER B 166 -19.51 21.20 4.32
C SER B 166 -19.77 20.66 5.73
N ALA B 167 -19.30 19.45 5.96
CA ALA B 167 -19.42 18.79 7.25
C ALA B 167 -18.36 19.34 8.19
N CYS B 168 -18.24 18.75 9.39
CA CYS B 168 -17.24 19.14 10.37
C CYS B 168 -16.66 17.90 11.02
N THR B 169 -15.33 17.87 11.14
CA THR B 169 -14.62 16.85 11.91
C THR B 169 -13.74 17.59 12.91
N GLN B 170 -14.11 17.56 14.18
CA GLN B 170 -13.33 18.27 15.18
C GLN B 170 -11.93 17.68 15.25
N ALA B 171 -10.94 18.55 15.44
CA ALA B 171 -9.56 18.10 15.53
C ALA B 171 -9.40 17.15 16.71
N CYS B 172 -8.56 16.14 16.52
CA CYS B 172 -8.29 15.20 17.60
C CYS B 172 -7.62 15.97 18.74
N PRO B 173 -8.17 15.94 19.96
CA PRO B 173 -7.62 16.84 21.00
C PRO B 173 -6.19 16.50 21.40
N LYS B 174 -5.72 15.28 21.15
CA LYS B 174 -4.39 14.90 21.59
C LYS B 174 -3.29 15.46 20.70
N VAL B 175 -3.54 15.58 19.40
CA VAL B 175 -2.49 16.08 18.50
C VAL B 175 -2.25 17.56 18.77
N SER B 176 -1.15 18.08 18.21
CA SER B 176 -0.75 19.47 18.37
C SER B 176 -0.30 20.01 17.03
N PHE B 177 -0.80 21.20 16.67
CA PHE B 177 -0.43 21.86 15.43
C PHE B 177 0.77 22.78 15.67
N GLU B 178 1.85 22.18 16.17
CA GLU B 178 3.08 22.91 16.44
C GLU B 178 4.02 22.72 15.26
N PRO B 179 4.35 23.75 14.47
CA PRO B 179 5.35 23.54 13.41
C PRO B 179 6.70 23.19 14.00
N ILE B 180 7.31 22.16 13.43
CA ILE B 180 8.66 21.74 13.84
C ILE B 180 9.43 21.28 12.61
N PRO B 181 10.75 21.50 12.60
CA PRO B 181 11.48 21.41 11.33
C PRO B 181 11.53 20.01 10.76
N ILE B 182 11.57 19.95 9.43
CA ILE B 182 11.73 18.70 8.69
C ILE B 182 12.75 18.93 7.59
N HIS B 183 13.44 17.86 7.20
CA HIS B 183 14.47 17.88 6.17
C HIS B 183 14.02 17.00 5.02
N TYR B 184 13.98 17.55 3.81
CA TYR B 184 13.62 16.80 2.61
C TYR B 184 14.87 16.25 1.97
N CYS B 185 15.05 14.93 2.01
CA CYS B 185 16.25 14.28 1.50
C CYS B 185 15.90 13.35 0.34
N ALA B 186 16.74 13.41 -0.70
CA ALA B 186 16.58 12.72 -1.97
C ALA B 186 17.16 11.32 -1.89
N PRO B 187 16.73 10.40 -2.77
CA PRO B 187 17.32 9.06 -2.75
C PRO B 187 18.79 9.08 -3.14
N ALA B 188 19.45 7.96 -2.86
CA ALA B 188 20.83 7.80 -3.30
C ALA B 188 20.89 7.81 -4.82
N GLY B 189 21.93 8.44 -5.34
CA GLY B 189 22.07 8.66 -6.77
C GLY B 189 21.62 10.03 -7.24
N PHE B 190 20.86 10.75 -6.41
CA PHE B 190 20.45 12.12 -6.67
C PHE B 190 21.14 13.03 -5.66
N ALA B 191 21.36 14.28 -6.05
CA ALA B 191 21.97 15.29 -5.20
C ALA B 191 21.18 16.58 -5.30
N ILE B 192 21.16 17.34 -4.20
CA ILE B 192 20.43 18.58 -4.09
C ILE B 192 21.46 19.70 -4.01
N LEU B 193 21.51 20.54 -5.04
CA LEU B 193 22.44 21.67 -5.04
C LEU B 193 21.93 22.77 -4.12
N LYS B 194 22.79 23.75 -3.87
CA LYS B 194 22.49 24.83 -2.93
C LYS B 194 23.16 26.10 -3.41
N CYS B 195 22.38 27.03 -3.94
CA CYS B 195 22.92 28.36 -4.28
C CYS B 195 23.42 29.03 -3.01
N LYS B 196 24.62 29.62 -3.09
CA LYS B 196 25.34 30.06 -1.91
C LYS B 196 25.66 31.55 -1.88
N ASP B 197 25.69 32.24 -3.02
CA ASP B 197 26.04 33.65 -3.02
C ASP B 197 24.94 34.46 -2.33
N LYS B 198 25.33 35.64 -1.83
CA LYS B 198 24.48 36.43 -0.95
C LYS B 198 23.60 37.43 -1.67
N LYS B 199 23.57 37.42 -3.01
CA LYS B 199 22.76 38.34 -3.79
C LYS B 199 22.01 37.59 -4.89
N PHE B 200 21.46 36.42 -4.53
CA PHE B 200 20.68 35.62 -5.47
C PHE B 200 19.26 36.15 -5.49
N ASN B 201 18.85 36.73 -6.62
CA ASN B 201 17.55 37.35 -6.76
C ASN B 201 16.46 36.38 -7.21
N GLY B 202 16.69 35.07 -7.09
CA GLY B 202 15.68 34.06 -7.34
C GLY B 202 15.85 33.33 -8.66
N THR B 203 16.50 33.97 -9.65
CA THR B 203 16.73 33.36 -10.95
C THR B 203 18.13 33.73 -11.43
N GLY B 204 18.54 33.10 -12.52
CA GLY B 204 19.83 33.36 -13.12
C GLY B 204 20.93 32.50 -12.51
N PRO B 205 22.15 32.64 -13.01
CA PRO B 205 23.25 31.81 -12.52
C PRO B 205 23.61 32.12 -11.08
N CYS B 206 24.08 31.10 -10.38
CA CYS B 206 24.62 31.20 -9.03
C CYS B 206 26.11 30.83 -9.09
N PRO B 207 27.02 31.81 -9.18
CA PRO B 207 28.44 31.46 -9.32
C PRO B 207 29.02 30.66 -8.16
N SER B 208 28.39 30.67 -6.99
CA SER B 208 28.81 29.85 -5.86
C SER B 208 27.75 28.79 -5.63
N VAL B 209 28.16 27.51 -5.68
CA VAL B 209 27.26 26.38 -5.52
C VAL B 209 27.92 25.40 -4.55
N SER B 210 27.07 24.64 -3.87
CA SER B 210 27.53 23.65 -2.91
C SER B 210 26.57 22.47 -2.89
N THR B 211 27.13 21.26 -2.88
CA THR B 211 26.33 20.04 -2.85
C THR B 211 26.13 19.62 -1.41
N VAL B 212 24.87 19.36 -1.05
CA VAL B 212 24.49 18.83 0.25
C VAL B 212 23.61 17.62 0.01
N GLN B 213 23.73 16.62 0.89
CA GLN B 213 22.88 15.44 0.75
C GLN B 213 21.41 15.83 0.90
N CYS B 214 21.09 16.68 1.87
CA CYS B 214 19.73 17.19 1.97
C CYS B 214 19.71 18.43 2.86
N THR B 215 18.50 18.97 3.05
CA THR B 215 18.29 20.34 3.44
C THR B 215 18.43 20.52 4.94
N HIS B 216 18.28 21.77 5.39
CA HIS B 216 18.24 22.10 6.80
C HIS B 216 16.79 22.01 7.28
N GLY B 217 16.54 22.45 8.51
CA GLY B 217 15.22 22.36 9.08
C GLY B 217 14.25 23.37 8.51
N ILE B 218 13.20 22.88 7.86
CA ILE B 218 12.16 23.72 7.27
C ILE B 218 10.91 23.56 8.11
N LYS B 219 10.46 24.66 8.74
CA LYS B 219 9.28 24.63 9.57
C LYS B 219 8.05 24.90 8.71
N PRO B 220 7.12 23.94 8.55
CA PRO B 220 5.93 24.24 7.73
C PRO B 220 4.92 25.15 8.46
N VAL B 221 5.28 26.43 8.53
CA VAL B 221 4.42 27.44 9.13
C VAL B 221 3.36 27.84 8.11
N VAL B 222 2.14 28.10 8.60
CA VAL B 222 1.03 28.55 7.76
C VAL B 222 0.69 29.98 8.15
N SER B 223 0.71 30.86 7.15
CA SER B 223 0.33 32.25 7.32
C SER B 223 0.02 32.81 5.95
N THR B 224 -0.70 33.94 5.93
CA THR B 224 -1.18 34.54 4.70
C THR B 224 -0.43 35.83 4.36
N GLN B 225 -0.36 36.77 5.29
CA GLN B 225 0.01 38.15 4.99
C GLN B 225 1.42 38.51 5.45
N LEU B 226 1.94 37.82 6.46
CA LEU B 226 3.32 37.99 6.90
C LEU B 226 3.91 36.61 7.18
N LEU B 227 5.17 36.43 6.79
CA LEU B 227 5.86 35.17 7.01
C LEU B 227 6.45 35.18 8.42
N LEU B 228 6.31 34.06 9.12
CA LEU B 228 6.71 33.94 10.52
C LEU B 228 7.67 32.76 10.69
N ASN B 229 8.72 32.98 11.47
CA ASN B 229 9.73 32.00 11.86
C ASN B 229 10.59 31.50 10.70
N GLY B 230 10.46 32.06 9.50
CA GLY B 230 11.22 31.60 8.37
C GLY B 230 12.68 32.04 8.46
N SER B 231 13.44 31.60 7.46
CA SER B 231 14.87 31.92 7.40
C SER B 231 15.07 33.33 6.86
N LEU B 232 15.99 34.06 7.49
CA LEU B 232 16.27 35.43 7.13
C LEU B 232 17.26 35.50 5.97
N ALA B 233 17.36 36.69 5.39
CA ALA B 233 18.42 36.95 4.42
C ALA B 233 19.75 37.14 5.16
N GLU B 234 20.83 37.20 4.39
CA GLU B 234 22.18 37.25 4.93
C GLU B 234 22.81 38.63 4.85
N GLU B 235 22.79 39.27 3.68
CA GLU B 235 23.45 40.56 3.47
C GLU B 235 22.46 41.72 3.62
N GLU B 236 21.40 41.72 2.82
CA GLU B 236 20.42 42.79 2.81
C GLU B 236 19.04 42.17 2.60
N VAL B 237 18.01 42.99 2.78
CA VAL B 237 16.64 42.53 2.58
C VAL B 237 16.40 42.44 1.08
N MET B 238 16.10 41.23 0.60
CA MET B 238 15.98 40.98 -0.83
C MET B 238 14.52 41.02 -1.25
N ILE B 239 14.29 41.43 -2.48
CA ILE B 239 12.96 41.49 -3.08
C ILE B 239 12.97 40.57 -4.28
N ARG B 240 12.02 39.63 -4.32
CA ARG B 240 11.96 38.60 -5.35
C ARG B 240 10.56 38.56 -5.94
N SER B 241 10.49 38.32 -7.25
CA SER B 241 9.22 38.22 -7.94
C SER B 241 9.43 37.51 -9.27
N GLU B 242 8.38 36.85 -9.76
CA GLU B 242 8.47 36.21 -11.06
C GLU B 242 8.71 37.24 -12.15
N ASN B 243 8.01 38.38 -12.08
CA ASN B 243 8.21 39.48 -13.01
C ASN B 243 7.77 40.75 -12.29
N ILE B 244 8.75 41.53 -11.83
CA ILE B 244 8.45 42.67 -10.97
C ILE B 244 7.62 43.71 -11.71
N THR B 245 7.83 43.88 -13.02
CA THR B 245 7.08 44.87 -13.77
C THR B 245 5.60 44.50 -13.85
N ASN B 246 5.27 43.21 -13.81
CA ASN B 246 3.88 42.79 -13.83
C ASN B 246 3.25 42.98 -12.45
N ASN B 247 2.08 43.61 -12.43
CA ASN B 247 1.39 43.84 -11.16
C ASN B 247 0.66 42.61 -10.65
N ALA B 248 0.37 41.64 -11.51
CA ALA B 248 -0.39 40.46 -11.11
C ALA B 248 0.42 39.46 -10.29
N LYS B 249 1.75 39.59 -10.27
CA LYS B 249 2.63 38.63 -9.60
C LYS B 249 3.00 39.16 -8.23
N ASN B 250 2.88 38.29 -7.21
CA ASN B 250 3.23 38.68 -5.86
C ASN B 250 4.70 39.03 -5.75
N ILE B 251 5.00 40.04 -4.93
CA ILE B 251 6.38 40.49 -4.71
C ILE B 251 6.83 40.00 -3.35
N LEU B 252 7.45 38.82 -3.30
CA LEU B 252 7.96 38.33 -2.03
C LEU B 252 9.08 39.22 -1.53
N VAL B 253 9.15 39.39 -0.21
CA VAL B 253 10.17 40.18 0.45
C VAL B 253 10.75 39.33 1.56
N GLN B 254 12.01 39.61 1.92
CA GLN B 254 12.69 38.87 2.98
C GLN B 254 13.54 39.83 3.78
N PHE B 255 13.49 39.71 5.10
CA PHE B 255 14.26 40.58 5.99
C PHE B 255 15.60 39.94 6.33
N ASN B 256 16.51 40.78 6.85
CA ASN B 256 17.82 40.36 7.32
C ASN B 256 17.94 40.36 8.83
N THR B 257 17.07 41.08 9.54
CA THR B 257 17.00 41.08 10.99
C THR B 257 15.54 40.94 11.38
N PRO B 258 15.21 40.15 12.41
CA PRO B 258 13.80 39.87 12.68
C PRO B 258 13.10 41.00 13.42
N VAL B 259 11.81 41.12 13.17
CA VAL B 259 10.92 42.04 13.89
C VAL B 259 10.01 41.18 14.74
N GLN B 260 10.07 41.38 16.05
CA GLN B 260 9.39 40.51 16.99
C GLN B 260 7.92 40.92 17.14
N ILE B 261 7.04 39.92 17.12
CA ILE B 261 5.60 40.11 17.29
C ILE B 261 5.14 39.26 18.45
N ASN B 262 4.39 39.86 19.37
CA ASN B 262 3.86 39.19 20.56
C ASN B 262 2.34 39.18 20.47
N CYS B 263 1.76 37.98 20.53
CA CYS B 263 0.33 37.80 20.37
C CYS B 263 -0.22 37.09 21.60
N THR B 264 -1.45 37.44 21.98
CA THR B 264 -2.05 36.95 23.22
C THR B 264 -3.55 36.76 23.04
N ARG B 265 -4.12 35.99 23.96
CA ARG B 265 -5.56 35.76 24.03
C ARG B 265 -5.98 35.89 25.50
N PRO B 266 -5.96 37.11 26.05
CA PRO B 266 -6.16 37.26 27.49
C PRO B 266 -7.58 36.96 27.94
N ASN B 267 -7.95 35.68 27.89
CA ASN B 267 -9.22 35.19 28.41
C ASN B 267 -8.97 33.84 29.06
N ASN B 268 -9.43 33.67 30.30
CA ASN B 268 -9.27 32.40 31.00
C ASN B 268 -10.38 31.45 30.56
N ASN B 269 -10.23 30.93 29.36
CA ASN B 269 -11.21 30.03 28.78
C ASN B 269 -11.27 28.73 29.56
N THR B 270 -12.38 28.00 29.38
CA THR B 270 -12.60 26.73 30.06
C THR B 270 -13.22 25.74 29.09
N ARG B 271 -12.68 24.53 29.05
CA ARG B 271 -13.20 23.47 28.21
C ARG B 271 -14.29 22.71 28.96
N LYS B 272 -15.25 22.19 28.20
CA LYS B 272 -16.38 21.46 28.77
C LYS B 272 -16.80 20.41 27.76
N SER B 273 -16.75 19.13 28.16
CA SER B 273 -17.01 18.03 27.26
C SER B 273 -18.47 17.63 27.33
N ILE B 274 -19.10 17.49 26.16
CA ILE B 274 -20.46 16.98 26.02
C ILE B 274 -20.37 15.66 25.28
N ARG B 275 -21.04 14.64 25.82
CA ARG B 275 -21.06 13.33 25.18
C ARG B 275 -22.14 13.28 24.11
N ILE B 276 -21.76 12.86 22.90
CA ILE B 276 -22.67 12.62 21.80
C ILE B 276 -22.54 11.15 21.42
N GLY B 277 -22.33 10.30 22.42
CA GLY B 277 -21.90 8.94 22.23
C GLY B 277 -22.90 8.07 21.49
N PRO B 278 -22.69 6.74 21.52
CA PRO B 278 -21.72 5.96 22.31
C PRO B 278 -20.26 6.20 21.97
N GLY B 279 -19.47 6.60 22.94
CA GLY B 279 -18.02 6.78 22.78
C GLY B 279 -17.58 8.18 22.38
N GLN B 280 -18.23 8.75 21.37
CA GLN B 280 -17.81 10.04 20.85
C GLN B 280 -18.17 11.16 21.82
N ALA B 281 -17.32 12.19 21.85
CA ALA B 281 -17.49 13.33 22.74
C ALA B 281 -17.24 14.62 21.96
N PHE B 282 -17.83 15.71 22.44
CA PHE B 282 -17.74 17.02 21.81
C PHE B 282 -17.32 18.04 22.86
N TYR B 283 -16.25 18.78 22.56
CA TYR B 283 -15.64 19.72 23.51
C TYR B 283 -16.15 21.12 23.19
N ALA B 284 -16.96 21.67 24.09
CA ALA B 284 -17.55 23.00 23.94
C ALA B 284 -16.77 24.02 24.75
N THR B 285 -16.98 25.29 24.41
CA THR B 285 -16.41 26.40 25.17
C THR B 285 -17.31 26.63 26.38
N GLY B 286 -16.90 26.09 27.53
CA GLY B 286 -17.77 26.08 28.69
C GLY B 286 -18.13 27.45 29.23
N ASP B 287 -17.16 28.15 29.82
CA ASP B 287 -17.42 29.45 30.43
C ASP B 287 -16.10 30.16 30.62
N ILE B 288 -16.16 31.49 30.65
CA ILE B 288 -14.99 32.35 30.71
C ILE B 288 -14.95 33.01 32.08
N ILE B 289 -13.82 32.87 32.77
CA ILE B 289 -13.64 33.38 34.12
C ILE B 289 -13.01 34.76 34.04
N GLY B 290 -13.47 35.66 34.91
CA GLY B 290 -12.91 37.00 34.95
C GLY B 290 -13.38 37.85 33.78
N ASP B 291 -12.65 38.93 33.56
CA ASP B 291 -12.99 39.86 32.48
C ASP B 291 -12.76 39.20 31.12
N ILE B 292 -13.46 39.72 30.11
CA ILE B 292 -13.35 39.27 28.74
C ILE B 292 -12.77 40.43 27.93
N ARG B 293 -11.65 40.18 27.25
CA ARG B 293 -10.96 41.19 26.48
C ARG B 293 -10.56 40.61 25.12
N GLN B 294 -10.39 41.49 24.14
CA GLN B 294 -10.07 41.06 22.80
C GLN B 294 -8.64 40.54 22.72
N ALA B 295 -8.37 39.75 21.68
CA ALA B 295 -7.04 39.23 21.43
C ALA B 295 -6.29 40.19 20.50
N HIS B 296 -5.11 40.61 20.94
CA HIS B 296 -4.33 41.62 20.24
C HIS B 296 -2.90 41.12 20.06
N CYS B 297 -2.24 41.66 19.03
CA CYS B 297 -0.85 41.39 18.74
C CYS B 297 -0.07 42.70 18.76
N ASN B 298 1.11 42.68 19.37
CA ASN B 298 1.95 43.85 19.50
C ASN B 298 3.21 43.71 18.65
N VAL B 299 3.57 44.78 17.96
CA VAL B 299 4.80 44.88 17.20
C VAL B 299 5.48 46.19 17.56
N SER B 300 6.78 46.16 17.76
CA SER B 300 7.51 47.35 18.20
C SER B 300 7.43 48.44 17.13
N LYS B 301 7.20 49.67 17.58
CA LYS B 301 6.94 50.77 16.66
C LYS B 301 8.23 51.20 15.95
N ALA B 302 9.29 51.45 16.70
CA ALA B 302 10.53 51.92 16.10
C ALA B 302 11.14 50.85 15.20
N THR B 303 11.11 49.58 15.64
CA THR B 303 11.67 48.50 14.84
C THR B 303 10.91 48.36 13.51
N TRP B 304 9.58 48.39 13.56
CA TRP B 304 8.81 48.31 12.32
C TRP B 304 9.03 49.52 11.43
N ASN B 305 9.12 50.72 12.00
CA ASN B 305 9.38 51.91 11.19
C ASN B 305 10.72 51.80 10.48
N GLU B 306 11.76 51.33 11.19
CA GLU B 306 13.05 51.16 10.57
C GLU B 306 13.02 50.07 9.50
N THR B 307 12.31 48.97 9.76
CA THR B 307 12.24 47.90 8.76
C THR B 307 11.56 48.37 7.48
N LEU B 308 10.46 49.12 7.61
CA LEU B 308 9.83 49.67 6.40
C LEU B 308 10.71 50.72 5.73
N GLY B 309 11.39 51.56 6.50
CA GLY B 309 12.28 52.54 5.92
C GLY B 309 13.48 51.93 5.22
N LYS B 310 13.82 50.70 5.56
CA LYS B 310 14.81 49.94 4.80
C LYS B 310 14.20 49.33 3.55
N VAL B 311 13.08 48.63 3.70
CA VAL B 311 12.46 47.93 2.57
C VAL B 311 12.12 48.90 1.46
N VAL B 312 11.69 50.11 1.82
CA VAL B 312 11.44 51.11 0.79
C VAL B 312 12.74 51.51 0.11
N LYS B 313 13.86 51.49 0.83
CA LYS B 313 15.13 51.87 0.22
C LYS B 313 15.58 50.84 -0.81
N GLN B 314 15.58 49.55 -0.46
CA GLN B 314 15.90 48.56 -1.49
C GLN B 314 14.80 48.46 -2.54
N LEU B 315 13.56 48.79 -2.17
CA LEU B 315 12.48 48.72 -3.16
C LEU B 315 12.60 49.83 -4.20
N ARG B 316 13.21 50.96 -3.84
CA ARG B 316 13.42 52.03 -4.82
C ARG B 316 14.54 51.72 -5.80
N LYS B 317 15.34 50.68 -5.56
CA LYS B 317 16.37 50.30 -6.52
C LYS B 317 15.77 49.88 -7.85
N HIS B 318 14.57 49.30 -7.83
CA HIS B 318 13.91 48.81 -9.03
C HIS B 318 12.92 49.80 -9.62
N PHE B 319 12.18 50.51 -8.75
CA PHE B 319 11.13 51.42 -9.18
C PHE B 319 11.59 52.88 -9.19
N GLY B 320 12.87 53.11 -9.50
CA GLY B 320 13.38 54.47 -9.56
C GLY B 320 13.56 55.08 -8.18
N ASN B 321 14.50 56.01 -8.05
CA ASN B 321 14.82 56.64 -6.78
C ASN B 321 14.22 58.03 -6.61
N ASN B 322 13.10 58.30 -7.30
CA ASN B 322 12.35 59.54 -7.14
C ASN B 322 10.87 59.32 -6.88
N THR B 323 10.38 58.08 -6.94
CA THR B 323 8.95 57.83 -6.87
C THR B 323 8.46 57.87 -5.42
N ILE B 324 7.14 57.96 -5.28
CA ILE B 324 6.47 58.02 -3.99
C ILE B 324 5.90 56.62 -3.70
N ILE B 325 6.34 56.02 -2.59
CA ILE B 325 5.90 54.69 -2.18
C ILE B 325 5.01 54.84 -0.96
N ARG B 326 3.80 54.33 -1.05
CA ARG B 326 2.77 54.49 -0.03
C ARG B 326 2.09 53.13 0.16
N PHE B 327 2.28 52.54 1.33
CA PHE B 327 1.63 51.27 1.65
C PHE B 327 0.16 51.51 1.98
N ALA B 328 -0.60 50.42 2.05
CA ALA B 328 -2.02 50.50 2.34
C ALA B 328 -2.51 49.11 2.72
N ASN B 329 -3.65 49.08 3.41
CA ASN B 329 -4.25 47.81 3.81
C ASN B 329 -4.80 47.08 2.59
N SER B 330 -5.14 45.81 2.79
CA SER B 330 -5.54 44.95 1.69
C SER B 330 -6.85 45.44 1.08
N SER B 331 -7.02 45.17 -0.22
CA SER B 331 -8.20 45.63 -0.92
C SER B 331 -9.47 44.96 -0.40
N GLY B 332 -9.46 43.64 -0.31
CA GLY B 332 -10.61 42.91 0.17
C GLY B 332 -10.58 41.48 -0.31
N GLY B 333 -11.61 40.74 0.12
CA GLY B 333 -11.76 39.35 -0.24
C GLY B 333 -12.18 38.49 0.94
N ASP B 334 -11.75 37.23 0.95
CA ASP B 334 -12.05 36.36 2.06
C ASP B 334 -11.28 36.81 3.30
N LEU B 335 -11.74 36.35 4.47
CA LEU B 335 -11.11 36.75 5.72
C LEU B 335 -9.68 36.22 5.83
N GLU B 336 -9.36 35.13 5.12
CA GLU B 336 -7.98 34.65 5.11
C GLU B 336 -7.06 35.64 4.41
N VAL B 337 -7.47 36.10 3.24
CA VAL B 337 -6.61 37.00 2.46
C VAL B 337 -6.54 38.37 3.10
N THR B 338 -7.67 38.87 3.62
CA THR B 338 -7.73 40.25 4.09
C THR B 338 -7.02 40.48 5.42
N THR B 339 -6.71 39.42 6.17
CA THR B 339 -6.18 39.55 7.51
C THR B 339 -5.11 38.50 7.77
N HIS B 340 -4.06 38.92 8.48
CA HIS B 340 -3.00 38.01 8.89
C HIS B 340 -3.57 36.91 9.78
N SER B 341 -3.44 35.66 9.34
CA SER B 341 -4.25 34.55 9.84
C SER B 341 -3.37 33.42 10.36
N PHE B 342 -2.40 33.75 11.21
CA PHE B 342 -1.54 32.75 11.83
C PHE B 342 -2.35 31.87 12.79
N ASN B 343 -1.66 30.90 13.40
CA ASN B 343 -2.21 30.11 14.49
C ASN B 343 -1.21 30.07 15.63
N CYS B 344 -1.72 30.13 16.86
CA CYS B 344 -0.92 30.28 18.07
C CYS B 344 -1.37 29.27 19.11
N GLY B 345 -0.76 28.09 19.11
CA GLY B 345 -1.02 27.09 20.13
C GLY B 345 -2.29 26.29 19.96
N GLY B 346 -3.07 26.55 18.91
CA GLY B 346 -4.32 25.85 18.69
C GLY B 346 -5.43 26.79 18.25
N GLU B 347 -5.41 28.02 18.75
CA GLU B 347 -6.36 29.03 18.31
C GLU B 347 -5.89 29.65 17.00
N PHE B 348 -6.83 29.88 16.08
CA PHE B 348 -6.54 30.33 14.72
C PHE B 348 -6.90 31.81 14.61
N PHE B 349 -5.93 32.67 14.89
CA PHE B 349 -6.16 34.11 14.91
C PHE B 349 -6.43 34.62 13.49
N TYR B 350 -6.97 35.82 13.41
CA TYR B 350 -7.19 36.50 12.13
C TYR B 350 -7.10 38.00 12.42
N CYS B 351 -5.94 38.62 12.16
CA CYS B 351 -5.67 39.96 12.66
C CYS B 351 -5.47 40.98 11.54
N ASN B 352 -5.74 42.23 11.89
CA ASN B 352 -6.12 43.27 10.94
C ASN B 352 -4.96 43.68 10.05
N THR B 353 -3.86 44.13 10.67
CA THR B 353 -2.65 44.66 10.03
C THR B 353 -2.92 45.99 9.32
N SER B 354 -4.04 46.65 9.59
CA SER B 354 -4.28 47.95 8.98
C SER B 354 -3.38 49.03 9.58
N GLY B 355 -2.91 48.82 10.81
CA GLY B 355 -2.01 49.79 11.42
C GLY B 355 -0.56 49.65 11.01
N LEU B 356 -0.17 48.47 10.51
CA LEU B 356 1.22 48.28 10.10
C LEU B 356 1.50 48.99 8.78
N PHE B 357 0.66 48.77 7.78
CA PHE B 357 0.91 49.26 6.42
C PHE B 357 0.39 50.67 6.22
N ASN B 358 0.95 51.58 7.03
CA ASN B 358 0.71 53.02 6.93
C ASN B 358 2.02 53.76 6.72
N SER B 359 2.15 54.41 5.57
CA SER B 359 3.29 55.27 5.28
C SER B 359 3.06 55.93 3.92
N THR B 360 3.83 56.99 3.67
CA THR B 360 3.93 57.59 2.34
C THR B 360 5.30 58.23 2.27
N TRP B 361 6.26 57.56 1.63
CA TRP B 361 7.66 57.96 1.69
C TRP B 361 8.00 58.94 0.57
N ILE B 362 8.98 59.80 0.86
CA ILE B 362 9.46 60.83 -0.06
C ILE B 362 10.98 60.73 -0.09
N SER B 363 11.57 61.14 -1.22
CA SER B 363 13.00 61.03 -1.40
C SER B 363 13.76 61.84 -0.36
N ASN B 364 13.31 63.06 -0.09
CA ASN B 364 13.89 63.90 0.95
C ASN B 364 12.80 64.63 1.74
N ASN B 376 6.30 55.26 20.55
CA ASN B 376 7.50 54.45 20.90
C ASN B 376 7.15 53.21 21.72
N ASP B 377 5.91 53.14 22.21
CA ASP B 377 5.52 52.04 23.08
C ASP B 377 5.28 50.76 22.28
N SER B 378 4.31 50.78 21.36
CA SER B 378 3.97 49.60 20.59
C SER B 378 2.89 49.97 19.58
N ILE B 379 2.75 49.14 18.56
CA ILE B 379 1.65 49.19 17.61
C ILE B 379 0.75 48.01 17.92
N THR B 380 -0.46 48.29 18.40
CA THR B 380 -1.43 47.25 18.73
C THR B 380 -2.22 46.89 17.49
N LEU B 381 -2.55 45.60 17.37
CA LEU B 381 -3.33 45.07 16.25
C LEU B 381 -4.60 44.43 16.81
N PRO B 382 -5.68 45.20 17.01
CA PRO B 382 -6.91 44.59 17.53
C PRO B 382 -7.44 43.54 16.56
N CYS B 383 -7.87 42.41 17.10
CA CYS B 383 -8.27 41.31 16.22
C CYS B 383 -9.11 40.29 16.96
N ARG B 384 -9.53 39.27 16.21
CA ARG B 384 -10.61 38.36 16.54
C ARG B 384 -10.16 36.93 16.26
N ILE B 385 -10.93 35.97 16.76
CA ILE B 385 -10.61 34.55 16.67
C ILE B 385 -11.80 33.82 16.08
N LYS B 386 -11.52 32.78 15.30
CA LYS B 386 -12.53 31.89 14.75
C LYS B 386 -12.13 30.45 15.03
N GLN B 387 -13.11 29.63 15.41
CA GLN B 387 -12.86 28.23 15.73
C GLN B 387 -12.97 27.32 14.52
N ILE B 388 -13.95 27.54 13.66
CA ILE B 388 -14.17 26.73 12.47
C ILE B 388 -13.37 27.31 11.32
N ILE B 389 -12.58 26.45 10.65
CA ILE B 389 -11.69 26.88 9.58
C ILE B 389 -11.73 25.85 8.45
N ASN B 390 -11.50 26.35 7.23
CA ASN B 390 -11.50 25.52 6.03
C ASN B 390 -10.32 25.93 5.14
N MET B 391 -9.13 25.98 5.74
CA MET B 391 -7.95 26.56 5.09
C MET B 391 -7.59 25.83 3.80
N TRP B 392 -6.66 26.42 3.07
CA TRP B 392 -6.25 26.00 1.73
C TRP B 392 -7.37 26.15 0.70
N GLN B 393 -8.29 27.09 0.94
CA GLN B 393 -9.34 27.46 -0.02
C GLN B 393 -10.13 26.25 -0.51
N ARG B 394 -10.39 25.29 0.38
CA ARG B 394 -11.07 24.06 0.02
C ARG B 394 -12.55 24.14 0.38
N ILE B 395 -13.36 23.37 -0.36
CA ILE B 395 -14.79 23.27 -0.15
C ILE B 395 -15.14 21.79 -0.09
N GLY B 396 -16.08 21.45 0.79
CA GLY B 396 -16.51 20.08 1.00
C GLY B 396 -15.99 19.43 2.27
N GLN B 397 -15.18 20.14 3.06
CA GLN B 397 -14.69 19.61 4.32
C GLN B 397 -14.08 20.71 5.17
N CYS B 398 -14.50 20.79 6.44
CA CYS B 398 -14.04 21.81 7.37
C CYS B 398 -13.47 21.16 8.61
N MET B 399 -13.11 21.96 9.60
CA MET B 399 -12.60 21.45 10.87
C MET B 399 -13.12 22.34 11.99
N TYR B 400 -13.26 21.75 13.17
CA TYR B 400 -13.71 22.46 14.37
C TYR B 400 -12.57 22.37 15.39
N ALA B 401 -11.79 23.43 15.51
CA ALA B 401 -10.69 23.45 16.46
C ALA B 401 -11.25 23.51 17.88
N PRO B 402 -10.91 22.57 18.77
CA PRO B 402 -11.49 22.64 20.12
C PRO B 402 -10.92 23.82 20.89
N PRO B 403 -11.63 24.31 21.91
CA PRO B 403 -11.07 25.40 22.72
C PRO B 403 -9.87 24.94 23.52
N ILE B 404 -9.01 25.89 23.85
CA ILE B 404 -7.82 25.66 24.68
C ILE B 404 -7.99 26.49 25.94
N GLN B 405 -7.95 25.83 27.09
CA GLN B 405 -8.18 26.51 28.35
C GLN B 405 -6.94 27.31 28.77
N GLY B 406 -7.17 28.38 29.51
CA GLY B 406 -6.10 29.22 29.99
C GLY B 406 -5.64 30.22 28.96
N VAL B 407 -4.92 31.24 29.44
CA VAL B 407 -4.35 32.24 28.56
C VAL B 407 -3.27 31.61 27.71
N ILE B 408 -3.20 32.01 26.43
CA ILE B 408 -2.18 31.55 25.50
C ILE B 408 -1.45 32.76 24.95
N ARG B 409 -0.12 32.66 24.89
CA ARG B 409 0.74 33.73 24.41
C ARG B 409 1.76 33.14 23.45
N CYS B 410 2.09 33.92 22.43
CA CYS B 410 3.08 33.55 21.43
C CYS B 410 4.07 34.69 21.24
N VAL B 411 5.31 34.34 20.92
CA VAL B 411 6.34 35.30 20.55
C VAL B 411 6.99 34.76 19.29
N SER B 412 6.47 35.20 18.14
CA SER B 412 7.06 34.91 16.84
C SER B 412 7.95 36.08 16.45
N ASN B 413 8.45 36.06 15.22
CA ASN B 413 9.03 37.27 14.65
C ASN B 413 8.85 37.28 13.15
N ILE B 414 8.43 38.42 12.63
CA ILE B 414 8.17 38.59 11.21
C ILE B 414 9.49 38.53 10.47
N THR B 415 9.58 37.63 9.49
CA THR B 415 10.78 37.48 8.67
C THR B 415 10.62 38.02 7.26
N GLY B 416 9.41 38.01 6.71
CA GLY B 416 9.18 38.49 5.36
C GLY B 416 7.73 38.87 5.17
N LEU B 417 7.46 39.51 4.04
CA LEU B 417 6.15 40.01 3.68
C LEU B 417 5.72 39.37 2.37
N ILE B 418 4.47 39.63 1.97
CA ILE B 418 3.99 39.25 0.65
C ILE B 418 3.20 40.44 0.10
N LEU B 419 3.84 41.21 -0.77
CA LEU B 419 3.28 42.44 -1.31
C LEU B 419 2.65 42.19 -2.68
N THR B 420 1.80 43.12 -3.08
CA THR B 420 1.22 43.13 -4.42
C THR B 420 1.07 44.57 -4.87
N ARG B 421 1.55 44.87 -6.08
CA ARG B 421 1.51 46.21 -6.61
C ARG B 421 0.14 46.50 -7.21
N ASP B 422 -0.35 47.72 -6.98
CA ASP B 422 -1.63 48.13 -7.55
C ASP B 422 -1.53 48.28 -9.07
N GLY B 423 -0.52 49.01 -9.54
CA GLY B 423 -0.40 49.27 -10.97
C GLY B 423 -1.59 50.03 -11.53
N GLY B 424 -2.09 51.01 -10.79
CA GLY B 424 -3.28 51.75 -11.17
C GLY B 424 -3.07 52.93 -12.08
N SER B 425 -1.85 53.17 -12.55
CA SER B 425 -1.58 54.29 -13.44
C SER B 425 -0.36 53.96 -14.29
N THR B 426 -0.26 54.65 -15.43
CA THR B 426 0.84 54.46 -16.37
C THR B 426 1.92 55.51 -16.24
N ASN B 427 1.60 56.69 -15.70
CA ASN B 427 2.62 57.72 -15.52
C ASN B 427 3.71 57.27 -14.55
N SER B 428 3.36 56.42 -13.58
CA SER B 428 4.31 55.89 -12.59
C SER B 428 4.96 57.03 -11.80
N THR B 429 4.19 58.07 -11.50
CA THR B 429 4.65 59.10 -10.58
C THR B 429 4.65 58.63 -9.14
N THR B 430 3.85 57.60 -8.82
CA THR B 430 3.82 57.03 -7.50
C THR B 430 3.43 55.56 -7.61
N GLU B 431 3.74 54.80 -6.57
CA GLU B 431 3.44 53.39 -6.49
C GLU B 431 2.81 53.10 -5.13
N THR B 432 1.91 52.11 -5.13
CA THR B 432 1.11 51.75 -3.97
C THR B 432 1.22 50.24 -3.81
N PHE B 433 1.56 49.79 -2.60
CA PHE B 433 1.78 48.37 -2.34
C PHE B 433 0.86 47.90 -1.24
N ARG B 434 -0.11 47.06 -1.59
CA ARG B 434 -1.07 46.49 -0.68
C ARG B 434 -0.72 45.03 -0.39
N PRO B 435 -0.55 44.60 0.86
CA PRO B 435 -0.18 43.21 1.10
C PRO B 435 -1.31 42.27 0.72
N GLY B 436 -0.93 41.07 0.32
CA GLY B 436 -1.89 40.07 -0.15
C GLY B 436 -1.45 38.68 0.21
N GLY B 437 -1.52 37.77 -0.75
CA GLY B 437 -1.18 36.39 -0.51
C GLY B 437 -2.37 35.56 -0.11
N GLY B 438 -2.10 34.27 0.11
CA GLY B 438 -3.13 33.30 0.42
C GLY B 438 -2.89 31.98 -0.28
N ASP B 439 -2.18 32.02 -1.42
CA ASP B 439 -1.70 30.81 -2.07
C ASP B 439 -0.52 30.28 -1.27
N MET B 440 -0.68 29.12 -0.64
CA MET B 440 0.30 28.65 0.33
C MET B 440 1.63 28.26 -0.31
N ARG B 441 1.69 28.15 -1.64
CA ARG B 441 2.99 27.88 -2.28
C ARG B 441 3.96 29.03 -2.09
N ASP B 442 3.46 30.25 -1.89
CA ASP B 442 4.36 31.39 -1.70
C ASP B 442 5.18 31.24 -0.42
N ASN B 443 4.56 30.71 0.64
CA ASN B 443 5.31 30.50 1.88
C ASN B 443 6.43 29.50 1.68
N TRP B 444 6.17 28.42 0.94
CA TRP B 444 7.21 27.41 0.72
C TRP B 444 8.31 27.95 -0.19
N ARG B 445 7.93 28.70 -1.23
CA ARG B 445 8.93 29.23 -2.16
C ARG B 445 9.85 30.23 -1.48
N SER B 446 9.39 30.87 -0.40
CA SER B 446 10.26 31.77 0.35
C SER B 446 11.35 31.05 1.12
N GLU B 447 11.26 29.73 1.26
CA GLU B 447 12.20 28.93 2.03
C GLU B 447 13.03 27.98 1.16
N LEU B 448 12.45 27.43 0.10
CA LEU B 448 13.16 26.57 -0.84
C LEU B 448 13.72 27.34 -2.03
N TYR B 449 14.05 28.62 -1.85
CA TYR B 449 14.49 29.45 -2.97
C TYR B 449 15.85 29.02 -3.50
N LYS B 450 16.73 28.53 -2.63
CA LYS B 450 18.12 28.25 -2.99
C LYS B 450 18.41 26.75 -3.09
N TYR B 451 17.46 25.98 -3.61
CA TYR B 451 17.65 24.54 -3.79
C TYR B 451 17.12 24.10 -5.15
N LYS B 452 17.71 23.02 -5.66
CA LYS B 452 17.13 22.28 -6.77
C LYS B 452 17.71 20.87 -6.74
N VAL B 453 17.00 19.94 -7.38
CA VAL B 453 17.38 18.53 -7.40
C VAL B 453 18.00 18.20 -8.75
N VAL B 454 19.14 17.52 -8.72
CA VAL B 454 19.85 17.12 -9.93
C VAL B 454 20.07 15.61 -9.90
N LYS B 455 20.26 15.04 -11.08
CA LYS B 455 20.32 13.60 -11.30
C LYS B 455 21.72 13.25 -11.74
N ILE B 456 22.46 12.52 -10.91
CA ILE B 456 23.85 12.18 -11.19
C ILE B 456 23.89 10.93 -12.05
N GLU B 457 24.52 11.05 -13.23
CA GLU B 457 24.83 9.90 -14.08
C GLU B 457 26.34 9.70 -14.08
N PRO B 458 26.88 8.56 -13.65
CA PRO B 458 28.34 8.44 -13.50
C PRO B 458 29.09 7.90 -14.71
N LEU B 459 28.41 7.47 -15.77
CA LEU B 459 29.08 6.83 -16.90
C LEU B 459 29.49 7.87 -17.94
N GLY B 460 30.66 7.66 -18.52
CA GLY B 460 31.17 8.56 -19.54
C GLY B 460 32.17 7.87 -20.43
N VAL B 461 32.28 8.36 -21.67
CA VAL B 461 33.17 7.80 -22.68
C VAL B 461 33.91 8.95 -23.36
N ALA B 462 35.20 8.74 -23.64
CA ALA B 462 36.01 9.76 -24.30
C ALA B 462 37.16 9.07 -25.02
N PRO B 463 37.70 9.67 -26.08
CA PRO B 463 38.79 9.01 -26.81
C PRO B 463 40.12 9.14 -26.07
N THR B 464 41.00 8.19 -26.36
CA THR B 464 42.35 8.16 -25.80
C THR B 464 43.15 7.13 -26.60
N ARG B 465 44.34 6.79 -26.10
CA ARG B 465 45.29 5.92 -26.80
C ARG B 465 45.33 4.50 -26.25
N CYS B 466 44.27 4.05 -25.58
CA CYS B 466 44.25 2.68 -25.12
C CYS B 466 44.20 1.67 -26.27
N LYS B 467 44.57 0.44 -25.94
CA LYS B 467 44.23 -0.74 -26.74
C LYS B 467 44.24 -1.90 -25.75
N ARG B 468 43.08 -2.54 -25.55
CA ARG B 468 43.00 -3.61 -24.57
C ARG B 468 43.71 -4.86 -25.05
N ARG B 469 44.52 -5.46 -24.17
CA ARG B 469 45.29 -6.63 -24.54
C ARG B 469 44.37 -7.84 -24.71
N VAL B 470 44.92 -8.89 -25.32
CA VAL B 470 44.20 -10.14 -25.50
C VAL B 470 43.87 -10.73 -24.14
N GLY B 488 36.38 15.87 -2.51
CA GLY B 488 34.92 16.10 -2.23
C GLY B 488 34.03 15.14 -3.00
N PHE B 489 32.74 15.15 -2.65
CA PHE B 489 31.79 14.27 -3.33
C PHE B 489 31.66 14.65 -4.80
N LEU B 490 31.73 15.95 -5.11
CA LEU B 490 31.69 16.42 -6.49
C LEU B 490 32.68 17.57 -6.71
N GLY B 491 33.65 17.74 -5.82
CA GLY B 491 34.51 18.92 -5.82
C GLY B 491 35.32 19.10 -7.09
N ALA B 492 35.51 18.04 -7.86
CA ALA B 492 36.19 18.12 -9.15
C ALA B 492 35.26 18.47 -10.29
N ALA B 493 34.02 18.90 -9.99
CA ALA B 493 33.05 19.14 -11.05
C ALA B 493 33.47 20.26 -11.98
N GLY B 494 34.01 21.35 -11.41
CA GLY B 494 34.41 22.49 -12.21
C GLY B 494 35.76 22.38 -12.87
N SER B 495 36.57 21.38 -12.49
CA SER B 495 37.91 21.24 -13.04
C SER B 495 37.86 20.70 -14.47
N THR B 496 38.99 20.78 -15.16
CA THR B 496 39.09 20.26 -16.51
C THR B 496 38.96 18.73 -16.49
N MET B 497 38.68 18.17 -17.67
CA MET B 497 38.48 16.73 -17.77
C MET B 497 39.73 15.96 -17.38
N GLY B 498 40.90 16.44 -17.82
CA GLY B 498 42.14 15.77 -17.43
C GLY B 498 42.37 15.82 -15.93
N ALA B 499 42.05 16.95 -15.31
CA ALA B 499 42.23 17.08 -13.87
C ALA B 499 41.28 16.17 -13.11
N ALA B 500 40.06 15.98 -13.63
CA ALA B 500 39.05 15.17 -12.96
C ALA B 500 39.16 13.68 -13.27
N SER B 501 40.16 13.26 -14.06
CA SER B 501 40.30 11.87 -14.46
C SER B 501 40.97 11.00 -13.40
N MET B 502 41.30 11.55 -12.22
CA MET B 502 41.95 10.80 -11.16
C MET B 502 41.06 10.52 -9.96
N THR B 503 39.97 11.29 -9.78
CA THR B 503 39.09 11.16 -8.63
C THR B 503 37.82 10.39 -8.95
N LEU B 504 37.93 9.36 -9.80
CA LEU B 504 36.74 8.63 -10.22
C LEU B 504 36.12 7.84 -9.07
N THR B 505 36.93 7.41 -8.10
CA THR B 505 36.42 6.50 -7.07
C THR B 505 35.44 7.18 -6.12
N VAL B 506 35.62 8.48 -5.86
CA VAL B 506 34.81 9.15 -4.85
C VAL B 506 33.36 9.22 -5.29
N GLN B 507 33.10 9.39 -6.59
CA GLN B 507 31.74 9.42 -7.08
C GLN B 507 31.06 8.07 -6.90
N ALA B 508 31.76 6.99 -7.20
CA ALA B 508 31.17 5.66 -7.20
C ALA B 508 31.15 4.99 -5.84
N ARG B 509 31.88 5.53 -4.85
CA ARG B 509 31.90 4.89 -3.54
C ARG B 509 30.52 4.89 -2.88
N ASN B 510 29.80 6.01 -2.97
CA ASN B 510 28.54 6.20 -2.27
C ASN B 510 27.35 6.34 -3.22
N LEU B 511 27.36 5.60 -4.32
CA LEU B 511 26.26 5.70 -5.28
C LEU B 511 25.00 4.99 -4.76
N LEU B 512 25.17 3.91 -3.99
CA LEU B 512 24.04 3.21 -3.40
C LEU B 512 23.70 3.73 -2.01
N SER B 513 24.71 4.00 -1.18
CA SER B 513 24.52 4.47 0.19
C SER B 513 23.66 3.48 0.98
N GLY B 514 24.00 2.21 0.88
CA GLY B 514 23.27 1.16 1.58
C GLY B 514 23.35 1.30 3.09
N THR B 536 0.37 5.44 4.50
CA THR B 536 1.08 6.32 5.46
C THR B 536 2.10 7.19 4.75
N VAL B 537 1.98 8.51 4.92
CA VAL B 537 2.97 9.41 4.34
C VAL B 537 4.29 9.22 5.06
N TRP B 538 5.40 9.41 4.34
CA TRP B 538 6.77 9.19 4.78
C TRP B 538 7.10 7.70 4.92
N GLY B 539 6.14 6.82 4.64
CA GLY B 539 6.36 5.38 4.68
C GLY B 539 6.50 4.82 3.28
N ILE B 540 5.60 5.22 2.39
CA ILE B 540 5.70 4.78 1.00
C ILE B 540 6.74 5.59 0.24
N LYS B 541 6.97 6.84 0.64
CA LYS B 541 7.96 7.67 -0.04
C LYS B 541 9.36 7.09 0.13
N GLN B 542 9.69 6.63 1.34
CA GLN B 542 11.00 6.01 1.54
C GLN B 542 11.13 4.72 0.73
N LEU B 543 10.05 3.93 0.66
CA LEU B 543 10.09 2.70 -0.13
C LEU B 543 10.35 2.99 -1.59
N GLN B 544 9.63 3.95 -2.16
CA GLN B 544 9.84 4.32 -3.56
C GLN B 544 11.24 4.86 -3.77
N ALA B 545 11.72 5.68 -2.83
CA ALA B 545 13.06 6.28 -2.96
C ALA B 545 14.13 5.21 -2.99
N ARG B 546 14.09 4.26 -2.06
CA ARG B 546 15.15 3.25 -2.02
C ARG B 546 15.02 2.26 -3.17
N VAL B 547 13.80 1.95 -3.61
CA VAL B 547 13.64 1.10 -4.79
C VAL B 547 14.25 1.78 -6.01
N LEU B 548 14.00 3.07 -6.17
CA LEU B 548 14.56 3.79 -7.30
C LEU B 548 16.08 3.83 -7.23
N ALA B 549 16.64 4.03 -6.04
CA ALA B 549 18.09 4.04 -5.90
C ALA B 549 18.70 2.68 -6.27
N VAL B 550 18.07 1.60 -5.79
CA VAL B 550 18.57 0.27 -6.10
C VAL B 550 18.51 0.00 -7.59
N GLU B 551 17.41 0.41 -8.24
CA GLU B 551 17.28 0.14 -9.67
C GLU B 551 18.29 0.95 -10.46
N ARG B 552 18.56 2.19 -10.03
CA ARG B 552 19.56 3.00 -10.72
C ARG B 552 20.95 2.37 -10.62
N TYR B 553 21.32 1.92 -9.41
CA TYR B 553 22.61 1.28 -9.24
C TYR B 553 22.71 0.01 -10.09
N LEU B 554 21.64 -0.79 -10.11
CA LEU B 554 21.67 -2.02 -10.89
C LEU B 554 21.76 -1.74 -12.38
N ARG B 555 21.05 -0.70 -12.86
CA ARG B 555 21.13 -0.37 -14.28
C ARG B 555 22.53 0.06 -14.67
N ASP B 556 23.16 0.91 -13.85
CA ASP B 556 24.52 1.33 -14.15
C ASP B 556 25.47 0.14 -14.14
N GLN B 557 25.33 -0.76 -13.16
CA GLN B 557 26.20 -1.92 -13.10
C GLN B 557 25.98 -2.85 -14.28
N GLN B 558 24.74 -3.05 -14.70
CA GLN B 558 24.46 -3.91 -15.86
C GLN B 558 25.08 -3.33 -17.12
N LEU B 559 24.92 -2.02 -17.33
CA LEU B 559 25.50 -1.40 -18.51
C LEU B 559 27.01 -1.52 -18.51
N LEU B 560 27.63 -1.32 -17.34
CA LEU B 560 29.08 -1.46 -17.24
C LEU B 560 29.53 -2.92 -17.32
N GLY B 561 28.60 -3.87 -17.13
CA GLY B 561 28.94 -5.28 -17.13
C GLY B 561 28.78 -5.99 -18.46
N ILE B 562 27.77 -5.63 -19.25
CA ILE B 562 27.62 -6.27 -20.54
C ILE B 562 28.77 -5.88 -21.46
N TRP B 563 29.33 -4.68 -21.29
CA TRP B 563 30.59 -4.34 -21.91
C TRP B 563 31.70 -5.18 -21.29
N GLY B 564 32.90 -5.05 -21.81
CA GLY B 564 34.00 -5.86 -21.32
C GLY B 564 34.66 -5.38 -20.05
N CYS B 565 34.11 -4.36 -19.39
CA CYS B 565 34.85 -3.69 -18.33
C CYS B 565 34.80 -4.43 -17.00
N SER B 566 33.62 -4.50 -16.38
CA SER B 566 33.45 -5.07 -15.05
C SER B 566 34.44 -4.49 -14.04
N GLY B 567 34.75 -3.20 -14.17
CA GLY B 567 35.76 -2.57 -13.33
C GLY B 567 35.43 -1.12 -13.07
N LYS B 568 36.10 -0.55 -12.08
CA LYS B 568 35.74 0.77 -11.57
C LYS B 568 36.41 1.90 -12.35
N LEU B 569 37.75 1.93 -12.37
CA LEU B 569 38.50 3.04 -12.93
C LEU B 569 39.12 2.66 -14.27
N ILE B 570 38.81 3.43 -15.30
CA ILE B 570 39.57 3.50 -16.54
C ILE B 570 39.66 2.12 -17.18
N CYS B 571 38.53 1.61 -17.66
CA CYS B 571 38.48 0.32 -18.35
C CYS B 571 38.61 0.56 -19.84
N CYS B 572 39.81 0.33 -20.36
CA CYS B 572 40.06 0.51 -21.78
C CYS B 572 39.24 -0.46 -22.62
N THR B 573 38.88 -0.02 -23.83
CA THR B 573 38.11 -0.82 -24.78
C THR B 573 38.80 -0.85 -26.13
N ASN B 574 38.10 -1.34 -27.16
CA ASN B 574 38.69 -1.55 -28.49
C ASN B 574 37.91 -0.93 -29.64
N VAL B 575 36.79 -0.26 -29.36
CA VAL B 575 36.02 0.35 -30.45
C VAL B 575 36.79 1.56 -30.99
N PRO B 576 37.05 1.66 -32.30
CA PRO B 576 37.75 2.85 -32.79
C PRO B 576 36.89 4.10 -32.72
N TRP B 577 37.55 5.24 -32.61
CA TRP B 577 36.87 6.53 -32.48
C TRP B 577 36.51 7.06 -33.86
N ASN B 578 35.23 7.02 -34.20
CA ASN B 578 34.76 7.62 -35.44
C ASN B 578 35.00 9.12 -35.42
N SER B 579 35.41 9.67 -36.56
CA SER B 579 35.61 11.11 -36.66
C SER B 579 34.28 11.86 -36.65
N SER B 580 33.17 11.18 -36.95
CA SER B 580 31.87 11.85 -36.96
C SER B 580 31.42 12.29 -35.57
N TRP B 581 31.96 11.69 -34.50
CA TRP B 581 31.58 12.03 -33.14
C TRP B 581 32.40 13.20 -32.62
N SER B 582 32.29 14.34 -33.32
CA SER B 582 32.93 15.59 -32.93
C SER B 582 34.45 15.42 -32.82
N ASN B 583 35.05 15.19 -33.99
CA ASN B 583 36.50 15.02 -34.06
C ASN B 583 37.23 16.29 -33.65
N ARG B 584 37.86 16.25 -32.48
CA ARG B 584 38.67 17.35 -31.96
C ARG B 584 40.04 16.81 -31.57
N ASN B 585 41.03 17.70 -31.57
CA ASN B 585 42.34 17.34 -31.07
C ASN B 585 42.23 16.95 -29.60
N LEU B 586 42.91 15.87 -29.22
CA LEU B 586 42.86 15.41 -27.84
C LEU B 586 43.43 16.44 -26.87
N SER B 587 44.30 17.34 -27.34
CA SER B 587 44.65 18.51 -26.54
C SER B 587 43.44 19.40 -26.33
N GLU B 588 42.58 19.50 -27.34
CA GLU B 588 41.35 20.29 -27.24
C GLU B 588 40.27 19.59 -26.41
N ILE B 589 40.43 18.31 -26.10
CA ILE B 589 39.44 17.55 -25.35
C ILE B 589 39.88 17.45 -23.89
N TRP B 590 41.04 16.85 -23.65
CA TRP B 590 41.44 16.52 -22.29
C TRP B 590 41.94 17.74 -21.53
N ASP B 591 42.65 18.66 -22.20
CA ASP B 591 43.24 19.80 -21.53
C ASP B 591 42.36 21.05 -21.54
N ASN B 592 41.37 21.11 -22.42
CA ASN B 592 40.54 22.32 -22.59
C ASN B 592 39.18 22.19 -21.93
N MET B 593 38.42 21.15 -22.27
CA MET B 593 37.04 21.03 -21.83
C MET B 593 36.97 20.43 -20.42
N THR B 594 35.73 20.31 -19.92
CA THR B 594 35.44 19.65 -18.66
C THR B 594 34.31 18.65 -18.89
N TRP B 595 34.04 17.84 -17.87
CA TRP B 595 33.10 16.72 -18.03
C TRP B 595 31.70 17.21 -18.34
N LEU B 596 31.24 18.25 -17.63
CA LEU B 596 29.89 18.75 -17.86
C LEU B 596 29.74 19.31 -19.27
N GLN B 597 30.77 20.02 -19.75
CA GLN B 597 30.74 20.47 -21.14
C GLN B 597 30.90 19.31 -22.12
N TRP B 598 31.72 18.32 -21.75
CA TRP B 598 31.94 17.17 -22.63
C TRP B 598 30.67 16.37 -22.84
N ASP B 599 29.77 16.36 -21.86
CA ASP B 599 28.52 15.62 -21.99
C ASP B 599 27.63 16.19 -23.08
N LYS B 600 27.57 17.52 -23.18
CA LYS B 600 26.50 18.17 -23.94
C LYS B 600 26.59 17.87 -25.43
N GLU B 601 27.75 18.07 -26.03
CA GLU B 601 27.85 17.95 -27.49
C GLU B 601 27.73 16.49 -27.94
N ILE B 602 28.21 15.55 -27.13
CA ILE B 602 28.19 14.13 -27.49
C ILE B 602 26.95 13.40 -26.97
N SER B 603 26.08 14.08 -26.22
CA SER B 603 24.88 13.43 -25.69
C SER B 603 23.97 12.88 -26.79
N ASN B 604 24.09 13.38 -28.02
CA ASN B 604 23.36 12.79 -29.14
C ASN B 604 23.89 11.40 -29.46
N TYR B 605 25.21 11.21 -29.40
CA TYR B 605 25.87 10.01 -29.89
C TYR B 605 26.20 9.00 -28.79
N THR B 606 25.79 9.23 -27.54
CA THR B 606 26.09 8.27 -26.49
C THR B 606 25.42 6.93 -26.75
N GLN B 607 24.21 6.94 -27.31
CA GLN B 607 23.52 5.70 -27.61
C GLN B 607 24.27 4.88 -28.66
N ILE B 608 24.79 5.53 -29.70
CA ILE B 608 25.52 4.82 -30.73
C ILE B 608 26.79 4.19 -30.16
N ILE B 609 27.52 4.93 -29.33
CA ILE B 609 28.74 4.40 -28.74
C ILE B 609 28.42 3.22 -27.82
N TYR B 610 27.34 3.34 -27.03
CA TYR B 610 26.94 2.22 -26.19
C TYR B 610 26.63 1.00 -27.02
N GLY B 611 25.88 1.17 -28.11
CA GLY B 611 25.57 0.05 -28.98
C GLY B 611 26.80 -0.60 -29.56
N LEU B 612 27.74 0.21 -30.05
CA LEU B 612 28.97 -0.33 -30.63
C LEU B 612 29.75 -1.11 -29.59
N LEU B 613 29.92 -0.54 -28.39
CA LEU B 613 30.68 -1.23 -27.34
C LEU B 613 30.04 -2.55 -26.97
N GLU B 614 28.71 -2.56 -26.80
CA GLU B 614 28.07 -3.76 -26.28
C GLU B 614 27.97 -4.86 -27.31
N GLU B 615 27.71 -4.52 -28.58
CA GLU B 615 27.45 -5.50 -29.62
C GLU B 615 28.63 -5.74 -30.54
N SER B 616 29.19 -4.68 -31.13
CA SER B 616 30.16 -4.84 -32.20
C SER B 616 31.48 -5.41 -31.70
N GLN B 617 31.85 -5.14 -30.45
CA GLN B 617 33.18 -5.44 -29.93
C GLN B 617 33.19 -6.59 -28.92
N ASN B 618 32.40 -6.48 -27.84
CA ASN B 618 32.53 -7.44 -26.76
C ASN B 618 32.11 -8.84 -27.21
N GLN B 619 31.01 -8.94 -27.95
CA GLN B 619 30.52 -10.25 -28.38
C GLN B 619 31.52 -10.93 -29.31
N GLN B 620 32.02 -10.20 -30.31
CA GLN B 620 33.00 -10.78 -31.22
C GLN B 620 34.27 -11.16 -30.48
N GLU B 621 34.74 -10.29 -29.58
CA GLU B 621 35.94 -10.58 -28.81
C GLU B 621 35.79 -11.87 -27.99
N LYS B 622 34.64 -12.04 -27.33
CA LYS B 622 34.47 -13.21 -26.47
C LYS B 622 34.25 -14.48 -27.28
N ASN B 623 33.51 -14.41 -28.39
CA ASN B 623 33.42 -15.59 -29.24
C ASN B 623 34.78 -15.95 -29.81
N GLU B 624 35.62 -14.95 -30.07
CA GLU B 624 36.98 -15.22 -30.52
C GLU B 624 37.79 -15.92 -29.43
N GLN B 625 37.64 -15.48 -28.18
CA GLN B 625 38.35 -16.16 -27.09
C GLN B 625 37.86 -17.59 -26.94
N ASP B 626 36.54 -17.80 -27.08
CA ASP B 626 35.99 -19.14 -26.95
C ASP B 626 36.53 -20.06 -28.05
N LEU B 627 36.64 -19.55 -29.28
CA LEU B 627 37.22 -20.36 -30.35
C LEU B 627 38.71 -20.55 -30.16
N LEU B 628 39.38 -19.59 -29.51
CA LEU B 628 40.82 -19.73 -29.25
C LEU B 628 41.09 -20.88 -28.30
N ALA B 629 40.28 -21.00 -27.24
CA ALA B 629 40.43 -22.08 -26.27
C ALA B 629 39.95 -23.43 -26.80
N LEU B 630 39.42 -23.49 -28.02
CA LEU B 630 38.98 -24.76 -28.59
C LEU B 630 40.13 -25.74 -28.71
N ASP B 631 41.28 -25.27 -29.17
CA ASP B 631 42.46 -26.12 -29.39
C ASP B 631 43.61 -25.69 -28.49
N LEU C 1 49.56 -15.25 8.17
CA LEU C 1 50.32 -14.02 7.79
C LEU C 1 49.42 -12.96 7.15
N TRP C 2 48.69 -13.36 6.11
CA TRP C 2 47.89 -12.44 5.29
C TRP C 2 46.40 -12.69 5.48
N VAL C 3 45.61 -11.69 5.12
CA VAL C 3 44.16 -11.74 5.25
C VAL C 3 43.55 -12.29 3.97
N THR C 4 42.54 -13.13 4.11
CA THR C 4 41.80 -13.70 2.98
C THR C 4 40.31 -13.65 3.32
N VAL C 5 39.52 -13.09 2.41
CA VAL C 5 38.10 -12.89 2.64
C VAL C 5 37.33 -14.12 2.16
N TYR C 6 36.48 -14.64 3.04
CA TYR C 6 35.62 -15.78 2.74
C TYR C 6 34.18 -15.28 2.65
N TYR C 7 33.48 -15.66 1.59
CA TYR C 7 32.08 -15.28 1.38
C TYR C 7 31.19 -16.50 1.51
N GLY C 8 30.00 -16.30 2.07
CA GLY C 8 29.08 -17.39 2.30
C GLY C 8 29.58 -18.35 3.34
N VAL C 9 29.64 -17.89 4.59
CA VAL C 9 30.26 -18.63 5.70
C VAL C 9 29.20 -18.88 6.76
N PRO C 10 29.17 -20.05 7.42
CA PRO C 10 28.06 -20.29 8.37
C PRO C 10 28.23 -19.60 9.73
N VAL C 11 27.86 -18.33 9.76
CA VAL C 11 27.89 -17.51 10.98
C VAL C 11 26.61 -16.72 11.05
N TRP C 12 26.04 -16.61 12.26
CA TRP C 12 24.81 -15.87 12.49
C TRP C 12 24.93 -15.09 13.80
N LYS C 13 23.92 -14.27 14.07
CA LYS C 13 23.80 -13.61 15.36
C LYS C 13 22.34 -13.21 15.56
N ASP C 14 22.01 -12.93 16.82
CA ASP C 14 20.62 -12.64 17.16
C ASP C 14 20.13 -11.37 16.48
N ALA C 15 18.88 -11.40 16.03
CA ALA C 15 18.25 -10.26 15.38
C ALA C 15 16.76 -10.52 15.31
N GLU C 16 16.01 -9.47 14.98
CA GLU C 16 14.56 -9.53 14.87
C GLU C 16 14.12 -8.95 13.54
N THR C 17 13.12 -9.57 12.93
CA THR C 17 12.57 -9.10 11.67
C THR C 17 11.13 -9.57 11.56
N THR C 18 10.37 -8.87 10.72
CA THR C 18 8.97 -9.23 10.50
C THR C 18 8.88 -10.55 9.75
N LEU C 19 8.05 -11.45 10.27
CA LEU C 19 7.78 -12.73 9.63
C LEU C 19 6.46 -12.65 8.87
N PHE C 20 6.21 -13.68 8.05
CA PHE C 20 4.99 -13.76 7.27
C PHE C 20 4.31 -15.11 7.50
N CYS C 21 2.98 -15.10 7.42
CA CYS C 21 2.18 -16.28 7.69
C CYS C 21 2.33 -17.31 6.57
N ALA C 22 1.86 -18.52 6.85
CA ALA C 22 1.83 -19.59 5.86
C ALA C 22 0.81 -20.62 6.32
N SER C 23 -0.24 -20.83 5.52
CA SER C 23 -1.33 -21.72 5.88
C SER C 23 -1.70 -22.58 4.67
N ASP C 24 -2.27 -23.75 4.96
CA ASP C 24 -2.63 -24.69 3.91
C ASP C 24 -3.82 -24.17 3.10
N ALA C 25 -3.91 -24.64 1.86
CA ALA C 25 -5.01 -24.25 0.99
C ALA C 25 -6.35 -24.85 1.40
N LYS C 26 -6.33 -25.92 2.21
CA LYS C 26 -7.58 -26.55 2.61
C LYS C 26 -8.44 -25.60 3.44
N ALA C 27 -7.80 -24.77 4.27
CA ALA C 27 -8.56 -23.84 5.10
C ALA C 27 -9.34 -22.85 4.24
N TYR C 28 -8.71 -22.32 3.19
CA TYR C 28 -9.43 -21.46 2.25
C TYR C 28 -10.50 -22.25 1.50
N GLU C 29 -10.17 -23.49 1.10
CA GLU C 29 -11.12 -24.31 0.37
C GLU C 29 -12.29 -24.79 1.24
N THR C 30 -12.22 -24.63 2.55
CA THR C 30 -13.32 -25.03 3.41
C THR C 30 -14.54 -24.15 3.14
N GLU C 31 -15.73 -24.75 3.25
CA GLU C 31 -16.96 -24.03 2.93
C GLU C 31 -17.18 -22.85 3.86
N LYS C 32 -16.73 -22.95 5.11
CA LYS C 32 -16.79 -21.82 6.02
C LYS C 32 -15.78 -20.77 5.56
N HIS C 33 -16.26 -19.74 4.86
CA HIS C 33 -15.36 -18.80 4.20
C HIS C 33 -14.83 -17.77 5.18
N ASN C 34 -13.55 -17.42 5.00
CA ASN C 34 -12.90 -16.35 5.75
C ASN C 34 -12.93 -16.62 7.26
N VAL C 35 -12.61 -17.87 7.64
CA VAL C 35 -12.51 -18.19 9.06
C VAL C 35 -11.38 -17.40 9.70
N TRP C 36 -10.22 -17.33 9.03
CA TRP C 36 -9.06 -16.62 9.55
C TRP C 36 -8.35 -15.81 8.47
N ALA C 37 -9.03 -15.45 7.38
CA ALA C 37 -8.44 -14.72 6.27
C ALA C 37 -7.24 -15.48 5.71
N THR C 38 -7.47 -16.75 5.36
CA THR C 38 -6.39 -17.59 4.83
C THR C 38 -5.86 -17.09 3.50
N HIS C 39 -6.64 -16.29 2.77
CA HIS C 39 -6.15 -15.73 1.50
C HIS C 39 -4.94 -14.84 1.72
N ALA C 40 -4.83 -14.20 2.89
CA ALA C 40 -3.64 -13.42 3.20
C ALA C 40 -2.41 -14.31 3.32
N CYS C 41 -2.55 -15.48 3.95
CA CYS C 41 -1.40 -16.34 4.20
C CYS C 41 -0.94 -17.03 2.91
N VAL C 42 0.34 -17.39 2.91
CA VAL C 42 0.97 -18.05 1.76
C VAL C 42 0.64 -19.55 1.84
N PRO C 43 0.60 -20.28 0.72
CA PRO C 43 0.51 -21.74 0.83
C PRO C 43 1.72 -22.33 1.54
N THR C 44 1.46 -23.40 2.30
CA THR C 44 2.50 -24.03 3.11
C THR C 44 3.45 -24.83 2.24
N ASP C 45 4.68 -24.99 2.73
CA ASP C 45 5.63 -25.88 2.09
C ASP C 45 5.12 -27.31 2.21
N PRO C 46 5.01 -28.08 1.10
CA PRO C 46 4.55 -29.47 1.24
C PRO C 46 5.46 -30.33 2.10
N ASN C 47 6.75 -30.00 2.19
CA ASN C 47 7.71 -30.77 2.98
C ASN C 47 8.68 -29.81 3.65
N PRO C 48 8.35 -29.32 4.85
CA PRO C 48 9.32 -28.49 5.58
C PRO C 48 10.62 -29.24 5.84
N GLN C 49 11.73 -28.52 5.71
CA GLN C 49 13.07 -29.10 5.85
C GLN C 49 13.58 -28.82 7.25
N GLU C 50 14.00 -29.87 7.95
CA GLU C 50 14.66 -29.76 9.25
C GLU C 50 16.06 -30.33 9.12
N ILE C 51 17.06 -29.50 9.37
CA ILE C 51 18.47 -29.87 9.28
C ILE C 51 19.04 -29.88 10.68
N HIS C 52 19.61 -31.02 11.08
CA HIS C 52 20.19 -31.17 12.40
C HIS C 52 21.60 -30.61 12.40
N LEU C 53 21.86 -29.66 13.30
CA LEU C 53 23.19 -29.09 13.49
C LEU C 53 23.84 -29.84 14.64
N GLU C 54 25.03 -30.39 14.40
CA GLU C 54 25.53 -31.53 15.18
C GLU C 54 26.43 -31.13 16.35
N ASN C 55 26.98 -29.91 16.36
CA ASN C 55 27.89 -29.50 17.42
C ASN C 55 27.64 -28.10 17.95
N VAL C 56 26.52 -27.48 17.63
CA VAL C 56 26.29 -26.08 17.97
C VAL C 56 25.52 -26.01 19.28
N THR C 57 25.94 -25.10 20.14
CA THR C 57 25.21 -24.76 21.37
C THR C 57 24.83 -23.29 21.29
N GLU C 58 23.54 -22.99 21.45
CA GLU C 58 22.99 -21.66 21.25
C GLU C 58 22.23 -21.22 22.48
N GLU C 59 22.35 -19.93 22.81
CA GLU C 59 21.71 -19.35 23.98
C GLU C 59 20.26 -19.00 23.65
N PHE C 60 19.33 -19.79 24.17
CA PHE C 60 17.90 -19.59 23.94
C PHE C 60 17.27 -18.83 25.10
N ASN C 61 16.17 -18.15 24.79
CA ASN C 61 15.40 -17.42 25.78
C ASN C 61 14.03 -17.11 25.20
N MET C 62 12.97 -17.46 25.92
CA MET C 62 11.61 -17.23 25.47
C MET C 62 10.97 -16.00 26.10
N TRP C 63 11.43 -15.59 27.29
CA TRP C 63 10.86 -14.44 27.97
C TRP C 63 11.17 -13.11 27.29
N LYS C 64 12.08 -13.09 26.31
CA LYS C 64 12.37 -11.90 25.52
C LYS C 64 12.21 -12.18 24.02
N ASN C 65 11.48 -13.24 23.65
CA ASN C 65 11.28 -13.57 22.25
C ASN C 65 10.41 -12.51 21.59
N ASN C 66 10.85 -12.00 20.44
CA ASN C 66 10.09 -11.02 19.69
C ASN C 66 8.95 -11.64 18.89
N MET C 67 9.02 -12.94 18.60
CA MET C 67 7.96 -13.59 17.84
C MET C 67 6.64 -13.59 18.60
N VAL C 68 6.70 -13.61 19.93
CA VAL C 68 5.48 -13.54 20.73
C VAL C 68 4.75 -12.22 20.46
N GLU C 69 5.48 -11.11 20.55
CA GLU C 69 4.86 -9.81 20.32
C GLU C 69 4.40 -9.67 18.87
N GLN C 70 5.19 -10.21 17.92
CA GLN C 70 4.76 -10.15 16.53
C GLN C 70 3.47 -10.93 16.31
N MET C 71 3.35 -12.11 16.91
CA MET C 71 2.12 -12.89 16.78
C MET C 71 0.95 -12.17 17.42
N HIS C 72 1.17 -11.56 18.59
CA HIS C 72 0.09 -10.82 19.24
C HIS C 72 -0.39 -9.67 18.37
N THR C 73 0.54 -8.90 17.80
CA THR C 73 0.16 -7.79 16.94
C THR C 73 -0.56 -8.27 15.69
N ASP C 74 -0.08 -9.36 15.09
CA ASP C 74 -0.73 -9.90 13.90
C ASP C 74 -2.16 -10.37 14.22
N ILE C 75 -2.34 -11.02 15.36
CA ILE C 75 -3.68 -11.50 15.73
C ILE C 75 -4.62 -10.32 15.95
N ILE C 76 -4.14 -9.28 16.65
CA ILE C 76 -4.99 -8.11 16.89
C ILE C 76 -5.34 -7.43 15.57
N SER C 77 -4.36 -7.28 14.68
CA SER C 77 -4.63 -6.64 13.39
C SER C 77 -5.63 -7.43 12.57
N LEU C 78 -5.47 -8.76 12.54
CA LEU C 78 -6.40 -9.60 11.79
C LEU C 78 -7.80 -9.50 12.38
N TRP C 79 -7.91 -9.50 13.71
CA TRP C 79 -9.21 -9.38 14.35
C TRP C 79 -9.89 -8.07 14.00
N ASP C 80 -9.14 -6.96 14.07
CA ASP C 80 -9.73 -5.66 13.73
C ASP C 80 -10.12 -5.61 12.26
N GLN C 81 -9.31 -6.21 11.39
CA GLN C 81 -9.62 -6.21 9.96
C GLN C 81 -10.89 -7.02 9.68
N SER C 82 -11.09 -8.11 10.41
CA SER C 82 -12.20 -9.01 10.10
C SER C 82 -13.56 -8.35 10.31
N LEU C 83 -13.71 -7.56 11.38
CA LEU C 83 -15.01 -7.02 11.74
C LEU C 83 -15.37 -5.74 10.98
N LYS C 84 -14.44 -5.15 10.22
CA LYS C 84 -14.74 -3.88 9.57
C LYS C 84 -15.90 -3.95 8.58
N PRO C 85 -16.02 -4.94 7.69
CA PRO C 85 -17.16 -4.95 6.76
C PRO C 85 -18.48 -5.35 7.40
N CYS C 86 -18.49 -5.77 8.66
CA CYS C 86 -19.70 -6.31 9.26
C CYS C 86 -20.64 -5.19 9.70
N VAL C 87 -21.83 -5.59 10.16
CA VAL C 87 -22.88 -4.65 10.51
C VAL C 87 -22.51 -3.89 11.76
N LYS C 88 -22.96 -2.63 11.84
CA LYS C 88 -22.79 -1.78 13.01
C LYS C 88 -24.16 -1.56 13.65
N LEU C 89 -24.21 -1.74 14.97
CA LEU C 89 -25.47 -1.71 15.73
C LEU C 89 -25.58 -0.47 16.61
N THR C 90 -25.18 0.69 16.08
CA THR C 90 -25.45 1.94 16.76
C THR C 90 -26.95 2.17 17.05
N PRO C 91 -27.90 1.87 16.17
CA PRO C 91 -29.30 2.10 16.53
C PRO C 91 -29.85 1.14 17.57
N LEU C 92 -29.07 0.16 18.04
CA LEU C 92 -29.56 -0.76 19.06
C LEU C 92 -29.55 -0.17 20.46
N CYS C 93 -28.86 0.94 20.68
CA CYS C 93 -28.85 1.56 22.00
C CYS C 93 -30.19 2.25 22.25
N VAL C 94 -31.15 1.49 22.78
CA VAL C 94 -32.51 1.94 22.99
C VAL C 94 -32.91 1.56 24.42
N THR C 95 -33.85 2.31 24.97
CA THR C 95 -34.34 2.06 26.32
C THR C 95 -35.17 0.79 26.32
N LEU C 96 -34.55 -0.33 26.68
CA LEU C 96 -35.25 -1.60 26.70
C LEU C 96 -36.22 -1.65 27.89
N GLN C 97 -37.16 -2.59 27.82
CA GLN C 97 -38.10 -2.86 28.89
C GLN C 97 -38.20 -4.37 29.03
N CYS C 98 -37.62 -4.90 30.10
CA CYS C 98 -37.28 -6.31 30.18
C CYS C 98 -37.98 -6.92 31.38
N THR C 99 -38.48 -8.16 31.23
CA THR C 99 -39.16 -8.83 32.35
C THR C 99 -38.79 -10.32 32.33
N ASN C 100 -37.69 -10.65 33.01
CA ASN C 100 -37.19 -11.99 33.33
C ASN C 100 -37.51 -13.05 32.27
N VAL C 101 -38.17 -14.15 32.63
CA VAL C 101 -38.21 -15.37 31.82
C VAL C 101 -39.66 -15.79 31.58
N THR C 102 -40.55 -14.81 31.39
CA THR C 102 -41.99 -15.07 31.38
C THR C 102 -42.42 -16.10 30.34
N ASN C 103 -41.65 -16.29 29.27
CA ASN C 103 -42.04 -17.17 28.18
C ASN C 103 -41.65 -18.63 28.39
N ASN C 104 -41.00 -18.98 29.49
CA ASN C 104 -40.50 -20.32 29.68
C ASN C 104 -40.40 -20.64 31.17
N ILE C 105 -40.28 -21.94 31.46
CA ILE C 105 -40.08 -22.44 32.81
C ILE C 105 -38.60 -22.73 33.01
N THR C 106 -38.05 -22.25 34.12
CA THR C 106 -36.63 -22.35 34.41
C THR C 106 -36.42 -22.87 35.83
N ASP C 107 -35.28 -23.51 36.03
CA ASP C 107 -34.91 -24.03 37.35
C ASP C 107 -34.37 -22.89 38.21
N ASP C 108 -33.69 -23.22 39.31
CA ASP C 108 -33.30 -22.22 40.31
C ASP C 108 -32.25 -21.22 39.84
N MET C 109 -31.83 -21.22 38.57
CA MET C 109 -30.99 -20.13 38.09
C MET C 109 -31.75 -18.81 38.14
N ARG C 110 -33.04 -18.82 37.83
CA ARG C 110 -33.93 -17.67 37.95
C ARG C 110 -33.47 -16.60 36.97
N GLY C 111 -33.23 -15.36 37.39
CA GLY C 111 -33.11 -14.25 36.46
C GLY C 111 -31.75 -14.08 35.84
N GLU C 112 -31.38 -15.01 34.96
CA GLU C 112 -30.19 -14.85 34.12
C GLU C 112 -30.53 -14.46 32.69
N LEU C 113 -31.70 -14.86 32.20
CA LEU C 113 -32.16 -14.53 30.85
C LEU C 113 -33.28 -13.50 30.96
N LYS C 114 -33.02 -12.29 30.49
CA LYS C 114 -34.00 -11.22 30.48
C LYS C 114 -34.71 -11.19 29.14
N ASN C 115 -36.04 -11.03 29.18
CA ASN C 115 -36.88 -11.00 27.98
C ASN C 115 -37.19 -9.54 27.66
N CYS C 116 -36.50 -9.01 26.66
CA CYS C 116 -36.46 -7.57 26.40
C CYS C 116 -37.24 -7.21 25.14
N SER C 117 -38.13 -6.23 25.28
CA SER C 117 -38.94 -5.72 24.19
C SER C 117 -38.71 -4.22 24.04
N PHE C 118 -38.59 -3.75 22.81
CA PHE C 118 -38.12 -2.39 22.59
C PHE C 118 -38.32 -2.00 21.13
N ASN C 119 -38.39 -0.69 20.89
CA ASN C 119 -38.58 -0.15 19.55
C ASN C 119 -37.32 -0.32 18.71
N MET C 120 -37.49 -0.18 17.40
CA MET C 120 -36.39 -0.24 16.45
C MET C 120 -36.84 0.32 15.11
N THR C 121 -35.88 0.80 14.32
CA THR C 121 -36.18 1.36 13.02
C THR C 121 -36.28 0.25 11.99
N THR C 122 -37.33 0.29 11.18
CA THR C 122 -37.54 -0.70 10.12
C THR C 122 -36.67 -0.32 8.92
N GLU C 123 -36.89 -0.99 7.79
CA GLU C 123 -36.10 -0.73 6.60
C GLU C 123 -36.36 0.65 5.99
N LEU C 124 -37.44 1.33 6.40
CA LEU C 124 -37.77 2.67 5.93
C LEU C 124 -37.64 3.66 7.09
N ARG C 125 -37.29 4.90 6.75
CA ARG C 125 -37.09 5.91 7.78
C ARG C 125 -38.39 6.27 8.49
N ASP C 126 -39.51 6.24 7.77
CA ASP C 126 -40.75 6.82 8.29
C ASP C 126 -41.26 6.05 9.50
N LYS C 127 -41.23 4.71 9.46
CA LYS C 127 -41.97 3.88 10.40
C LYS C 127 -41.03 3.17 11.36
N LYS C 128 -41.49 3.03 12.61
CA LYS C 128 -40.80 2.29 13.64
C LYS C 128 -41.27 0.83 13.65
N GLN C 129 -40.58 0.00 14.44
CA GLN C 129 -40.84 -1.43 14.51
C GLN C 129 -40.83 -1.85 15.97
N LYS C 130 -41.78 -2.71 16.33
CA LYS C 130 -41.88 -3.28 17.68
C LYS C 130 -41.38 -4.72 17.62
N VAL C 131 -40.25 -4.99 18.27
CA VAL C 131 -39.62 -6.29 18.27
C VAL C 131 -39.22 -6.64 19.70
N TYR C 132 -38.57 -7.79 19.85
CA TYR C 132 -38.18 -8.29 21.17
C TYR C 132 -36.98 -9.20 20.99
N SER C 133 -36.31 -9.47 22.11
CA SER C 133 -35.17 -10.37 22.12
C SER C 133 -34.87 -10.77 23.56
N LEU C 134 -34.13 -11.86 23.70
CA LEU C 134 -33.67 -12.34 25.01
C LEU C 134 -32.21 -11.95 25.18
N PHE C 135 -31.93 -11.22 26.26
CA PHE C 135 -30.58 -10.78 26.59
C PHE C 135 -30.22 -11.30 27.98
N TYR C 136 -28.97 -11.73 28.14
CA TYR C 136 -28.53 -12.29 29.41
C TYR C 136 -28.43 -11.20 30.48
N ARG C 137 -28.43 -11.64 31.73
CA ARG C 137 -28.29 -10.72 32.85
C ARG C 137 -26.97 -9.95 32.78
N LEU C 138 -25.95 -10.55 32.17
CA LEU C 138 -24.64 -9.90 32.05
C LEU C 138 -24.59 -8.87 30.92
N ASP C 139 -25.55 -8.89 30.00
CA ASP C 139 -25.53 -8.04 28.82
C ASP C 139 -26.37 -6.77 28.96
N VAL C 140 -27.00 -6.54 30.10
CA VAL C 140 -27.86 -5.37 30.31
C VAL C 140 -27.59 -4.79 31.69
N VAL C 141 -27.55 -3.46 31.76
CA VAL C 141 -27.36 -2.72 33.00
C VAL C 141 -28.58 -1.84 33.23
N GLN C 142 -29.08 -1.83 34.45
CA GLN C 142 -30.30 -1.12 34.76
C GLN C 142 -30.12 0.39 34.63
N ILE C 143 -31.19 1.05 34.20
CA ILE C 143 -31.26 2.50 34.08
C ILE C 143 -32.55 2.98 34.73
N ASN C 144 -32.45 4.05 35.51
CA ASN C 144 -33.59 4.56 36.26
C ASN C 144 -34.45 5.46 35.38
N SER C 154 -45.36 -0.19 35.98
CA SER C 154 -43.99 0.37 36.17
C SER C 154 -42.93 -0.70 35.93
N ASN C 155 -43.05 -1.41 34.81
CA ASN C 155 -42.06 -2.41 34.44
C ASN C 155 -40.70 -1.75 34.23
N LYS C 156 -39.66 -2.36 34.80
CA LYS C 156 -38.35 -1.74 34.80
C LYS C 156 -37.75 -1.72 33.40
N GLU C 157 -36.75 -0.86 33.22
CA GLU C 157 -36.11 -0.62 31.94
C GLU C 157 -34.60 -0.70 32.09
N TYR C 158 -33.94 -1.18 31.03
CA TYR C 158 -32.51 -1.42 31.01
C TYR C 158 -31.94 -0.88 29.70
N ARG C 159 -30.61 -0.93 29.59
CA ARG C 159 -29.91 -0.65 28.35
C ARG C 159 -28.81 -1.67 28.19
N LEU C 160 -28.16 -1.68 27.03
CA LEU C 160 -27.03 -2.57 26.84
C LEU C 160 -25.85 -2.12 27.69
N ILE C 161 -24.91 -3.04 27.91
CA ILE C 161 -23.84 -2.81 28.88
C ILE C 161 -22.93 -1.67 28.44
N ASN C 162 -22.66 -1.55 27.15
CA ASN C 162 -21.63 -0.65 26.63
C ASN C 162 -22.21 0.51 25.81
N CYS C 163 -23.45 0.90 26.07
CA CYS C 163 -24.02 2.03 25.35
C CYS C 163 -23.39 3.36 25.73
N ASN C 164 -22.64 3.42 26.83
CA ASN C 164 -21.92 4.61 27.24
C ASN C 164 -20.41 4.48 27.09
N THR C 165 -19.92 3.37 26.53
CA THR C 165 -18.49 3.12 26.36
C THR C 165 -18.07 2.96 24.91
N SER C 166 -18.75 2.08 24.16
CA SER C 166 -18.31 1.70 22.83
C SER C 166 -19.50 1.44 21.94
N ALA C 167 -19.24 1.37 20.63
CA ALA C 167 -20.25 1.10 19.62
C ALA C 167 -20.12 -0.35 19.18
N CYS C 168 -21.16 -1.14 19.44
CA CYS C 168 -21.16 -2.55 19.07
C CYS C 168 -21.09 -2.69 17.56
N THR C 169 -20.40 -3.74 17.11
CA THR C 169 -20.38 -4.15 15.71
C THR C 169 -20.67 -5.64 15.67
N GLN C 170 -21.79 -6.02 15.06
CA GLN C 170 -22.19 -7.41 15.04
C GLN C 170 -21.16 -8.26 14.31
N ALA C 171 -20.86 -9.43 14.85
CA ALA C 171 -19.99 -10.37 14.16
C ALA C 171 -20.68 -10.86 12.90
N CYS C 172 -19.91 -10.97 11.82
CA CYS C 172 -20.49 -11.45 10.57
C CYS C 172 -20.91 -12.90 10.75
N PRO C 173 -22.11 -13.29 10.29
CA PRO C 173 -22.56 -14.66 10.55
C PRO C 173 -21.84 -15.69 9.71
N LYS C 174 -21.37 -15.32 8.52
CA LYS C 174 -20.68 -16.29 7.65
C LYS C 174 -19.38 -16.77 8.27
N VAL C 175 -18.59 -15.85 8.83
CA VAL C 175 -17.30 -16.24 9.40
C VAL C 175 -17.53 -16.87 10.78
N SER C 176 -16.55 -17.67 11.20
CA SER C 176 -16.58 -18.35 12.49
C SER C 176 -15.22 -18.24 13.15
N PHE C 177 -15.23 -18.01 14.47
CA PHE C 177 -14.00 -17.87 15.24
C PHE C 177 -13.51 -19.25 15.65
N GLU C 178 -13.07 -20.01 14.64
CA GLU C 178 -12.51 -21.34 14.82
C GLU C 178 -11.01 -21.27 14.60
N PRO C 179 -10.15 -21.60 15.57
CA PRO C 179 -8.71 -21.56 15.31
C PRO C 179 -8.28 -22.58 14.26
N ILE C 180 -7.24 -22.24 13.52
CA ILE C 180 -6.62 -23.15 12.54
C ILE C 180 -5.11 -22.99 12.63
N PRO C 181 -4.36 -23.99 12.16
CA PRO C 181 -2.89 -23.89 12.24
C PRO C 181 -2.36 -22.70 11.45
N ILE C 182 -1.32 -22.07 12.01
CA ILE C 182 -0.61 -20.97 11.37
C ILE C 182 0.87 -21.27 11.47
N HIS C 183 1.55 -21.32 10.32
CA HIS C 183 2.99 -21.57 10.25
C HIS C 183 3.71 -20.25 10.00
N TYR C 184 4.73 -19.99 10.80
CA TYR C 184 5.54 -18.78 10.69
C TYR C 184 6.83 -19.13 9.95
N CYS C 185 7.12 -18.41 8.87
CA CYS C 185 8.29 -18.62 8.03
C CYS C 185 9.11 -17.34 8.00
N ALA C 186 10.41 -17.46 8.25
CA ALA C 186 11.28 -16.31 8.25
C ALA C 186 11.57 -15.86 6.81
N PRO C 187 11.86 -14.58 6.61
CA PRO C 187 12.08 -14.08 5.24
C PRO C 187 13.46 -14.49 4.73
N ALA C 188 13.78 -14.03 3.53
CA ALA C 188 15.06 -14.37 2.92
C ALA C 188 16.21 -13.80 3.72
N GLY C 189 17.27 -14.59 3.87
CA GLY C 189 18.46 -14.19 4.59
C GLY C 189 18.48 -14.57 6.06
N PHE C 190 17.33 -14.86 6.65
CA PHE C 190 17.22 -15.22 8.05
C PHE C 190 16.97 -16.72 8.18
N ALA C 191 16.97 -17.19 9.42
CA ALA C 191 16.71 -18.58 9.73
C ALA C 191 16.08 -18.68 11.11
N ILE C 192 15.40 -19.78 11.36
CA ILE C 192 14.75 -20.07 12.63
C ILE C 192 15.42 -21.30 13.23
N LEU C 193 15.92 -21.15 14.46
CA LEU C 193 16.58 -22.23 15.17
C LEU C 193 15.58 -22.89 16.11
N LYS C 194 15.47 -24.22 16.01
CA LYS C 194 14.52 -25.01 16.80
C LYS C 194 15.30 -25.81 17.83
N CYS C 195 15.15 -25.44 19.10
CA CYS C 195 15.77 -26.23 20.17
C CYS C 195 14.97 -27.51 20.39
N LYS C 196 15.68 -28.64 20.47
CA LYS C 196 15.06 -29.95 20.58
C LYS C 196 15.40 -30.68 21.88
N ASP C 197 15.93 -29.97 22.88
CA ASP C 197 16.26 -30.61 24.14
C ASP C 197 15.00 -31.06 24.86
N LYS C 198 15.06 -32.24 25.47
CA LYS C 198 13.87 -32.83 26.07
C LYS C 198 13.42 -32.06 27.31
N LYS C 199 14.37 -31.60 28.12
CA LYS C 199 14.08 -31.00 29.43
C LYS C 199 14.39 -29.50 29.44
N PHE C 200 14.02 -28.80 28.38
CA PHE C 200 14.37 -27.39 28.24
C PHE C 200 13.46 -26.54 29.11
N ASN C 201 14.08 -25.69 29.94
CA ASN C 201 13.36 -24.79 30.83
C ASN C 201 12.84 -23.53 30.14
N GLY C 202 13.33 -23.21 28.94
CA GLY C 202 13.04 -21.96 28.28
C GLY C 202 14.15 -20.93 28.34
N THR C 203 15.27 -21.24 29.00
CA THR C 203 16.40 -20.32 29.09
C THR C 203 17.69 -21.13 29.17
N GLY C 204 18.77 -20.51 28.71
CA GLY C 204 20.08 -21.12 28.79
C GLY C 204 20.46 -21.86 27.53
N PRO C 205 21.63 -22.50 27.53
CA PRO C 205 22.11 -23.17 26.31
C PRO C 205 21.33 -24.44 26.03
N CYS C 206 20.89 -24.59 24.78
CA CYS C 206 20.24 -25.79 24.30
C CYS C 206 21.27 -26.64 23.57
N PRO C 207 21.66 -27.81 24.06
CA PRO C 207 22.73 -28.56 23.40
C PRO C 207 22.30 -29.42 22.22
N SER C 208 21.07 -29.26 21.73
CA SER C 208 20.54 -30.08 20.62
C SER C 208 19.80 -29.20 19.62
N VAL C 209 20.41 -28.08 19.23
CA VAL C 209 19.75 -27.12 18.35
C VAL C 209 19.52 -27.75 16.99
N SER C 210 18.44 -27.34 16.34
CA SER C 210 18.16 -27.67 14.94
C SER C 210 17.64 -26.40 14.27
N THR C 211 17.44 -26.46 12.95
CA THR C 211 16.94 -25.33 12.18
C THR C 211 15.78 -25.79 11.30
N VAL C 212 14.82 -24.89 11.09
CA VAL C 212 13.65 -25.16 10.28
C VAL C 212 13.29 -23.89 9.52
N GLN C 213 12.81 -24.06 8.29
CA GLN C 213 12.41 -22.91 7.49
C GLN C 213 11.11 -22.31 8.01
N CYS C 214 10.17 -23.16 8.44
CA CYS C 214 8.88 -22.73 8.98
C CYS C 214 8.57 -23.50 10.25
N THR C 215 7.95 -22.82 11.20
CA THR C 215 7.60 -23.44 12.47
C THR C 215 6.46 -24.44 12.27
N HIS C 216 6.27 -25.30 13.27
CA HIS C 216 5.17 -26.24 13.24
C HIS C 216 3.85 -25.51 13.44
N GLY C 217 2.77 -26.11 12.94
CA GLY C 217 1.46 -25.50 13.01
C GLY C 217 1.00 -25.20 14.42
N ILE C 218 0.67 -23.95 14.69
CA ILE C 218 0.25 -23.49 16.01
C ILE C 218 -1.13 -22.85 15.88
N LYS C 219 -2.05 -23.27 16.75
CA LYS C 219 -3.42 -22.80 16.71
C LYS C 219 -3.59 -21.60 17.64
N PRO C 220 -4.09 -20.44 17.15
CA PRO C 220 -4.20 -19.29 18.07
C PRO C 220 -5.44 -19.35 18.96
N VAL C 221 -5.44 -20.30 19.88
CA VAL C 221 -6.56 -20.43 20.80
C VAL C 221 -6.57 -19.25 21.77
N VAL C 222 -7.71 -19.06 22.43
CA VAL C 222 -7.88 -18.01 23.43
C VAL C 222 -8.51 -18.63 24.66
N SER C 223 -7.82 -18.53 25.80
CA SER C 223 -8.34 -19.00 27.08
C SER C 223 -7.40 -18.50 28.17
N THR C 224 -7.97 -18.20 29.34
CA THR C 224 -7.24 -17.51 30.39
C THR C 224 -6.59 -18.45 31.40
N GLN C 225 -7.39 -19.22 32.12
CA GLN C 225 -6.88 -20.00 33.25
C GLN C 225 -6.40 -21.39 32.87
N LEU C 226 -6.67 -21.85 31.65
CA LEU C 226 -6.24 -23.17 31.22
C LEU C 226 -5.89 -23.11 29.74
N LEU C 227 -4.78 -23.72 29.37
CA LEU C 227 -4.36 -23.78 27.97
C LEU C 227 -5.04 -24.97 27.30
N LEU C 228 -5.70 -24.71 26.18
CA LEU C 228 -6.46 -25.72 25.45
C LEU C 228 -5.79 -26.01 24.12
N ASN C 229 -5.73 -27.30 23.77
CA ASN C 229 -5.17 -27.76 22.49
C ASN C 229 -3.70 -27.39 22.34
N GLY C 230 -2.99 -27.19 23.45
CA GLY C 230 -1.59 -26.85 23.37
C GLY C 230 -0.72 -28.06 23.06
N SER C 231 0.54 -27.77 22.75
CA SER C 231 1.51 -28.82 22.48
C SER C 231 1.99 -29.44 23.78
N LEU C 232 2.05 -30.77 23.81
CA LEU C 232 2.39 -31.50 25.02
C LEU C 232 3.90 -31.60 25.19
N ALA C 233 4.33 -31.70 26.45
CA ALA C 233 5.73 -31.90 26.77
C ALA C 233 6.08 -33.37 26.58
N GLU C 234 7.26 -33.77 27.05
CA GLU C 234 7.75 -35.14 26.92
C GLU C 234 8.33 -35.60 28.25
N GLU C 235 7.88 -36.76 28.71
CA GLU C 235 8.47 -37.51 29.82
C GLU C 235 8.19 -36.92 31.20
N GLU C 236 7.62 -35.72 31.28
CA GLU C 236 7.28 -35.12 32.57
C GLU C 236 6.55 -33.80 32.33
N VAL C 237 5.83 -33.37 33.35
CA VAL C 237 5.19 -32.05 33.32
C VAL C 237 6.24 -31.00 33.63
N MET C 238 6.39 -30.03 32.72
CA MET C 238 7.43 -29.01 32.82
C MET C 238 6.85 -27.75 33.47
N ILE C 239 7.71 -27.05 34.21
CA ILE C 239 7.35 -25.81 34.88
C ILE C 239 8.35 -24.74 34.44
N ARG C 240 7.83 -23.60 33.99
CA ARG C 240 8.67 -22.53 33.44
C ARG C 240 8.24 -21.20 34.04
N SER C 241 9.21 -20.36 34.37
CA SER C 241 8.93 -19.04 34.91
C SER C 241 10.15 -18.15 34.71
N GLU C 242 9.90 -16.86 34.53
CA GLU C 242 10.99 -15.90 34.35
C GLU C 242 11.88 -15.85 35.58
N ASN C 243 11.28 -15.83 36.77
CA ASN C 243 12.02 -15.87 38.02
C ASN C 243 11.06 -16.47 39.05
N ILE C 244 11.24 -17.76 39.35
CA ILE C 244 10.24 -18.50 40.10
C ILE C 244 10.06 -17.94 41.51
N THR C 245 11.13 -17.42 42.11
CA THR C 245 11.05 -16.90 43.47
C THR C 245 10.43 -15.51 43.55
N ASN C 246 10.05 -14.92 42.42
CA ASN C 246 9.32 -13.65 42.41
C ASN C 246 7.83 -13.94 42.34
N ASN C 247 7.07 -13.36 43.27
CA ASN C 247 5.65 -13.64 43.36
C ASN C 247 4.85 -12.99 42.23
N ALA C 248 5.41 -11.95 41.58
CA ALA C 248 4.65 -11.16 40.62
C ALA C 248 4.68 -11.72 39.20
N LYS C 249 5.37 -12.84 38.95
CA LYS C 249 5.50 -13.41 37.63
C LYS C 249 4.82 -14.76 37.56
N ASN C 250 4.12 -15.00 36.46
CA ASN C 250 3.36 -16.24 36.29
C ASN C 250 4.30 -17.44 36.18
N ILE C 251 3.72 -18.62 36.39
CA ILE C 251 4.46 -19.88 36.37
C ILE C 251 3.72 -20.79 35.41
N LEU C 252 4.13 -20.81 34.14
CA LEU C 252 3.49 -21.68 33.17
C LEU C 252 3.72 -23.14 33.52
N VAL C 253 2.82 -24.00 33.04
CA VAL C 253 2.94 -25.44 33.20
C VAL C 253 2.54 -26.06 31.88
N GLN C 254 2.98 -27.29 31.64
CA GLN C 254 2.70 -28.00 30.39
C GLN C 254 2.59 -29.50 30.69
N PHE C 255 1.37 -30.02 30.67
CA PHE C 255 1.12 -31.39 31.10
C PHE C 255 1.80 -32.40 30.18
N ASN C 256 2.19 -33.53 30.76
CA ASN C 256 2.72 -34.64 29.99
C ASN C 256 1.61 -35.29 29.15
N THR C 257 0.46 -35.58 29.80
CA THR C 257 -0.71 -36.16 29.16
C THR C 257 -1.91 -35.26 29.37
N PRO C 258 -2.84 -35.17 28.41
CA PRO C 258 -3.90 -34.17 28.51
C PRO C 258 -5.00 -34.62 29.45
N VAL C 259 -5.77 -33.64 29.92
CA VAL C 259 -6.99 -33.86 30.67
C VAL C 259 -8.15 -33.37 29.82
N GLN C 260 -9.08 -34.27 29.50
CA GLN C 260 -10.17 -33.92 28.60
C GLN C 260 -11.25 -33.15 29.35
N ILE C 261 -11.80 -32.13 28.69
CA ILE C 261 -12.87 -31.32 29.24
C ILE C 261 -14.00 -31.24 28.23
N ASN C 262 -15.21 -31.62 28.66
CA ASN C 262 -16.41 -31.54 27.84
C ASN C 262 -17.24 -30.35 28.31
N CYS C 263 -17.78 -29.59 27.34
CA CYS C 263 -18.59 -28.42 27.62
C CYS C 263 -19.84 -28.44 26.74
N THR C 264 -20.92 -27.87 27.26
CA THR C 264 -22.23 -28.00 26.64
C THR C 264 -23.07 -26.78 26.95
N ARG C 265 -23.95 -26.43 26.02
CA ARG C 265 -24.94 -25.36 26.17
C ARG C 265 -26.31 -25.99 25.96
N PRO C 266 -26.90 -26.59 27.00
CA PRO C 266 -28.12 -27.39 26.78
C PRO C 266 -29.32 -26.61 26.28
N ASN C 267 -29.36 -25.29 26.45
CA ASN C 267 -30.49 -24.51 25.97
C ASN C 267 -30.59 -24.59 24.45
N ASN C 268 -31.81 -24.75 23.94
CA ASN C 268 -32.06 -24.93 22.51
C ASN C 268 -32.50 -23.59 21.92
N ASN C 269 -31.52 -22.75 21.62
CA ASN C 269 -31.80 -21.41 21.12
C ASN C 269 -32.31 -21.45 19.68
N THR C 270 -33.00 -20.37 19.29
CA THR C 270 -33.47 -20.19 17.93
C THR C 270 -33.17 -18.76 17.48
N ARG C 271 -32.75 -18.63 16.24
CA ARG C 271 -32.30 -17.34 15.70
C ARG C 271 -33.47 -16.59 15.08
N LYS C 272 -33.62 -15.33 15.44
CA LYS C 272 -34.64 -14.44 14.88
C LYS C 272 -33.94 -13.33 14.13
N SER C 273 -34.31 -13.14 12.86
CA SER C 273 -33.67 -12.15 11.99
C SER C 273 -34.53 -10.90 11.95
N ILE C 274 -34.02 -9.82 12.53
CA ILE C 274 -34.69 -8.52 12.56
C ILE C 274 -33.96 -7.60 11.59
N ARG C 275 -34.73 -6.84 10.81
CA ARG C 275 -34.19 -6.02 9.74
C ARG C 275 -33.99 -4.59 10.22
N ILE C 276 -32.78 -4.07 10.01
CA ILE C 276 -32.45 -2.67 10.28
C ILE C 276 -32.11 -2.10 8.91
N GLY C 277 -32.86 -2.52 7.90
CA GLY C 277 -32.54 -2.25 6.52
C GLY C 277 -32.42 -0.76 6.21
N PRO C 278 -31.96 -0.45 5.00
CA PRO C 278 -31.59 -1.33 3.89
C PRO C 278 -30.23 -2.01 4.09
N GLY C 279 -30.13 -3.29 3.72
CA GLY C 279 -28.85 -3.97 3.70
C GLY C 279 -28.22 -4.24 5.05
N GLN C 280 -29.01 -4.28 6.11
CA GLN C 280 -28.52 -4.59 7.44
C GLN C 280 -29.51 -5.49 8.16
N ALA C 281 -29.00 -6.46 8.90
CA ALA C 281 -29.82 -7.41 9.64
C ALA C 281 -29.23 -7.61 11.02
N PHE C 282 -30.10 -7.84 12.00
CA PHE C 282 -29.73 -8.01 13.39
C PHE C 282 -30.35 -9.31 13.89
N TYR C 283 -29.49 -10.25 14.30
CA TYR C 283 -29.92 -11.59 14.69
C TYR C 283 -30.14 -11.63 16.20
N ALA C 284 -31.40 -11.75 16.60
CA ALA C 284 -31.79 -11.78 18.00
C ALA C 284 -32.04 -13.21 18.47
N THR C 285 -32.00 -13.39 19.78
CA THR C 285 -32.30 -14.68 20.40
C THR C 285 -33.81 -14.78 20.52
N GLY C 286 -34.44 -15.42 19.55
CA GLY C 286 -35.89 -15.43 19.45
C GLY C 286 -36.60 -16.07 20.61
N ASP C 287 -36.47 -17.39 20.75
CA ASP C 287 -37.14 -18.11 21.82
C ASP C 287 -36.44 -19.44 22.03
N ILE C 288 -36.57 -19.98 23.24
CA ILE C 288 -35.90 -21.20 23.65
C ILE C 288 -36.95 -22.31 23.70
N ILE C 289 -36.73 -23.36 22.90
CA ILE C 289 -37.62 -24.51 22.92
C ILE C 289 -37.31 -25.36 24.14
N GLY C 290 -38.37 -25.76 24.86
CA GLY C 290 -38.20 -26.64 25.98
C GLY C 290 -37.72 -25.94 27.23
N ASP C 291 -37.31 -26.75 28.20
CA ASP C 291 -36.92 -26.24 29.50
C ASP C 291 -35.61 -25.47 29.41
N ILE C 292 -35.48 -24.45 30.26
CA ILE C 292 -34.24 -23.72 30.43
C ILE C 292 -33.33 -24.54 31.35
N ARG C 293 -32.06 -24.66 30.96
CA ARG C 293 -31.10 -25.48 31.70
C ARG C 293 -29.75 -24.79 31.69
N GLN C 294 -28.92 -25.15 32.67
CA GLN C 294 -27.68 -24.44 32.91
C GLN C 294 -26.55 -24.97 32.04
N ALA C 295 -25.73 -24.06 31.51
CA ALA C 295 -24.53 -24.46 30.79
C ALA C 295 -23.43 -24.85 31.77
N HIS C 296 -22.67 -25.89 31.43
CA HIS C 296 -21.70 -26.46 32.34
C HIS C 296 -20.58 -27.12 31.56
N CYS C 297 -19.49 -27.42 32.27
CA CYS C 297 -18.35 -28.15 31.74
C CYS C 297 -17.99 -29.28 32.68
N ASN C 298 -17.45 -30.36 32.12
CA ASN C 298 -17.14 -31.58 32.87
C ASN C 298 -15.68 -31.94 32.69
N VAL C 299 -15.05 -32.35 33.80
CA VAL C 299 -13.67 -32.80 33.83
C VAL C 299 -13.60 -34.09 34.63
N SER C 300 -12.82 -35.04 34.13
CA SER C 300 -12.66 -36.32 34.81
C SER C 300 -12.01 -36.09 36.17
N LYS C 301 -12.60 -36.67 37.22
CA LYS C 301 -12.10 -36.42 38.57
C LYS C 301 -10.77 -37.14 38.81
N ALA C 302 -10.71 -38.43 38.47
CA ALA C 302 -9.50 -39.21 38.74
C ALA C 302 -8.32 -38.68 37.93
N THR C 303 -8.56 -38.39 36.64
CA THR C 303 -7.48 -37.89 35.80
C THR C 303 -6.98 -36.54 36.30
N TRP C 304 -7.89 -35.66 36.71
CA TRP C 304 -7.47 -34.35 37.19
C TRP C 304 -6.70 -34.46 38.50
N ASN C 305 -7.15 -35.34 39.39
CA ASN C 305 -6.41 -35.53 40.64
C ASN C 305 -5.03 -36.09 40.36
N GLU C 306 -4.91 -37.03 39.42
CA GLU C 306 -3.60 -37.57 39.07
C GLU C 306 -2.71 -36.50 38.46
N THR C 307 -3.27 -35.63 37.61
CA THR C 307 -2.46 -34.58 37.00
C THR C 307 -1.96 -33.60 38.04
N LEU C 308 -2.81 -33.23 39.01
CA LEU C 308 -2.33 -32.36 40.08
C LEU C 308 -1.31 -33.08 40.96
N GLY C 309 -1.46 -34.39 41.14
CA GLY C 309 -0.46 -35.17 41.85
C GLY C 309 0.89 -35.17 41.15
N LYS C 310 0.87 -35.13 39.82
CA LYS C 310 2.12 -35.01 39.06
C LYS C 310 2.69 -33.60 39.17
N VAL C 311 1.83 -32.59 39.12
CA VAL C 311 2.31 -31.20 39.15
C VAL C 311 2.92 -30.88 40.50
N VAL C 312 2.35 -31.40 41.59
CA VAL C 312 2.96 -31.17 42.90
C VAL C 312 4.31 -31.86 42.98
N LYS C 313 4.43 -33.06 42.39
CA LYS C 313 5.70 -33.76 42.41
C LYS C 313 6.78 -32.98 41.66
N GLN C 314 6.43 -32.41 40.52
CA GLN C 314 7.40 -31.66 39.73
C GLN C 314 7.57 -30.21 40.17
N LEU C 315 6.70 -29.72 41.08
CA LEU C 315 6.74 -28.34 41.53
C LEU C 315 7.32 -28.17 42.93
N ARG C 316 7.38 -29.24 43.71
CA ARG C 316 8.11 -29.20 44.98
C ARG C 316 9.61 -29.28 44.78
N LYS C 317 10.08 -29.54 43.56
CA LYS C 317 11.53 -29.61 43.31
C LYS C 317 12.19 -28.27 43.55
N HIS C 318 11.56 -27.18 43.10
CA HIS C 318 12.16 -25.86 43.27
C HIS C 318 12.04 -25.36 44.71
N PHE C 319 10.98 -25.75 45.42
CA PHE C 319 10.62 -25.15 46.69
C PHE C 319 11.09 -25.95 47.89
N GLY C 320 10.75 -27.23 47.96
CA GLY C 320 11.17 -28.05 49.09
C GLY C 320 10.67 -29.47 49.01
N ASN C 321 11.47 -30.41 49.50
CA ASN C 321 11.06 -31.81 49.50
C ASN C 321 9.88 -32.07 50.43
N ASN C 322 9.72 -31.26 51.47
CA ASN C 322 8.70 -31.48 52.50
C ASN C 322 8.03 -30.16 52.88
N THR C 323 7.68 -29.36 51.88
CA THR C 323 6.95 -28.11 52.10
C THR C 323 5.48 -28.30 51.72
N ILE C 324 4.60 -27.71 52.52
CA ILE C 324 3.17 -27.79 52.26
C ILE C 324 2.83 -26.86 51.10
N ILE C 325 2.16 -27.40 50.09
CA ILE C 325 1.74 -26.66 48.91
C ILE C 325 0.22 -26.76 48.80
N ARG C 326 -0.44 -25.62 48.62
CA ARG C 326 -1.89 -25.53 48.64
C ARG C 326 -2.36 -24.83 47.37
N PHE C 327 -3.51 -25.26 46.86
CA PHE C 327 -4.16 -24.65 45.72
C PHE C 327 -5.42 -23.94 46.18
N ALA C 328 -5.87 -22.97 45.37
CA ALA C 328 -7.07 -22.21 45.71
C ALA C 328 -7.60 -21.56 44.44
N ASN C 329 -8.85 -21.13 44.51
CA ASN C 329 -9.47 -20.43 43.39
C ASN C 329 -8.96 -18.99 43.32
N SER C 330 -9.29 -18.34 42.21
CA SER C 330 -8.77 -16.99 41.96
C SER C 330 -9.27 -16.01 43.00
N SER C 331 -8.59 -14.87 43.09
CA SER C 331 -8.91 -13.87 44.10
C SER C 331 -10.12 -13.03 43.67
N GLY C 332 -10.02 -12.33 42.55
CA GLY C 332 -11.11 -11.50 42.09
C GLY C 332 -10.65 -10.57 40.99
N GLY C 333 -11.57 -9.69 40.59
CA GLY C 333 -11.32 -8.72 39.55
C GLY C 333 -12.37 -8.82 38.45
N ASP C 334 -11.92 -8.63 37.21
CA ASP C 334 -12.81 -8.76 36.06
C ASP C 334 -13.24 -10.20 35.88
N LEU C 335 -14.37 -10.38 35.19
CA LEU C 335 -14.88 -11.73 34.94
C LEU C 335 -13.95 -12.50 34.02
N GLU C 336 -13.22 -11.81 33.13
CA GLU C 336 -12.29 -12.50 32.23
C GLU C 336 -11.16 -13.17 33.00
N VAL C 337 -10.56 -12.46 33.96
CA VAL C 337 -9.43 -13.03 34.71
C VAL C 337 -9.94 -13.97 35.79
N THR C 338 -11.11 -13.70 36.36
CA THR C 338 -11.59 -14.50 37.47
C THR C 338 -12.04 -15.89 37.03
N THR C 339 -12.48 -16.04 35.77
CA THR C 339 -13.13 -17.24 35.29
C THR C 339 -12.50 -17.70 33.98
N HIS C 340 -12.44 -19.01 33.79
CA HIS C 340 -11.87 -19.62 32.59
C HIS C 340 -12.79 -19.35 31.40
N SER C 341 -12.37 -18.45 30.51
CA SER C 341 -13.15 -18.08 29.35
C SER C 341 -12.64 -18.80 28.11
N PHE C 342 -13.54 -19.04 27.16
CA PHE C 342 -13.22 -19.64 25.88
C PHE C 342 -14.46 -19.62 25.01
N ASN C 343 -14.30 -20.02 23.75
CA ASN C 343 -15.41 -20.12 22.81
C ASN C 343 -15.72 -21.60 22.52
N CYS C 344 -17.00 -21.92 22.42
CA CYS C 344 -17.47 -23.28 22.18
C CYS C 344 -18.52 -23.23 21.09
N GLY C 345 -18.08 -23.36 19.83
CA GLY C 345 -19.00 -23.28 18.72
C GLY C 345 -19.68 -21.94 18.58
N GLY C 346 -18.98 -20.86 18.90
CA GLY C 346 -19.47 -19.51 18.72
C GLY C 346 -19.95 -18.82 19.99
N GLU C 347 -20.25 -19.58 21.04
CA GLU C 347 -20.67 -19.01 22.31
C GLU C 347 -19.47 -18.87 23.23
N PHE C 348 -19.30 -17.68 23.81
CA PHE C 348 -18.14 -17.37 24.63
C PHE C 348 -18.46 -17.69 26.08
N PHE C 349 -18.05 -18.88 26.52
CA PHE C 349 -18.30 -19.29 27.89
C PHE C 349 -17.43 -18.48 28.87
N TYR C 350 -17.82 -18.52 30.14
CA TYR C 350 -17.05 -17.90 31.22
C TYR C 350 -17.27 -18.75 32.46
N CYS C 351 -16.36 -19.69 32.73
CA CYS C 351 -16.57 -20.71 33.75
C CYS C 351 -15.57 -20.58 34.88
N ASN C 352 -16.09 -20.45 36.10
CA ASN C 352 -15.25 -20.50 37.29
C ASN C 352 -14.65 -21.88 37.46
N THR C 353 -13.38 -21.91 37.87
CA THR C 353 -12.62 -23.14 38.05
C THR C 353 -12.39 -23.45 39.53
N SER C 354 -13.28 -23.00 40.40
CA SER C 354 -13.11 -23.24 41.83
C SER C 354 -13.36 -24.69 42.23
N GLY C 355 -13.95 -25.50 41.35
CA GLY C 355 -14.07 -26.92 41.61
C GLY C 355 -12.83 -27.72 41.31
N LEU C 356 -11.80 -27.11 40.73
CA LEU C 356 -10.57 -27.78 40.35
C LEU C 356 -9.42 -27.45 41.30
N PHE C 357 -9.16 -26.17 41.53
CA PHE C 357 -8.06 -25.74 42.39
C PHE C 357 -8.55 -25.60 43.83
N ASN C 358 -8.86 -26.75 44.42
CA ASN C 358 -9.43 -26.84 45.76
C ASN C 358 -8.79 -27.99 46.52
N SER C 359 -7.46 -28.08 46.47
CA SER C 359 -6.71 -29.19 47.04
C SER C 359 -5.63 -28.67 47.97
N THR C 360 -5.22 -29.55 48.90
CA THR C 360 -4.07 -29.31 49.77
C THR C 360 -3.27 -30.60 49.83
N TRP C 361 -1.94 -30.48 49.80
CA TRP C 361 -1.04 -31.63 49.74
C TRP C 361 -0.17 -31.65 50.99
N ILE C 362 -0.19 -32.79 51.68
CA ILE C 362 0.55 -32.93 52.94
C ILE C 362 2.05 -32.98 52.67
N SER C 363 2.84 -32.89 53.74
CA SER C 363 4.30 -32.87 53.59
C SER C 363 4.80 -34.19 53.01
N ASN C 364 4.39 -35.31 53.60
CA ASN C 364 4.90 -36.62 53.17
C ASN C 364 4.04 -37.21 52.06
N ASN C 376 -16.41 -38.90 43.15
CA ASN C 376 -15.54 -39.96 42.56
C ASN C 376 -16.01 -40.36 41.15
N ASP C 377 -16.81 -39.50 40.52
CA ASP C 377 -17.39 -39.78 39.20
C ASP C 377 -16.97 -38.75 38.16
N SER C 378 -17.22 -37.46 38.40
CA SER C 378 -16.82 -36.42 37.47
C SER C 378 -17.01 -35.04 38.09
N ILE C 379 -16.04 -34.15 37.89
CA ILE C 379 -16.14 -32.78 38.38
C ILE C 379 -17.00 -31.98 37.41
N THR C 380 -18.05 -31.37 37.93
CA THR C 380 -18.99 -30.58 37.13
C THR C 380 -18.84 -29.11 37.49
N LEU C 381 -18.84 -28.26 36.47
CA LEU C 381 -18.57 -26.82 36.62
C LEU C 381 -19.64 -26.01 35.91
N PRO C 382 -20.79 -25.79 36.54
CA PRO C 382 -21.81 -24.93 35.91
C PRO C 382 -21.25 -23.53 35.68
N CYS C 383 -21.66 -22.91 34.57
CA CYS C 383 -21.10 -21.62 34.23
C CYS C 383 -22.00 -20.86 33.27
N ARG C 384 -21.72 -19.56 33.17
CA ARG C 384 -22.55 -18.60 32.46
C ARG C 384 -22.01 -18.37 31.05
N ILE C 385 -22.79 -17.64 30.26
CA ILE C 385 -22.44 -17.25 28.90
C ILE C 385 -22.74 -15.77 28.74
N LYS C 386 -21.84 -15.06 28.06
CA LYS C 386 -22.01 -13.64 27.76
C LYS C 386 -21.89 -13.43 26.26
N GLN C 387 -22.73 -12.52 25.73
CA GLN C 387 -22.76 -12.25 24.30
C GLN C 387 -21.84 -11.10 23.91
N ILE C 388 -22.02 -9.95 24.55
CA ILE C 388 -21.20 -8.78 24.26
C ILE C 388 -19.83 -8.96 24.90
N ILE C 389 -18.77 -8.80 24.11
CA ILE C 389 -17.41 -9.11 24.55
C ILE C 389 -16.43 -8.12 23.92
N ASN C 390 -15.30 -7.92 24.62
CA ASN C 390 -14.20 -7.09 24.13
C ASN C 390 -12.91 -7.61 24.79
N MET C 391 -12.19 -8.47 24.08
CA MET C 391 -11.04 -9.11 24.69
C MET C 391 -9.84 -8.16 24.69
N TRP C 392 -8.76 -8.62 25.33
CA TRP C 392 -7.52 -7.86 25.48
C TRP C 392 -7.72 -6.59 26.32
N GLN C 393 -8.79 -6.54 27.11
CA GLN C 393 -9.08 -5.39 27.97
C GLN C 393 -9.16 -4.10 27.16
N ARG C 394 -9.68 -4.20 25.93
CA ARG C 394 -9.78 -3.06 25.05
C ARG C 394 -11.02 -2.24 25.41
N ILE C 395 -10.92 -0.92 25.20
CA ILE C 395 -12.02 0.01 25.42
C ILE C 395 -12.18 0.84 24.15
N GLY C 396 -13.42 1.11 23.79
CA GLY C 396 -13.74 1.81 22.55
C GLY C 396 -14.12 0.89 21.40
N GLN C 397 -13.92 -0.41 21.53
CA GLN C 397 -14.29 -1.37 20.50
C GLN C 397 -14.90 -2.59 21.17
N CYS C 398 -15.99 -3.10 20.59
CA CYS C 398 -16.73 -4.21 21.17
C CYS C 398 -17.36 -5.01 20.04
N MET C 399 -17.92 -6.18 20.39
CA MET C 399 -18.56 -7.06 19.43
C MET C 399 -19.81 -7.64 20.08
N TYR C 400 -20.81 -7.95 19.25
CA TYR C 400 -22.02 -8.64 19.67
C TYR C 400 -22.09 -9.96 18.92
N ALA C 401 -21.71 -11.04 19.57
CA ALA C 401 -21.70 -12.36 18.93
C ALA C 401 -23.13 -12.83 18.70
N PRO C 402 -23.55 -13.19 17.49
CA PRO C 402 -24.94 -13.55 17.27
C PRO C 402 -25.28 -14.88 17.94
N PRO C 403 -26.55 -15.18 18.17
CA PRO C 403 -26.90 -16.47 18.78
C PRO C 403 -26.54 -17.64 17.88
N ILE C 404 -26.19 -18.76 18.50
CA ILE C 404 -25.91 -20.00 17.78
C ILE C 404 -27.07 -20.95 18.08
N GLN C 405 -27.97 -21.10 17.12
CA GLN C 405 -29.16 -21.91 17.35
C GLN C 405 -28.80 -23.39 17.44
N GLY C 406 -29.63 -24.13 18.17
CA GLY C 406 -29.40 -25.54 18.42
C GLY C 406 -28.52 -25.77 19.63
N VAL C 407 -28.59 -26.98 20.16
CA VAL C 407 -27.80 -27.35 21.32
C VAL C 407 -26.33 -27.50 20.89
N ILE C 408 -25.43 -27.06 21.78
CA ILE C 408 -24.00 -26.96 21.48
C ILE C 408 -23.24 -27.88 22.42
N ARG C 409 -22.22 -28.54 21.88
CA ARG C 409 -21.34 -29.42 22.63
C ARG C 409 -19.92 -29.30 22.08
N CYS C 410 -18.94 -29.32 22.98
CA CYS C 410 -17.53 -29.26 22.61
C CYS C 410 -16.74 -30.26 23.42
N VAL C 411 -15.60 -30.67 22.88
CA VAL C 411 -14.63 -31.50 23.60
C VAL C 411 -13.24 -30.93 23.33
N SER C 412 -12.45 -30.77 24.39
CA SER C 412 -11.15 -30.13 24.29
C SER C 412 -10.19 -30.81 25.24
N ASN C 413 -8.90 -30.56 25.01
CA ASN C 413 -7.81 -31.13 25.80
C ASN C 413 -7.11 -30.00 26.56
N ILE C 414 -7.09 -30.09 27.89
CA ILE C 414 -6.30 -29.19 28.69
C ILE C 414 -4.85 -29.65 28.63
N THR C 415 -3.93 -28.71 28.37
CA THR C 415 -2.52 -29.02 28.16
C THR C 415 -1.60 -28.06 28.89
N GLY C 416 -2.05 -27.43 29.96
CA GLY C 416 -1.21 -26.51 30.71
C GLY C 416 -1.99 -25.48 31.48
N LEU C 417 -1.56 -25.20 32.71
CA LEU C 417 -2.19 -24.18 33.55
C LEU C 417 -1.43 -22.87 33.42
N ILE C 418 -1.93 -21.86 34.12
CA ILE C 418 -1.18 -20.63 34.35
C ILE C 418 -1.36 -20.28 35.82
N LEU C 419 -0.40 -20.69 36.64
CA LEU C 419 -0.50 -20.51 38.08
C LEU C 419 0.07 -19.17 38.49
N THR C 420 -0.03 -18.89 39.79
CA THR C 420 0.48 -17.65 40.36
C THR C 420 0.63 -17.84 41.87
N ARG C 421 1.74 -17.35 42.41
CA ARG C 421 2.08 -17.54 43.81
C ARG C 421 1.71 -16.30 44.61
N ASP C 422 1.08 -16.50 45.76
CA ASP C 422 0.74 -15.39 46.63
C ASP C 422 1.99 -14.84 47.32
N GLY C 423 1.98 -13.53 47.55
CA GLY C 423 3.08 -12.85 48.18
C GLY C 423 3.13 -12.91 49.68
N GLY C 424 2.16 -13.56 50.33
CA GLY C 424 2.18 -13.67 51.76
C GLY C 424 3.27 -14.60 52.26
N SER C 425 3.57 -14.49 53.55
CA SER C 425 4.57 -15.33 54.18
C SER C 425 4.29 -15.39 55.68
N THR C 426 4.45 -16.57 56.31
CA THR C 426 4.78 -17.96 55.92
C THR C 426 5.95 -18.10 54.94
N ASN C 427 7.14 -17.73 55.40
CA ASN C 427 8.30 -17.72 54.52
C ASN C 427 8.63 -19.10 53.99
N SER C 428 8.41 -20.15 54.79
CA SER C 428 8.69 -21.52 54.38
C SER C 428 7.62 -22.53 54.77
N THR C 429 6.68 -22.18 55.65
CA THR C 429 5.74 -23.18 56.17
C THR C 429 4.79 -23.68 55.09
N THR C 430 4.22 -22.77 54.31
CA THR C 430 3.24 -23.13 53.29
C THR C 430 3.40 -22.22 52.07
N GLU C 431 2.92 -22.74 50.93
CA GLU C 431 2.89 -21.99 49.68
C GLU C 431 1.54 -22.19 49.04
N THR C 432 0.91 -21.08 48.61
CA THR C 432 -0.42 -21.09 48.01
C THR C 432 -0.32 -20.71 46.55
N PHE C 433 -1.02 -21.46 45.69
CA PHE C 433 -1.04 -21.21 44.26
C PHE C 433 -2.48 -21.02 43.80
N ARG C 434 -2.68 -20.08 42.88
CA ARG C 434 -3.97 -19.78 42.30
C ARG C 434 -3.84 -19.66 40.79
N PRO C 435 -4.89 -19.93 40.04
CA PRO C 435 -4.82 -19.70 38.59
C PRO C 435 -4.75 -18.22 38.28
N GLY C 436 -4.16 -17.91 37.13
CA GLY C 436 -3.94 -16.53 36.72
C GLY C 436 -4.33 -16.26 35.29
N GLY C 437 -3.40 -15.69 34.53
CA GLY C 437 -3.68 -15.35 33.14
C GLY C 437 -4.49 -14.08 33.03
N GLY C 438 -4.75 -13.70 31.78
CA GLY C 438 -5.48 -12.48 31.46
C GLY C 438 -4.81 -11.73 30.33
N ASP C 439 -3.48 -11.77 30.29
CA ASP C 439 -2.71 -11.25 29.18
C ASP C 439 -2.41 -12.38 28.20
N MET C 440 -2.71 -12.14 26.93
CA MET C 440 -2.68 -13.21 25.93
C MET C 440 -1.30 -13.52 25.39
N ARG C 441 -0.27 -12.77 25.78
CA ARG C 441 1.07 -13.12 25.36
C ARG C 441 1.53 -14.45 25.94
N ASP C 442 1.02 -14.81 27.12
CA ASP C 442 1.46 -16.04 27.75
C ASP C 442 1.02 -17.27 26.97
N ASN C 443 -0.19 -17.24 26.39
CA ASN C 443 -0.65 -18.38 25.59
C ASN C 443 0.22 -18.58 24.37
N TRP C 444 0.61 -17.49 23.70
CA TRP C 444 1.50 -17.63 22.54
C TRP C 444 2.89 -18.07 22.99
N ARG C 445 3.34 -17.59 24.15
CA ARG C 445 4.68 -17.90 24.63
C ARG C 445 4.82 -19.36 25.02
N SER C 446 3.71 -20.05 25.30
CA SER C 446 3.76 -21.47 25.62
C SER C 446 3.93 -22.35 24.38
N GLU C 447 3.77 -21.80 23.18
CA GLU C 447 3.92 -22.54 21.93
C GLU C 447 5.16 -22.16 21.16
N LEU C 448 5.64 -20.92 21.27
CA LEU C 448 6.84 -20.45 20.60
C LEU C 448 8.05 -20.44 21.54
N TYR C 449 8.13 -21.41 22.45
CA TYR C 449 9.20 -21.46 23.43
C TYR C 449 10.47 -22.13 22.92
N LYS C 450 10.42 -22.79 21.76
CA LYS C 450 11.57 -23.50 21.21
C LYS C 450 12.09 -22.87 19.92
N TYR C 451 11.63 -21.69 19.55
CA TYR C 451 12.00 -21.02 18.30
C TYR C 451 12.59 -19.66 18.58
N LYS C 452 13.65 -19.31 17.85
CA LYS C 452 14.16 -17.95 17.84
C LYS C 452 14.70 -17.66 16.44
N VAL C 453 14.69 -16.37 16.09
CA VAL C 453 15.12 -15.90 14.77
C VAL C 453 16.57 -15.46 14.86
N VAL C 454 17.34 -15.75 13.81
CA VAL C 454 18.74 -15.35 13.71
C VAL C 454 18.98 -14.77 12.32
N LYS C 455 19.95 -13.87 12.24
CA LYS C 455 20.36 -13.25 10.99
C LYS C 455 21.72 -13.80 10.57
N ILE C 456 21.84 -14.18 9.31
CA ILE C 456 23.06 -14.78 8.78
C ILE C 456 23.96 -13.68 8.24
N GLU C 457 25.23 -13.70 8.65
CA GLU C 457 26.24 -12.77 8.17
C GLU C 457 27.25 -13.54 7.32
N PRO C 458 27.18 -13.48 5.98
CA PRO C 458 27.99 -14.40 5.17
C PRO C 458 29.45 -14.01 5.01
N LEU C 459 29.83 -12.76 5.31
CA LEU C 459 31.21 -12.35 5.15
C LEU C 459 32.05 -12.77 6.34
N GLY C 460 33.30 -13.11 6.06
CA GLY C 460 34.23 -13.48 7.11
C GLY C 460 35.66 -13.36 6.64
N VAL C 461 36.55 -13.17 7.59
CA VAL C 461 37.98 -13.00 7.32
C VAL C 461 38.76 -13.88 8.28
N ALA C 462 39.80 -14.53 7.78
CA ALA C 462 40.63 -15.40 8.58
C ALA C 462 42.07 -15.31 8.07
N PRO C 463 43.06 -15.64 8.89
CA PRO C 463 44.45 -15.58 8.43
C PRO C 463 44.90 -16.88 7.79
N THR C 464 45.76 -16.73 6.80
CA THR C 464 46.37 -17.87 6.12
C THR C 464 47.55 -17.36 5.30
N ARG C 465 48.27 -18.28 4.68
CA ARG C 465 49.50 -17.95 3.98
C ARG C 465 49.28 -17.57 2.52
N CYS C 466 48.05 -17.47 2.06
CA CYS C 466 47.79 -17.04 0.68
C CYS C 466 48.04 -15.55 0.52
N LYS C 467 48.73 -15.20 -0.56
CA LYS C 467 48.96 -13.81 -0.95
C LYS C 467 48.57 -13.64 -2.41
N ARG C 468 47.81 -12.59 -2.70
CA ARG C 468 47.37 -12.34 -4.07
C ARG C 468 48.55 -11.91 -4.94
N ARG C 469 48.55 -12.36 -6.18
CA ARG C 469 49.59 -11.99 -7.12
C ARG C 469 49.46 -10.51 -7.50
N VAL C 470 50.61 -9.88 -7.74
CA VAL C 470 50.64 -8.48 -8.12
C VAL C 470 50.27 -8.33 -9.58
N GLY C 488 23.83 -29.88 4.34
CA GLY C 488 22.59 -29.11 4.63
C GLY C 488 22.79 -27.61 4.47
N PHE C 489 21.73 -26.84 4.75
CA PHE C 489 21.83 -25.39 4.64
C PHE C 489 22.82 -24.83 5.65
N LEU C 490 22.82 -25.34 6.88
CA LEU C 490 23.76 -24.91 7.90
C LEU C 490 24.32 -26.09 8.68
N GLY C 491 24.36 -27.28 8.08
CA GLY C 491 24.82 -28.46 8.79
C GLY C 491 26.27 -28.39 9.21
N ALA C 492 27.07 -27.55 8.56
CA ALA C 492 28.48 -27.40 8.88
C ALA C 492 28.74 -26.27 9.87
N ALA C 493 27.70 -25.75 10.53
CA ALA C 493 27.89 -24.65 11.47
C ALA C 493 28.70 -25.06 12.69
N GLY C 494 28.73 -26.34 13.03
CA GLY C 494 29.50 -26.83 14.15
C GLY C 494 30.86 -27.39 13.76
N SER C 495 31.02 -27.77 12.51
CA SER C 495 32.27 -28.37 12.06
C SER C 495 33.40 -27.35 12.07
N THR C 496 34.62 -27.86 12.03
CA THR C 496 35.80 -27.00 12.10
C THR C 496 35.88 -26.11 10.87
N MET C 497 36.69 -25.06 10.97
CA MET C 497 36.82 -24.10 9.88
C MET C 497 37.42 -24.74 8.64
N GLY C 498 38.31 -25.73 8.82
CA GLY C 498 38.91 -26.38 7.66
C GLY C 498 37.88 -27.12 6.82
N ALA C 499 36.98 -27.84 7.47
CA ALA C 499 35.94 -28.56 6.75
C ALA C 499 34.83 -27.64 6.27
N ALA C 500 34.58 -26.54 6.98
CA ALA C 500 33.49 -25.64 6.63
C ALA C 500 33.84 -24.68 5.51
N SER C 501 35.10 -24.64 5.05
CA SER C 501 35.47 -23.81 3.91
C SER C 501 35.09 -24.46 2.58
N MET C 502 34.78 -25.75 2.56
CA MET C 502 34.41 -26.45 1.35
C MET C 502 32.90 -26.46 1.10
N THR C 503 32.11 -25.83 1.96
CA THR C 503 30.66 -25.76 1.82
C THR C 503 30.15 -24.33 1.71
N LEU C 504 30.97 -23.42 1.17
CA LEU C 504 30.57 -22.02 1.08
C LEU C 504 29.42 -21.79 0.12
N THR C 505 29.13 -22.74 -0.78
CA THR C 505 28.12 -22.52 -1.80
C THR C 505 26.72 -22.57 -1.21
N VAL C 506 26.48 -23.47 -0.25
CA VAL C 506 25.11 -23.71 0.21
C VAL C 506 24.57 -22.51 0.97
N GLN C 507 25.39 -21.85 1.78
CA GLN C 507 24.94 -20.65 2.46
C GLN C 507 24.71 -19.52 1.47
N ALA C 508 25.61 -19.35 0.51
CA ALA C 508 25.51 -18.22 -0.42
C ALA C 508 24.30 -18.36 -1.35
N ARG C 509 23.94 -19.59 -1.73
CA ARG C 509 22.82 -19.77 -2.65
C ARG C 509 21.50 -19.31 -2.04
N ASN C 510 21.31 -19.56 -0.74
CA ASN C 510 20.01 -19.39 -0.10
C ASN C 510 19.73 -17.96 0.32
N LEU C 511 20.74 -17.07 0.35
CA LEU C 511 20.56 -15.76 0.96
C LEU C 511 19.48 -14.94 0.26
N LEU C 512 19.48 -14.92 -1.06
CA LEU C 512 18.46 -14.17 -1.79
C LEU C 512 17.12 -14.90 -1.79
N SER C 513 17.14 -16.23 -1.81
CA SER C 513 15.91 -17.04 -1.81
C SER C 513 15.04 -16.73 -3.03
N GLY C 514 15.65 -16.72 -4.21
CA GLY C 514 14.92 -16.47 -5.44
C GLY C 514 14.86 -15.01 -5.82
N THR C 536 -2.93 -3.01 -1.96
CA THR C 536 -3.87 -3.20 -0.82
C THR C 536 -3.14 -3.11 0.50
N VAL C 537 -3.90 -2.96 1.59
CA VAL C 537 -3.31 -2.96 2.91
C VAL C 537 -2.76 -4.34 3.23
N TRP C 538 -1.75 -4.38 4.10
CA TRP C 538 -1.08 -5.56 4.64
C TRP C 538 -0.09 -6.18 3.64
N GLY C 539 -0.08 -5.75 2.37
CA GLY C 539 0.95 -6.23 1.45
C GLY C 539 2.24 -5.46 1.56
N ILE C 540 2.18 -4.22 2.02
CA ILE C 540 3.38 -3.40 2.12
C ILE C 540 4.37 -3.98 3.12
N LYS C 541 3.90 -4.73 4.12
CA LYS C 541 4.83 -5.37 5.05
C LYS C 541 5.71 -6.38 4.31
N GLN C 542 5.09 -7.27 3.53
CA GLN C 542 5.86 -8.23 2.75
C GLN C 542 6.76 -7.53 1.74
N LEU C 543 6.24 -6.48 1.09
CA LEU C 543 7.04 -5.77 0.10
C LEU C 543 8.27 -5.12 0.75
N GLN C 544 8.09 -4.52 1.92
CA GLN C 544 9.22 -3.88 2.61
C GLN C 544 10.22 -4.92 3.07
N ALA C 545 9.76 -6.06 3.59
CA ALA C 545 10.68 -7.12 3.97
C ALA C 545 11.47 -7.60 2.75
N ARG C 546 10.81 -7.70 1.60
CA ARG C 546 11.48 -8.21 0.41
C ARG C 546 12.55 -7.23 -0.06
N VAL C 547 12.20 -5.95 -0.11
CA VAL C 547 13.15 -4.91 -0.52
C VAL C 547 14.30 -4.84 0.47
N LEU C 548 14.03 -5.07 1.76
CA LEU C 548 15.11 -5.09 2.74
C LEU C 548 16.07 -6.24 2.47
N ALA C 549 15.55 -7.41 2.11
CA ALA C 549 16.42 -8.53 1.77
C ALA C 549 17.30 -8.21 0.56
N VAL C 550 16.70 -7.62 -0.48
CA VAL C 550 17.47 -7.25 -1.66
C VAL C 550 18.53 -6.22 -1.31
N GLU C 551 18.18 -5.24 -0.48
CA GLU C 551 19.13 -4.21 -0.10
C GLU C 551 20.29 -4.79 0.70
N ARG C 552 20.00 -5.74 1.60
CA ARG C 552 21.08 -6.38 2.36
C ARG C 552 22.02 -7.15 1.44
N TYR C 553 21.46 -7.90 0.49
CA TYR C 553 22.32 -8.62 -0.45
C TYR C 553 23.18 -7.67 -1.26
N LEU C 554 22.60 -6.57 -1.73
CA LEU C 554 23.38 -5.64 -2.55
C LEU C 554 24.43 -4.94 -1.72
N ARG C 555 24.15 -4.64 -0.46
CA ARG C 555 25.17 -4.06 0.42
C ARG C 555 26.34 -5.03 0.58
N ASP C 556 26.05 -6.30 0.85
CA ASP C 556 27.13 -7.28 0.99
C ASP C 556 27.95 -7.39 -0.29
N GLN C 557 27.27 -7.44 -1.44
CA GLN C 557 27.97 -7.58 -2.70
C GLN C 557 28.83 -6.34 -3.00
N GLN C 558 28.30 -5.14 -2.75
CA GLN C 558 29.07 -3.93 -2.99
C GLN C 558 30.27 -3.86 -2.06
N LEU C 559 30.10 -4.24 -0.79
CA LEU C 559 31.21 -4.23 0.15
C LEU C 559 32.29 -5.21 -0.28
N LEU C 560 31.89 -6.36 -0.81
CA LEU C 560 32.88 -7.30 -1.34
C LEU C 560 33.50 -6.76 -2.63
N GLY C 561 32.78 -5.94 -3.39
CA GLY C 561 33.29 -5.42 -4.64
C GLY C 561 34.26 -4.27 -4.46
N ILE C 562 34.14 -3.51 -3.38
CA ILE C 562 35.11 -2.44 -3.12
C ILE C 562 36.49 -3.05 -2.93
N TRP C 563 36.57 -4.15 -2.20
CA TRP C 563 37.82 -4.90 -2.11
C TRP C 563 38.16 -5.49 -3.48
N GLY C 564 39.35 -6.06 -3.58
CA GLY C 564 39.79 -6.64 -4.84
C GLY C 564 39.33 -8.08 -5.00
N CYS C 565 38.07 -8.35 -4.69
CA CYS C 565 37.53 -9.71 -4.64
C CYS C 565 36.14 -9.74 -5.29
N SER C 566 36.02 -9.17 -6.49
CA SER C 566 34.76 -9.26 -7.21
C SER C 566 34.38 -10.71 -7.47
N GLY C 567 35.37 -11.55 -7.76
CA GLY C 567 35.16 -12.99 -7.84
C GLY C 567 34.76 -13.55 -6.49
N LYS C 568 33.61 -14.22 -6.44
CA LYS C 568 33.03 -14.62 -5.18
C LYS C 568 33.89 -15.69 -4.50
N LEU C 569 33.54 -16.00 -3.25
CA LEU C 569 34.12 -17.09 -2.49
C LEU C 569 35.58 -16.81 -2.13
N ILE C 570 36.40 -17.84 -1.96
CA ILE C 570 37.70 -17.72 -1.32
C ILE C 570 38.59 -16.84 -2.20
N CYS C 571 38.93 -15.66 -1.70
CA CYS C 571 39.86 -14.74 -2.35
C CYS C 571 40.94 -14.36 -1.37
N CYS C 572 42.03 -13.79 -1.88
CA CYS C 572 43.20 -13.44 -1.08
C CYS C 572 43.53 -11.97 -1.25
N THR C 573 44.03 -11.37 -0.18
CA THR C 573 44.41 -9.96 -0.14
C THR C 573 45.78 -9.83 0.51
N ASN C 574 46.34 -8.63 0.43
CA ASN C 574 47.72 -8.37 0.81
C ASN C 574 47.88 -7.74 2.18
N VAL C 575 46.82 -7.64 2.97
CA VAL C 575 46.93 -7.01 4.29
C VAL C 575 47.64 -7.98 5.24
N PRO C 576 48.74 -7.58 5.90
CA PRO C 576 49.34 -8.48 6.89
C PRO C 576 48.46 -8.63 8.14
N TRP C 577 48.70 -9.72 8.85
CA TRP C 577 47.94 -10.09 10.05
C TRP C 577 48.73 -9.66 11.28
N ASN C 578 48.27 -8.59 11.92
CA ASN C 578 48.94 -8.11 13.14
C ASN C 578 48.79 -9.13 14.25
N SER C 579 49.84 -9.26 15.06
CA SER C 579 49.81 -10.22 16.16
C SER C 579 48.77 -9.85 17.21
N SER C 580 48.43 -8.56 17.33
CA SER C 580 47.48 -8.13 18.35
C SER C 580 46.08 -8.68 18.12
N TRP C 581 45.76 -9.14 16.90
CA TRP C 581 44.42 -9.62 16.60
C TRP C 581 44.27 -11.10 16.95
N SER C 582 44.53 -11.44 18.21
CA SER C 582 44.35 -12.80 18.71
C SER C 582 45.21 -13.79 17.93
N ASN C 583 46.52 -13.61 18.02
CA ASN C 583 47.43 -14.48 17.29
C ASN C 583 47.35 -15.91 17.83
N ARG C 584 47.33 -16.87 16.91
CA ARG C 584 47.29 -18.28 17.24
C ARG C 584 48.01 -19.04 16.14
N ASN C 585 48.67 -20.13 16.49
CA ASN C 585 49.32 -20.96 15.49
C ASN C 585 48.27 -21.53 14.54
N LEU C 586 48.66 -21.67 13.27
CA LEU C 586 47.69 -21.87 12.19
C LEU C 586 46.93 -23.19 12.35
N SER C 587 47.63 -24.24 12.79
CA SER C 587 47.00 -25.55 12.93
C SER C 587 45.84 -25.51 13.91
N GLU C 588 45.99 -24.78 15.01
CA GLU C 588 44.93 -24.67 16.01
C GLU C 588 43.90 -23.62 15.66
N ILE C 589 44.07 -22.87 14.56
CA ILE C 589 43.03 -21.97 14.08
C ILE C 589 42.14 -22.76 13.13
N TRP C 590 42.74 -23.44 12.15
CA TRP C 590 41.91 -24.10 11.14
C TRP C 590 41.32 -25.42 11.64
N ASP C 591 42.02 -26.14 12.52
CA ASP C 591 41.65 -27.51 12.86
C ASP C 591 41.37 -27.74 14.35
N ASN C 592 41.24 -26.68 15.15
CA ASN C 592 40.88 -26.85 16.56
C ASN C 592 39.90 -25.72 16.92
N MET C 593 39.01 -25.38 15.99
CA MET C 593 38.12 -24.25 16.23
C MET C 593 37.09 -24.22 15.10
N THR C 594 35.95 -23.57 15.38
CA THR C 594 34.83 -23.49 14.47
C THR C 594 34.56 -22.03 14.10
N TRP C 595 33.71 -21.85 13.08
CA TRP C 595 33.50 -20.51 12.52
C TRP C 595 32.76 -19.60 13.49
N LEU C 596 31.82 -20.16 14.26
CA LEU C 596 31.08 -19.33 15.20
C LEU C 596 32.00 -18.74 16.26
N GLN C 597 32.95 -19.54 16.75
CA GLN C 597 33.89 -19.05 17.73
C GLN C 597 34.83 -17.99 17.17
N TRP C 598 35.10 -18.03 15.86
CA TRP C 598 35.96 -17.01 15.26
C TRP C 598 35.26 -15.65 15.20
N ASP C 599 33.95 -15.62 14.98
CA ASP C 599 33.21 -14.37 15.05
C ASP C 599 33.19 -13.79 16.45
N LYS C 600 33.42 -14.60 17.48
CA LYS C 600 33.44 -14.14 18.86
C LYS C 600 34.79 -13.58 19.28
N GLU C 601 35.79 -13.55 18.39
CA GLU C 601 37.12 -13.04 18.70
C GLU C 601 37.65 -12.06 17.64
N ILE C 602 36.79 -11.56 16.76
CA ILE C 602 37.18 -10.58 15.76
C ILE C 602 36.24 -9.39 15.67
N SER C 603 35.02 -9.47 16.23
CA SER C 603 34.05 -8.40 16.04
C SER C 603 34.51 -7.05 16.58
N ASN C 604 35.49 -7.05 17.49
CA ASN C 604 36.13 -5.79 17.87
C ASN C 604 36.90 -5.19 16.69
N TYR C 605 37.70 -6.02 16.02
CA TYR C 605 38.61 -5.54 14.99
C TYR C 605 38.06 -5.72 13.57
N THR C 606 36.81 -6.17 13.42
CA THR C 606 36.29 -6.41 12.07
C THR C 606 36.16 -5.11 11.28
N GLN C 607 35.73 -4.02 11.93
CA GLN C 607 35.57 -2.76 11.23
C GLN C 607 36.91 -2.22 10.74
N ILE C 608 37.94 -2.29 11.59
CA ILE C 608 39.25 -1.82 11.16
C ILE C 608 39.83 -2.70 10.07
N ILE C 609 39.57 -4.01 10.12
CA ILE C 609 40.03 -4.90 9.05
C ILE C 609 39.36 -4.52 7.73
N TYR C 610 38.05 -4.25 7.78
CA TYR C 610 37.35 -3.81 6.57
C TYR C 610 37.92 -2.49 6.07
N GLY C 611 38.23 -1.56 6.98
CA GLY C 611 38.83 -0.30 6.56
C GLY C 611 40.18 -0.50 5.88
N LEU C 612 41.04 -1.33 6.48
CA LEU C 612 42.33 -1.61 5.87
C LEU C 612 42.16 -2.24 4.50
N LEU C 613 41.24 -3.20 4.38
CA LEU C 613 41.04 -3.86 3.10
C LEU C 613 40.54 -2.88 2.04
N GLU C 614 39.60 -1.99 2.41
CA GLU C 614 38.99 -1.14 1.41
C GLU C 614 39.88 0.04 1.03
N GLU C 615 40.69 0.56 1.95
CA GLU C 615 41.50 1.75 1.69
C GLU C 615 42.98 1.43 1.49
N SER C 616 43.59 0.69 2.41
CA SER C 616 45.05 0.62 2.46
C SER C 616 45.66 -0.15 1.29
N GLN C 617 44.90 -1.03 0.63
CA GLN C 617 45.45 -1.91 -0.38
C GLN C 617 44.84 -1.72 -1.77
N ASN C 618 43.52 -1.75 -1.90
CA ASN C 618 42.91 -1.73 -3.23
C ASN C 618 43.13 -0.38 -3.91
N GLN C 619 42.97 0.72 -3.17
CA GLN C 619 43.17 2.04 -3.76
C GLN C 619 44.63 2.22 -4.20
N GLN C 620 45.57 1.75 -3.40
CA GLN C 620 46.98 1.84 -3.78
C GLN C 620 47.27 0.96 -4.98
N GLU C 621 46.65 -0.21 -5.05
CA GLU C 621 46.83 -1.08 -6.21
C GLU C 621 46.33 -0.40 -7.48
N LYS C 622 45.18 0.26 -7.40
CA LYS C 622 44.66 0.98 -8.57
C LYS C 622 45.56 2.17 -8.92
N ASN C 623 46.08 2.87 -7.92
CA ASN C 623 46.96 4.00 -8.17
C ASN C 623 48.28 3.54 -8.79
N GLU C 624 48.70 2.31 -8.51
CA GLU C 624 49.86 1.73 -9.20
C GLU C 624 49.49 1.23 -10.59
N GLN C 625 48.26 0.74 -10.77
CA GLN C 625 47.84 0.19 -12.05
C GLN C 625 47.57 1.25 -13.10
N ASP C 626 47.21 2.47 -12.68
CA ASP C 626 46.85 3.50 -13.66
C ASP C 626 48.01 3.83 -14.60
N LEU C 627 49.25 3.71 -14.12
CA LEU C 627 50.40 3.99 -14.97
C LEU C 627 50.45 3.03 -16.16
N LEU C 628 50.22 1.73 -15.91
CA LEU C 628 50.23 0.74 -16.98
C LEU C 628 48.96 0.73 -17.80
N ALA C 629 47.92 1.46 -17.39
CA ALA C 629 46.67 1.50 -18.15
C ALA C 629 46.82 2.26 -19.45
N LEU C 630 47.82 3.14 -19.56
CA LEU C 630 47.98 3.93 -20.78
C LEU C 630 48.36 3.08 -21.99
N ASP C 631 48.93 1.90 -21.78
CA ASP C 631 49.30 1.01 -22.87
C ASP C 631 49.13 -0.46 -22.49
#